data_6HUK
#
_entry.id   6HUK
#
_cell.length_a   1.0
_cell.length_b   1.0
_cell.length_c   1.0
_cell.angle_alpha   90.00
_cell.angle_beta   90.00
_cell.angle_gamma   90.00
#
_symmetry.space_group_name_H-M   'P 1'
#
loop_
_entity.id
_entity.type
_entity.pdbx_description
1 polymer 'Gamma-aminobutyric acid receptor subunit alpha-1,Gamma-aminobutyric acid receptor subunit alpha-1'
2 polymer 'Gamma-aminobutyric acid receptor subunit beta-3'
3 polymer 'Gamma-aminobutyric acid receptor subunit gamma-2'
4 polymer 'Megabody Mb38'
5 branched alpha-D-mannopyranose-(1-3)-[alpha-D-mannopyranose-(1-6)]alpha-D-mannopyranose-(1-6)-[alpha-D-mannopyranose-(1-3)]beta-D-mannopyranose-(1-4)-2-acetamido-2-deoxy-beta-D-glucopyranose-(1-4)-2-acetamido-2-deoxy-beta-D-glucopyranose
6 branched 2-acetamido-2-deoxy-beta-D-glucopyranose-(1-4)-2-acetamido-2-deoxy-beta-D-glucopyranose
7 branched alpha-D-mannopyranose-(1-3)-alpha-D-mannopyranose-(1-6)-[alpha-D-mannopyranose-(1-3)]beta-D-mannopyranose-(1-4)-2-acetamido-2-deoxy-beta-D-glucopyranose-(1-4)-2-acetamido-2-deoxy-beta-D-glucopyranose
8 branched alpha-D-mannopyranose-(1-3)-[alpha-D-mannopyranose-(1-6)]beta-D-mannopyranose-(1-4)-2-acetamido-2-deoxy-beta-D-glucopyranose-(1-4)-2-acetamido-2-deoxy-beta-D-glucopyranose
9 non-polymer 'bicuculline methochloride'
10 non-polymer '[(2R)-2-octanoyloxy-3-[oxidanyl-[(1R,2R,3S,4R,5R,6S)-2,3,6-tris(oxidanyl)-4,5-diphosphonooxy-cyclohexyl]oxy-phosphoryl]oxy-propyl] octanoate'
#
loop_
_entity_poly.entity_id
_entity_poly.type
_entity_poly.pdbx_seq_one_letter_code
_entity_poly.pdbx_strand_id
1 'polypeptide(L)'
;MKKSPGLSDYLWAWTLFLSTLTGRSYGDYKDDDDKQPSLQDELKDNTTVFTRILDRLLDGYDNRLRPGLGERVTEVKTDI
FVTSFGPVSDHDMEYTIDVFFRQSWKDERLKFKGPMTVLRLNNLMASKIWTPDTFFHNGKKSVAHNMTMPNKLLRITEDG
TLLYTMRLTVRAECPMHLEDFPMDAHACPLKFGSYAYTRAEVVYEWTREPARSVVVAEDGSRLNQYDLLGQTVDSGIVQS
STGEYVVMTTHFHLKRKIGYFVIQTYLPCIMTVILSQVSFWLNRESVPARTVFGVTTVLTMTTLSISARNSLPKVAYATA
MDWFIAVCYAFVFSALIEFATVNYFTKRGYAWDGKSVVPEKPKKVKDPLIKKNNTYAPTATSYTPNLARGDPGLATIAKS
ATIEPKEVKPETKPPEPKKTFNSVSKIDRLSRIAFPLLFGIFNLVYWATYLNREPQLKAPTPHQ
;
A,D
2 'polypeptide(L)'
;MCSGLLELLLPIWLSWTLGTRGSEPRSVNDPGNMSFVKETVDKLLKGYDIRLRPDFGGPPVCVGMNIDIASIDMVSEVNM
DYTLTMYFQQYWRDKRLAYSGIPLNLTLDNRVADQLWVPDTYFLNDKKSFVHGVTVKNRMIRLHPDGTVLYGLRITTTAA
CMMDLRRYPLDEQNCTLEIESYGYTTDDIEFYWRGGDKAVTGVERIELPQFSIVEHRLVSRNVVFATGAYPRLSLSFRLK
RNIGYFILQTYMPSILITILSWVSFWINYDASAARVALGITTVLTMTTINTHLRETLPKIPYVKAIDMYLMGCFVFVFLA
LLEYAFVNYIFFGRGPQRQKKLAEKTAKAKNDRSKSESNRVDAHGNILLTSLEVHNEMNEVSGGIGDTRNSAISFDNSGI
QYRKQSMPREGHGRFLGDRSLPHKKTHLRRRSSQLKIKIPDLTDVNAIDRWSRIVFPFTFSLFNLVYWLYYVN
;
B,E
3 'polypeptide(L)'
;MSSPNIWSTGSSVYSTPVFSQKMTVWILLLLSLYPGFTSQKSDDDYEDYASNKTWVLTPKVPEGDVTVILNNLLEGYDNK
LRPDIGVKPTLIHTDMYVNSIGPVNAINMEYTIDIFFAQTWYDRRLKFNSTIKVLRLNSNMVGKIWIPDTFFRNSKKADA
HWITTPNRMLRIWNDGRVLYTLRLTIDAECQLQLHNFPMDEHSCPLEFSSYGYPREEIVYQWKRSSVEVGDTRSWRLYQF
SFVGLRNTTEVVKTTSGDYVVMSVYFDLSRRMGYFTIQTYIPCTLIVVLSWVSFWINKDAVPARTSLGITTVLTMTTLST
IARKSLPKVSYVTAMDLFVSVCFIFVFSALVEYGTLHYFVSNRKPSKDKDKKKKNPLLRMFSFKAPTIDIRPRSATIQMN
NATHLQERDEEYGYECLDGKDCASFFCCFEDCRTGAWRHGRIHIRIAKMDSYARIFFPTAFCLFNLVYWVSYLYLGGSGG
SGGSGKTETSQVAPA
;
C
4 'polypeptide(L)'
;QVQLQESGGGLVQTKTTTSVIDTTNDAQNLLTQAQTIVNTLKDYCPILIAKSSSSNGGTNNANTPSWQTAGGGKNSCATF
GAEFSAASDMINNAQKIVQETQQLSANQPKNITQPHNLNLNSPSSLTALAQKMLKNAQSQAEILKLANQVESDFNKLSSG
HLKDYIGKCDASAISSANMTMQNQKNNWGNGCAGVEETQSLLKTSAADFNNQTPQINQAQNLANTLIQELGNNPFRASGG
GSGGGGSGKLSDTYEQLSRLLTNDNGTNSKTSAQAINQAVNNLNERAKTLAGGTTNSPAYQATLLALRSVLGLWNSMGYA
VICGGYTKSPGENNQKDFHYTDENGNGTTINCGGSTNSNGTHSYNGTNTLKADKNVSLSIEQYEKIHEAYQILSKALKQA
GLAPLNSKGEKLEAHVTTSKYGSLRVSCAASGRTFTTYIMAWFRQAPGKEREFLAAMDQGRIQYYGDSVRGRFTISRDYA
KNSVDLQLDGLRPEDTAVYYCAAGAGFWGLRTASSYHYWGQGTQVTVSSHHHHHHEPEA
;
G
#
# COMPACT_ATOMS: atom_id res chain seq x y z
N ASP A 45 -11.77 52.10 20.51
CA ASP A 45 -10.88 52.43 21.61
C ASP A 45 -10.17 51.16 22.07
N ASN A 46 -10.93 50.07 22.17
CA ASN A 46 -10.34 48.80 22.59
C ASN A 46 -9.46 48.20 21.51
N THR A 47 -9.88 48.29 20.25
CA THR A 47 -9.09 47.71 19.16
C THR A 47 -7.81 48.50 18.91
N THR A 48 -7.80 49.79 19.26
CA THR A 48 -6.60 50.60 19.11
C THR A 48 -5.53 50.15 20.11
N VAL A 49 -5.94 49.96 21.37
CA VAL A 49 -5.02 49.51 22.41
C VAL A 49 -4.59 48.08 22.08
N PHE A 50 -5.50 47.27 21.52
CA PHE A 50 -5.18 45.90 21.15
C PHE A 50 -4.12 45.84 20.05
N THR A 51 -4.26 46.67 19.01
CA THR A 51 -3.25 46.70 17.95
C THR A 51 -1.93 47.31 18.43
N ARG A 52 -1.98 48.24 19.39
CA ARG A 52 -0.75 48.75 19.97
C ARG A 52 -0.01 47.66 20.76
N ILE A 53 -0.76 46.82 21.48
CA ILE A 53 -0.15 45.72 22.22
C ILE A 53 0.44 44.71 21.24
N LEU A 54 -0.29 44.42 20.14
CA LEU A 54 0.23 43.52 19.11
C LEU A 54 1.50 44.05 18.44
N ASP A 55 1.57 45.36 18.23
CA ASP A 55 2.77 45.93 17.64
C ASP A 55 3.94 45.94 18.62
N ARG A 56 3.67 46.15 19.90
CA ARG A 56 4.74 46.36 20.87
C ARG A 56 5.04 45.10 21.68
N LEU A 57 4.51 43.94 21.30
CA LEU A 57 5.03 42.69 21.84
C LEU A 57 6.46 42.39 21.40
N LEU A 58 6.68 42.28 20.09
CA LEU A 58 7.87 41.63 19.56
C LEU A 58 8.99 42.63 19.30
N ASP A 59 8.99 43.76 20.01
CA ASP A 59 10.11 44.69 19.95
C ASP A 59 11.25 44.23 20.83
N GLY A 60 12.38 43.92 20.22
CA GLY A 60 13.50 43.37 20.96
C GLY A 60 13.34 41.93 21.35
N TYR A 61 12.33 41.23 20.82
CA TYR A 61 12.15 39.81 21.10
C TYR A 61 13.10 39.01 20.23
N ASP A 62 13.56 37.88 20.75
CA ASP A 62 14.43 36.98 20.02
C ASP A 62 13.87 35.57 20.12
N ASN A 63 13.36 35.05 19.00
CA ASN A 63 12.78 33.71 18.98
C ASN A 63 13.83 32.64 18.69
N ARG A 64 15.11 32.97 18.81
CA ARG A 64 16.17 32.02 18.54
C ARG A 64 16.62 31.29 19.80
N LEU A 65 16.21 31.77 20.97
CA LEU A 65 16.78 31.27 22.21
C LEU A 65 15.75 31.11 23.32
N ARG A 66 16.07 30.23 24.25
CA ARG A 66 15.13 29.76 25.25
C ARG A 66 14.82 30.84 26.28
N PRO A 67 13.56 30.94 26.74
CA PRO A 67 13.22 31.84 27.86
C PRO A 67 13.92 31.43 29.14
N GLY A 68 14.76 32.31 29.65
CA GLY A 68 15.60 31.98 30.79
C GLY A 68 16.65 30.98 30.38
N LEU A 69 17.55 31.39 29.47
CA LEU A 69 18.54 30.49 28.91
C LEU A 69 19.64 30.20 29.93
N GLY A 70 19.80 31.09 30.92
CA GLY A 70 20.73 30.82 32.01
C GLY A 70 20.04 30.82 33.35
N GLU A 71 18.76 31.21 33.38
CA GLU A 71 18.03 31.39 34.63
C GLU A 71 17.49 30.07 35.19
N ARG A 72 16.60 29.41 34.47
CA ARG A 72 15.91 28.24 34.99
C ARG A 72 15.69 27.22 33.89
N VAL A 73 15.27 26.02 34.28
CA VAL A 73 14.74 25.06 33.33
C VAL A 73 13.33 25.46 32.93
N THR A 74 13.00 25.28 31.66
CA THR A 74 11.73 25.75 31.12
C THR A 74 10.66 24.67 31.26
N GLU A 75 9.78 24.83 32.23
CA GLU A 75 8.74 23.84 32.48
C GLU A 75 7.60 23.98 31.47
N VAL A 76 7.35 22.91 30.71
CA VAL A 76 6.30 22.89 29.71
C VAL A 76 5.22 21.88 30.11
N LYS A 77 4.01 22.38 30.35
CA LYS A 77 2.90 21.54 30.74
C LYS A 77 2.09 21.11 29.52
N THR A 78 1.66 19.85 29.50
CA THR A 78 1.14 19.23 28.29
C THR A 78 -0.19 18.54 28.53
N ASP A 79 -1.12 18.74 27.60
CA ASP A 79 -2.44 18.11 27.62
C ASP A 79 -2.67 17.50 26.24
N ILE A 80 -3.25 16.30 26.22
CA ILE A 80 -3.54 15.58 24.99
C ILE A 80 -5.01 15.18 25.00
N PHE A 81 -5.71 15.45 23.91
CA PHE A 81 -7.07 14.95 23.71
C PHE A 81 -7.15 14.12 22.42
N VAL A 82 -7.16 12.81 22.57
CA VAL A 82 -7.27 11.89 21.43
C VAL A 82 -8.69 11.89 20.90
N THR A 83 -8.86 12.32 19.66
CA THR A 83 -10.19 12.33 19.05
C THR A 83 -10.50 11.01 18.36
N SER A 84 -9.48 10.31 17.89
CA SER A 84 -9.67 9.01 17.26
C SER A 84 -8.40 8.19 17.31
N PHE A 85 -8.50 6.95 17.78
CA PHE A 85 -7.41 6.00 17.74
C PHE A 85 -7.55 5.15 16.47
N GLY A 86 -7.06 5.67 15.35
CA GLY A 86 -7.40 5.15 14.05
C GLY A 86 -6.78 3.80 13.75
N PRO A 87 -6.93 3.33 12.51
CA PRO A 87 -6.82 1.89 12.23
C PRO A 87 -5.38 1.39 12.33
N VAL A 88 -5.22 0.24 12.98
CA VAL A 88 -3.93 -0.27 13.38
C VAL A 88 -3.46 -1.32 12.38
N SER A 89 -2.44 -0.99 11.60
CA SER A 89 -1.94 -1.89 10.57
C SER A 89 -0.98 -2.91 11.14
N ASP A 90 -1.33 -4.20 11.00
CA ASP A 90 -0.47 -5.26 11.52
C ASP A 90 0.68 -5.59 10.59
N HIS A 91 0.51 -5.39 9.28
CA HIS A 91 1.59 -5.68 8.34
C HIS A 91 2.71 -4.66 8.48
N ASP A 92 2.37 -3.39 8.64
CA ASP A 92 3.37 -2.34 8.77
C ASP A 92 3.85 -2.20 10.21
N MET A 93 3.14 -2.87 11.14
CA MET A 93 3.35 -2.75 12.60
C MET A 93 3.30 -1.31 13.06
N GLU A 94 2.21 -0.61 12.73
CA GLU A 94 2.05 0.80 13.03
C GLU A 94 0.61 1.07 13.45
N TYR A 95 0.35 2.28 13.92
CA TYR A 95 -1.02 2.73 14.08
C TYR A 95 -1.16 4.22 13.78
N THR A 96 -2.38 4.65 13.57
CA THR A 96 -2.72 6.04 13.31
C THR A 96 -3.53 6.58 14.48
N ILE A 97 -3.24 7.79 14.92
CA ILE A 97 -3.99 8.43 15.99
C ILE A 97 -4.12 9.93 15.72
N ASP A 98 -5.28 10.50 16.09
CA ASP A 98 -5.52 11.93 15.95
C ASP A 98 -5.63 12.62 17.30
N VAL A 99 -4.81 13.65 17.51
CA VAL A 99 -4.79 14.37 18.78
C VAL A 99 -4.97 15.87 18.61
N PHE A 100 -5.61 16.49 19.60
CA PHE A 100 -5.34 17.89 19.93
C PHE A 100 -4.21 17.94 20.95
N PHE A 101 -3.13 18.60 20.63
CA PHE A 101 -1.92 18.54 21.44
C PHE A 101 -1.63 19.88 22.14
N ARG A 102 -2.20 20.05 23.33
CA ARG A 102 -2.07 21.29 24.08
C ARG A 102 -0.74 21.41 24.81
N GLN A 103 -0.09 22.56 24.69
CA GLN A 103 1.09 22.89 25.48
C GLN A 103 0.92 24.21 26.21
N SER A 104 1.74 24.41 27.24
CA SER A 104 1.78 25.67 27.97
C SER A 104 3.12 25.86 28.66
N TRP A 105 3.68 27.06 28.52
CA TRP A 105 4.96 27.38 29.12
C TRP A 105 5.04 28.88 29.35
N LYS A 106 5.62 29.26 30.48
CA LYS A 106 5.65 30.66 30.89
C LYS A 106 6.85 31.38 30.31
N ASP A 107 6.59 32.47 29.61
CA ASP A 107 7.63 33.27 28.97
C ASP A 107 7.59 34.67 29.58
N GLU A 108 8.70 35.07 30.19
CA GLU A 108 8.76 36.36 30.89
C GLU A 108 8.77 37.51 29.89
N ARG A 109 9.28 37.25 28.69
CA ARG A 109 9.38 38.27 27.65
C ARG A 109 8.04 38.72 27.07
N LEU A 110 6.95 38.08 27.44
CA LEU A 110 5.63 38.38 26.88
C LEU A 110 4.62 38.71 27.97
N LYS A 111 5.04 39.42 29.00
CA LYS A 111 4.08 40.12 29.84
C LYS A 111 3.50 41.31 29.09
N PHE A 112 2.28 41.68 29.43
CA PHE A 112 1.67 42.89 28.88
C PHE A 112 0.66 43.46 29.85
N LYS A 113 0.24 44.69 29.59
CA LYS A 113 -0.87 45.32 30.29
C LYS A 113 -1.87 45.90 29.31
N GLY A 114 -3.14 45.61 29.53
CA GLY A 114 -4.21 46.16 28.73
C GLY A 114 -5.56 45.89 29.35
N PRO A 115 -6.63 46.06 28.55
CA PRO A 115 -7.98 45.76 29.05
C PRO A 115 -8.17 44.29 29.37
N MET A 116 -7.91 43.43 28.39
CA MET A 116 -8.10 42.00 28.54
C MET A 116 -6.90 41.37 29.24
N THR A 117 -7.05 40.09 29.61
CA THR A 117 -5.96 39.35 30.22
C THR A 117 -5.41 38.31 29.26
N VAL A 118 -6.17 37.93 28.24
CA VAL A 118 -5.83 36.82 27.35
C VAL A 118 -5.79 37.32 25.91
N LEU A 119 -4.74 36.96 25.19
CA LEU A 119 -4.59 37.30 23.77
C LEU A 119 -4.90 36.11 22.87
N ARG A 120 -4.85 36.37 21.56
CA ARG A 120 -5.11 35.33 20.58
C ARG A 120 -4.44 35.71 19.26
N LEU A 121 -3.30 35.08 18.98
CA LEU A 121 -2.44 35.60 17.92
C LEU A 121 -2.70 34.96 16.57
N ASN A 122 -2.09 35.53 15.54
CA ASN A 122 -1.98 34.92 14.22
C ASN A 122 -0.89 33.85 14.30
N ASN A 123 -0.87 32.97 13.30
CA ASN A 123 0.28 32.09 13.09
C ASN A 123 1.47 32.89 12.58
N LEU A 124 1.23 34.08 12.02
CA LEU A 124 2.31 35.00 11.68
C LEU A 124 3.10 35.42 12.92
N MET A 125 2.43 35.53 14.06
CA MET A 125 3.13 35.84 15.29
C MET A 125 3.51 34.57 16.04
N ALA A 126 2.77 33.48 15.85
CA ALA A 126 3.13 32.22 16.47
C ALA A 126 4.33 31.56 15.82
N SER A 127 4.76 32.04 14.65
CA SER A 127 6.04 31.64 14.08
C SER A 127 7.15 32.61 14.48
N LYS A 128 6.81 33.64 15.25
CA LYS A 128 7.77 34.65 15.70
C LYS A 128 8.00 34.58 17.20
N ILE A 129 7.49 33.55 17.86
CA ILE A 129 7.69 33.32 19.29
C ILE A 129 8.34 31.95 19.41
N TRP A 130 9.28 31.83 20.35
CA TRP A 130 9.83 30.53 20.73
C TRP A 130 8.74 29.54 21.09
N THR A 131 8.88 28.32 20.56
CA THR A 131 7.92 27.26 20.72
C THR A 131 8.70 25.94 20.79
N PRO A 132 8.46 25.14 21.83
CA PRO A 132 9.35 24.00 22.09
C PRO A 132 9.21 22.90 21.04
N ASP A 133 10.36 22.43 20.56
CA ASP A 133 10.43 21.53 19.42
C ASP A 133 9.98 20.10 19.77
N THR A 134 8.70 19.94 20.05
CA THR A 134 8.19 18.64 20.50
C THR A 134 8.02 17.72 19.30
N PHE A 135 8.89 16.73 19.17
CA PHE A 135 8.75 15.73 18.13
C PHE A 135 8.31 14.44 18.80
N PHE A 136 7.97 13.46 17.98
CA PHE A 136 7.45 12.19 18.46
C PHE A 136 8.49 11.11 18.17
N HIS A 137 8.94 10.42 19.23
CA HIS A 137 10.06 9.50 19.13
C HIS A 137 9.78 8.29 18.26
N ASN A 138 8.52 7.94 18.05
CA ASN A 138 8.14 6.82 17.22
C ASN A 138 7.24 7.25 16.07
N GLY A 139 7.42 8.46 15.57
CA GLY A 139 6.65 8.91 14.43
C GLY A 139 7.24 8.38 13.14
N LYS A 140 6.36 7.90 12.27
CA LYS A 140 6.76 7.49 10.92
C LYS A 140 6.42 8.58 9.91
N LYS A 141 5.18 9.05 9.92
CA LYS A 141 4.77 10.15 9.03
C LYS A 141 3.59 10.88 9.64
N SER A 142 3.85 12.04 10.21
CA SER A 142 2.85 12.78 10.95
C SER A 142 2.57 14.15 10.35
N VAL A 143 1.33 14.60 10.47
CA VAL A 143 0.80 15.73 9.72
C VAL A 143 0.14 16.72 10.65
N ALA A 144 0.60 17.97 10.61
CA ALA A 144 -0.10 19.09 11.25
C ALA A 144 -1.09 19.67 10.24
N HIS A 145 -2.38 19.58 10.55
CA HIS A 145 -3.39 19.96 9.59
C HIS A 145 -3.49 21.46 9.41
N ASN A 146 -3.80 21.90 8.19
CA ASN A 146 -4.02 23.31 7.96
C ASN A 146 -5.20 23.61 7.03
N MET A 147 -6.30 22.88 7.18
CA MET A 147 -7.55 23.20 6.49
C MET A 147 -8.53 23.80 7.48
N THR A 148 -8.97 25.03 7.24
CA THR A 148 -8.61 25.83 6.06
C THR A 148 -7.45 26.76 6.42
N MET A 149 -7.52 27.32 7.61
CA MET A 149 -6.43 28.04 8.21
C MET A 149 -5.51 27.03 8.87
N PRO A 150 -4.27 27.39 9.20
CA PRO A 150 -3.44 26.48 10.00
C PRO A 150 -4.01 26.25 11.39
N ASN A 151 -4.11 24.98 11.77
CA ASN A 151 -4.73 24.59 13.03
C ASN A 151 -3.79 24.80 14.22
N LYS A 152 -3.52 26.07 14.52
CA LYS A 152 -2.64 26.46 15.60
C LYS A 152 -3.26 27.61 16.35
N LEU A 153 -3.41 27.45 17.67
CA LEU A 153 -3.86 28.52 18.54
C LEU A 153 -2.69 28.97 19.38
N LEU A 154 -2.61 30.26 19.70
CA LEU A 154 -1.65 30.74 20.67
C LEU A 154 -2.26 31.82 21.55
N ARG A 155 -2.56 31.48 22.79
CA ARG A 155 -3.07 32.42 23.77
C ARG A 155 -1.93 32.96 24.62
N ILE A 156 -1.99 34.25 24.94
CA ILE A 156 -1.07 34.86 25.88
C ILE A 156 -1.84 35.33 27.10
N THR A 157 -1.63 34.70 28.24
CA THR A 157 -2.16 35.25 29.48
C THR A 157 -1.27 36.42 29.90
N GLU A 158 -1.80 37.30 30.76
CA GLU A 158 -1.15 38.57 31.01
C GLU A 158 0.06 38.42 31.93
N ASP A 159 0.24 37.27 32.56
CA ASP A 159 1.48 37.01 33.30
C ASP A 159 2.60 36.55 32.39
N GLY A 160 2.29 36.22 31.14
CA GLY A 160 3.28 35.74 30.20
C GLY A 160 3.26 34.25 29.96
N THR A 161 2.25 33.54 30.44
CA THR A 161 2.16 32.09 30.27
C THR A 161 1.42 31.76 28.99
N LEU A 162 2.13 31.17 28.03
CA LEU A 162 1.55 30.91 26.73
C LEU A 162 0.63 29.69 26.78
N LEU A 163 -0.17 29.51 25.72
CA LEU A 163 -1.01 28.34 25.58
C LEU A 163 -1.19 28.02 24.10
N TYR A 164 -0.62 26.89 23.67
CA TYR A 164 -0.39 26.60 22.25
C TYR A 164 -0.95 25.23 21.88
N THR A 165 -2.17 25.21 21.38
CA THR A 165 -2.99 24.00 21.29
C THR A 165 -3.21 23.56 19.84
N MET A 166 -2.30 22.76 19.31
CA MET A 166 -2.30 22.43 17.89
C MET A 166 -2.86 21.03 17.68
N ARG A 167 -3.28 20.77 16.44
CA ARG A 167 -4.04 19.57 16.10
C ARG A 167 -3.29 18.73 15.08
N LEU A 168 -3.03 17.48 15.42
CA LEU A 168 -2.11 16.63 14.67
C LEU A 168 -2.76 15.37 14.12
N THR A 169 -1.95 14.57 13.43
CA THR A 169 -2.33 13.22 13.00
C THR A 169 -1.08 12.39 12.93
N VAL A 170 -1.00 11.34 13.74
CA VAL A 170 0.26 10.67 14.03
C VAL A 170 0.22 9.24 13.52
N ARG A 171 1.12 8.91 12.60
CA ARG A 171 1.28 7.53 12.18
C ARG A 171 2.47 6.93 12.94
N ALA A 172 2.18 6.23 14.02
CA ALA A 172 3.16 5.91 15.05
C ALA A 172 3.82 4.56 14.75
N GLU A 173 4.52 4.01 15.72
CA GLU A 173 5.27 2.76 15.53
C GLU A 173 5.16 1.84 16.74
N CYS A 174 4.25 0.87 16.66
CA CYS A 174 3.99 -0.05 17.76
C CYS A 174 4.53 -1.44 17.44
N PRO A 175 5.65 -1.86 18.03
CA PRO A 175 6.17 -3.21 17.76
C PRO A 175 5.32 -4.26 18.45
N MET A 176 4.99 -5.32 17.72
CA MET A 176 4.03 -6.30 18.16
C MET A 176 4.67 -7.66 18.36
N HIS A 177 4.36 -8.31 19.47
CA HIS A 177 4.85 -9.65 19.77
C HIS A 177 3.68 -10.54 19.39
N LEU A 178 3.88 -11.35 18.36
CA LEU A 178 2.78 -12.12 17.78
C LEU A 178 2.95 -13.61 17.96
N GLU A 179 3.46 -14.05 19.12
CA GLU A 179 3.44 -15.48 19.44
C GLU A 179 2.02 -15.98 19.62
N ASP A 180 1.15 -15.14 20.16
CA ASP A 180 -0.18 -15.55 20.60
C ASP A 180 -1.25 -15.05 19.64
N PHE A 181 -0.93 -15.01 18.35
CA PHE A 181 -1.93 -14.67 17.34
C PHE A 181 -2.99 -15.77 17.29
N PRO A 182 -4.29 -15.41 17.27
CA PRO A 182 -4.81 -14.06 17.37
C PRO A 182 -5.32 -13.72 18.76
N MET A 183 -5.01 -14.58 19.73
CA MET A 183 -5.52 -14.43 21.10
C MET A 183 -4.53 -13.66 21.96
N ASP A 184 -4.09 -12.48 21.49
CA ASP A 184 -3.05 -11.73 22.18
C ASP A 184 -3.47 -10.32 22.58
N ALA A 185 -2.60 -9.68 23.35
CA ALA A 185 -2.78 -8.29 23.73
C ALA A 185 -1.41 -7.66 23.88
N HIS A 186 -1.32 -6.37 23.56
CA HIS A 186 -0.07 -5.65 23.63
C HIS A 186 -0.27 -4.15 23.79
N ALA A 187 0.78 -3.47 24.24
CA ALA A 187 0.77 -2.04 24.44
C ALA A 187 1.36 -1.34 23.23
N CYS A 188 0.80 -0.18 22.90
CA CYS A 188 1.30 0.65 21.82
C CYS A 188 1.65 2.05 22.31
N PRO A 189 2.92 2.45 22.24
CA PRO A 189 3.36 3.67 22.91
C PRO A 189 3.28 4.90 22.03
N LEU A 190 3.06 6.04 22.70
CA LEU A 190 3.14 7.36 22.07
C LEU A 190 4.03 8.28 22.88
N LYS A 191 5.22 8.56 22.37
CA LYS A 191 6.36 9.00 23.16
C LYS A 191 6.95 10.30 22.62
N PHE A 192 6.81 11.39 23.37
CA PHE A 192 7.31 12.68 22.91
C PHE A 192 8.27 13.36 23.88
N GLY A 193 9.20 14.13 23.31
CA GLY A 193 10.18 14.90 24.05
C GLY A 193 10.68 16.01 23.17
N SER A 194 11.45 16.91 23.76
CA SER A 194 12.08 17.96 22.97
C SER A 194 13.20 17.38 22.12
N TYR A 195 13.56 18.07 21.05
CA TYR A 195 14.60 17.57 20.17
C TYR A 195 15.95 18.19 20.52
N ALA A 196 16.03 19.52 20.51
CA ALA A 196 17.32 20.16 20.70
C ALA A 196 17.69 20.28 22.17
N TYR A 197 16.71 20.38 23.05
CA TYR A 197 16.94 20.76 24.44
C TYR A 197 17.02 19.55 25.37
N THR A 198 17.94 19.63 26.34
CA THR A 198 18.17 18.54 27.27
C THR A 198 17.32 18.63 28.53
N ARG A 199 17.63 17.83 29.56
CA ARG A 199 16.99 17.99 30.87
C ARG A 199 17.44 19.26 31.55
N ALA A 200 18.65 19.73 31.25
CA ALA A 200 19.16 20.94 31.88
C ALA A 200 18.53 22.20 31.32
N GLU A 201 17.76 22.11 30.23
CA GLU A 201 17.21 23.27 29.56
C GLU A 201 15.69 23.27 29.52
N VAL A 202 15.07 22.18 29.05
CA VAL A 202 13.62 22.08 28.94
C VAL A 202 13.12 20.79 29.58
N VAL A 203 12.21 20.93 30.55
CA VAL A 203 11.62 19.80 31.25
C VAL A 203 10.11 19.80 31.02
N TYR A 204 9.59 18.68 30.53
CA TYR A 204 8.15 18.54 30.31
C TYR A 204 7.40 18.06 31.54
N GLU A 205 6.10 18.34 31.58
CA GLU A 205 5.21 17.87 32.62
C GLU A 205 3.85 17.50 32.04
N TRP A 206 2.85 17.32 32.89
CA TRP A 206 1.46 17.22 32.48
C TRP A 206 0.64 18.30 33.18
N THR A 207 -0.50 18.65 32.60
CA THR A 207 -1.28 19.78 33.10
C THR A 207 -2.21 19.44 34.27
N ARG A 208 -2.32 18.16 34.57
CA ARG A 208 -3.23 17.67 35.60
C ARG A 208 -2.56 16.54 36.39
N GLU A 209 -3.39 15.74 37.05
CA GLU A 209 -2.98 14.37 37.39
C GLU A 209 -2.60 13.66 36.09
N PRO A 210 -1.52 12.88 36.09
CA PRO A 210 -1.00 12.35 34.81
C PRO A 210 -1.93 11.35 34.14
N ALA A 211 -2.66 10.55 34.90
CA ALA A 211 -3.59 9.60 34.31
C ALA A 211 -4.86 10.26 33.81
N ARG A 212 -5.09 11.54 34.10
CA ARG A 212 -6.30 12.24 33.71
C ARG A 212 -5.95 13.23 32.61
N SER A 213 -4.66 13.45 32.35
CA SER A 213 -4.26 14.42 31.33
C SER A 213 -4.55 13.94 29.92
N VAL A 214 -4.25 12.67 29.63
CA VAL A 214 -4.55 12.12 28.31
C VAL A 214 -5.98 11.62 28.27
N VAL A 215 -6.82 12.28 27.48
CA VAL A 215 -8.25 12.00 27.43
C VAL A 215 -8.62 11.52 26.04
N VAL A 216 -9.17 10.32 25.96
CA VAL A 216 -9.67 9.77 24.71
C VAL A 216 -11.14 10.13 24.61
N ALA A 217 -11.57 10.59 23.44
CA ALA A 217 -12.98 10.86 23.21
C ALA A 217 -13.78 9.58 23.28
N GLU A 218 -15.06 9.71 23.66
CA GLU A 218 -15.89 8.53 23.88
C GLU A 218 -16.24 7.84 22.57
N ASP A 219 -16.49 8.60 21.52
CA ASP A 219 -16.78 8.05 20.20
C ASP A 219 -15.52 7.95 19.37
N GLY A 220 -14.38 7.77 20.03
CA GLY A 220 -13.10 7.88 19.37
C GLY A 220 -12.30 6.60 19.37
N SER A 221 -13.00 5.47 19.43
CA SER A 221 -12.32 4.18 19.34
C SER A 221 -11.85 3.95 17.92
N ARG A 222 -12.80 3.88 16.98
CA ARG A 222 -12.56 3.74 15.53
C ARG A 222 -11.66 2.57 15.17
N LEU A 223 -11.87 1.43 15.82
CA LEU A 223 -11.22 0.18 15.48
C LEU A 223 -12.24 -0.88 15.11
N ASN A 224 -11.82 -1.83 14.28
CA ASN A 224 -12.63 -2.99 13.95
C ASN A 224 -11.94 -4.27 14.37
N GLN A 225 -10.62 -4.34 14.24
CA GLN A 225 -9.89 -5.55 14.59
C GLN A 225 -9.72 -5.64 16.11
N TYR A 226 -9.05 -4.68 16.70
CA TYR A 226 -8.67 -4.72 18.10
C TYR A 226 -9.76 -4.17 19.02
N ASP A 227 -9.43 -3.94 20.28
CA ASP A 227 -10.39 -3.40 21.24
C ASP A 227 -9.67 -2.65 22.36
N LEU A 228 -9.74 -1.32 22.32
CA LEU A 228 -8.96 -0.49 23.22
C LEU A 228 -9.49 -0.57 24.65
N LEU A 229 -8.66 -1.09 25.56
CA LEU A 229 -9.07 -1.20 26.96
C LEU A 229 -8.89 0.12 27.69
N GLY A 230 -7.65 0.59 27.80
CA GLY A 230 -7.38 1.86 28.45
C GLY A 230 -5.95 2.29 28.18
N GLN A 231 -5.67 3.53 28.52
CA GLN A 231 -4.34 4.10 28.38
C GLN A 231 -3.54 4.01 29.67
N THR A 232 -2.23 4.24 29.57
CA THR A 232 -1.35 4.31 30.73
C THR A 232 -0.30 5.39 30.53
N VAL A 233 -0.44 6.49 31.26
CA VAL A 233 0.39 7.67 31.06
C VAL A 233 1.61 7.59 31.97
N ASP A 234 2.79 7.90 31.42
CA ASP A 234 4.02 7.76 32.17
C ASP A 234 5.01 8.84 31.73
N SER A 235 6.15 8.94 32.41
CA SER A 235 7.18 9.90 32.06
C SER A 235 8.56 9.30 32.27
N GLY A 236 9.50 9.62 31.37
CA GLY A 236 10.76 8.91 31.37
C GLY A 236 11.91 9.76 30.85
N ILE A 237 13.09 9.13 30.82
CA ILE A 237 14.35 9.78 30.48
C ILE A 237 15.11 8.87 29.52
N VAL A 238 15.58 9.42 28.40
CA VAL A 238 16.52 8.70 27.54
C VAL A 238 17.96 9.10 27.84
N GLN A 239 18.89 8.28 27.38
CA GLN A 239 20.28 8.65 27.24
C GLN A 239 20.69 8.55 25.77
N SER A 240 20.61 9.66 25.04
CA SER A 240 21.07 9.70 23.67
C SER A 240 22.57 9.95 23.61
N SER A 241 23.10 10.21 22.41
CA SER A 241 24.51 10.52 22.28
C SER A 241 24.78 11.98 22.63
N THR A 242 23.73 12.79 22.82
CA THR A 242 23.86 14.22 22.95
C THR A 242 23.46 14.73 24.33
N GLY A 243 22.86 13.88 25.15
CA GLY A 243 22.47 14.29 26.49
C GLY A 243 21.16 13.65 26.90
N GLU A 244 20.90 13.74 28.20
CA GLU A 244 19.63 13.27 28.76
C GLU A 244 18.47 14.15 28.33
N TYR A 245 17.39 13.54 27.87
CA TYR A 245 16.18 14.26 27.50
C TYR A 245 14.99 13.80 28.35
N VAL A 246 14.18 14.76 28.79
CA VAL A 246 12.86 14.42 29.32
C VAL A 246 11.99 13.88 28.20
N VAL A 247 11.46 12.67 28.39
CA VAL A 247 10.60 12.02 27.40
C VAL A 247 9.28 11.62 28.04
N MET A 248 8.19 12.21 27.57
CA MET A 248 6.87 11.79 28.01
C MET A 248 6.48 10.47 27.36
N THR A 249 5.40 9.86 27.85
CA THR A 249 4.93 8.59 27.32
C THR A 249 3.45 8.41 27.58
N THR A 250 2.70 8.06 26.55
CA THR A 250 1.40 7.45 26.71
C THR A 250 1.39 6.09 26.02
N HIS A 251 1.02 5.05 26.77
CA HIS A 251 0.78 3.75 26.18
C HIS A 251 -0.70 3.57 25.90
N PHE A 252 -1.00 2.83 24.84
CA PHE A 252 -2.35 2.43 24.52
C PHE A 252 -2.44 0.92 24.45
N HIS A 253 -3.37 0.34 25.21
CA HIS A 253 -3.44 -1.10 25.40
C HIS A 253 -4.54 -1.75 24.59
N LEU A 254 -4.18 -2.76 23.80
CA LEU A 254 -5.04 -3.30 22.75
C LEU A 254 -5.13 -4.81 22.80
N LYS A 255 -6.35 -5.34 22.98
CA LYS A 255 -6.60 -6.76 22.84
C LYS A 255 -7.31 -7.03 21.52
N ARG A 256 -6.91 -8.10 20.83
CA ARG A 256 -7.54 -8.48 19.57
C ARG A 256 -8.80 -9.32 19.78
N LYS A 257 -9.88 -8.94 19.10
CA LYS A 257 -11.06 -9.78 19.01
C LYS A 257 -10.75 -11.05 18.22
N ILE A 258 -11.26 -12.19 18.69
CA ILE A 258 -10.94 -13.46 18.07
C ILE A 258 -12.12 -14.17 17.43
N GLY A 259 -13.29 -13.53 17.40
CA GLY A 259 -14.46 -14.18 16.83
C GLY A 259 -14.37 -14.40 15.32
N TYR A 260 -13.72 -13.46 14.62
CA TYR A 260 -13.49 -13.59 13.19
C TYR A 260 -12.62 -14.81 12.88
N PHE A 261 -11.65 -15.09 13.72
CA PHE A 261 -10.74 -16.19 13.43
C PHE A 261 -11.35 -17.51 13.88
N VAL A 262 -12.24 -17.48 14.88
CA VAL A 262 -12.97 -18.68 15.26
C VAL A 262 -13.91 -19.08 14.13
N ILE A 263 -14.58 -18.11 13.51
CA ILE A 263 -15.48 -18.45 12.41
C ILE A 263 -14.69 -18.81 11.14
N GLN A 264 -13.73 -17.98 10.75
CA GLN A 264 -13.07 -18.19 9.47
C GLN A 264 -12.00 -19.28 9.50
N THR A 265 -11.17 -19.31 10.54
CA THR A 265 -9.95 -20.11 10.53
C THR A 265 -10.08 -21.36 11.39
N TYR A 266 -10.55 -21.23 12.63
CA TYR A 266 -10.61 -22.39 13.52
C TYR A 266 -11.68 -23.42 13.19
N LEU A 267 -12.93 -23.01 13.12
CA LEU A 267 -14.02 -23.96 12.86
C LEU A 267 -13.98 -24.75 11.56
N PRO A 268 -13.58 -24.21 10.39
CA PRO A 268 -13.48 -25.07 9.21
C PRO A 268 -12.37 -26.10 9.33
N CYS A 269 -11.26 -25.77 10.00
CA CYS A 269 -10.21 -26.75 10.20
C CYS A 269 -10.66 -27.83 11.18
N ILE A 270 -11.40 -27.43 12.22
CA ILE A 270 -11.95 -28.38 13.18
C ILE A 270 -12.91 -29.35 12.48
N MET A 271 -13.80 -28.81 11.65
CA MET A 271 -14.76 -29.68 10.98
C MET A 271 -14.10 -30.54 9.90
N THR A 272 -13.00 -30.08 9.32
CA THR A 272 -12.29 -30.90 8.36
C THR A 272 -11.62 -32.08 9.06
N VAL A 273 -11.04 -31.84 10.24
CA VAL A 273 -10.42 -32.92 11.02
C VAL A 273 -11.51 -33.88 11.48
N ILE A 274 -12.69 -33.34 11.83
CA ILE A 274 -13.82 -34.18 12.23
C ILE A 274 -14.26 -35.05 11.06
N LEU A 275 -14.23 -34.51 9.83
CA LEU A 275 -14.51 -35.34 8.65
C LEU A 275 -13.48 -36.45 8.45
N SER A 276 -12.20 -36.09 8.52
CA SER A 276 -11.12 -37.06 8.32
C SER A 276 -11.12 -38.19 9.36
N GLN A 277 -11.63 -37.91 10.55
CA GLN A 277 -11.82 -38.99 11.53
C GLN A 277 -13.14 -39.72 11.28
N VAL A 278 -14.12 -39.02 10.74
CA VAL A 278 -15.41 -39.63 10.47
C VAL A 278 -15.28 -40.74 9.47
N SER A 279 -14.37 -40.63 8.53
CA SER A 279 -14.39 -41.58 7.43
C SER A 279 -14.28 -43.03 7.87
N PHE A 280 -13.87 -43.22 9.10
CA PHE A 280 -13.60 -44.57 9.60
C PHE A 280 -14.88 -45.37 9.70
N TRP A 281 -16.02 -44.71 9.87
CA TRP A 281 -17.30 -45.39 9.95
C TRP A 281 -17.88 -45.68 8.57
N LEU A 282 -17.11 -45.46 7.51
CA LEU A 282 -17.37 -46.11 6.23
C LEU A 282 -16.74 -47.50 6.31
N ASN A 283 -17.19 -48.41 5.46
CA ASN A 283 -16.64 -49.76 5.53
C ASN A 283 -15.25 -49.86 4.91
N ARG A 284 -14.55 -50.95 5.22
CA ARG A 284 -13.16 -51.11 4.81
C ARG A 284 -13.03 -51.46 3.33
N GLU A 285 -14.13 -51.82 2.68
CA GLU A 285 -14.07 -52.27 1.30
C GLU A 285 -14.15 -51.13 0.31
N SER A 286 -14.82 -50.04 0.68
CA SER A 286 -14.97 -48.87 -0.21
C SER A 286 -13.67 -48.08 -0.32
N VAL A 287 -12.69 -48.65 -1.00
CA VAL A 287 -11.38 -48.05 -1.21
C VAL A 287 -11.41 -46.72 -1.97
N PRO A 288 -12.12 -46.57 -3.12
CA PRO A 288 -12.07 -45.26 -3.79
C PRO A 288 -12.77 -44.15 -3.03
N ALA A 289 -13.85 -44.47 -2.31
CA ALA A 289 -14.57 -43.47 -1.54
C ALA A 289 -13.71 -42.89 -0.43
N ARG A 290 -13.10 -43.75 0.39
CA ARG A 290 -12.27 -43.28 1.49
C ARG A 290 -10.98 -42.68 0.98
N THR A 291 -10.51 -43.11 -0.20
CA THR A 291 -9.33 -42.51 -0.80
C THR A 291 -9.58 -41.07 -1.23
N VAL A 292 -10.64 -40.85 -2.03
CA VAL A 292 -11.06 -39.52 -2.46
C VAL A 292 -11.30 -38.66 -1.25
N PHE A 293 -11.96 -39.22 -0.22
CA PHE A 293 -12.23 -38.53 1.03
C PHE A 293 -10.96 -38.02 1.68
N GLY A 294 -9.97 -38.90 1.87
CA GLY A 294 -8.76 -38.52 2.57
C GLY A 294 -7.93 -37.49 1.84
N VAL A 295 -7.72 -37.70 0.53
CA VAL A 295 -6.86 -36.77 -0.20
C VAL A 295 -7.55 -35.42 -0.38
N THR A 296 -8.87 -35.41 -0.52
CA THR A 296 -9.49 -34.12 -0.76
C THR A 296 -9.73 -33.39 0.57
N THR A 297 -9.81 -34.11 1.70
CA THR A 297 -9.75 -33.41 2.98
C THR A 297 -8.38 -32.79 3.22
N VAL A 298 -7.32 -33.43 2.72
CA VAL A 298 -6.01 -32.81 2.82
C VAL A 298 -5.97 -31.57 1.93
N LEU A 299 -6.67 -31.60 0.78
CA LEU A 299 -6.70 -30.42 -0.09
C LEU A 299 -7.48 -29.30 0.59
N THR A 300 -8.53 -29.65 1.33
CA THR A 300 -9.33 -28.66 2.05
C THR A 300 -8.48 -28.01 3.15
N MET A 301 -7.70 -28.81 3.87
CA MET A 301 -6.80 -28.23 4.88
C MET A 301 -5.70 -27.39 4.25
N THR A 302 -5.28 -27.74 3.04
CA THR A 302 -4.28 -26.95 2.33
C THR A 302 -4.83 -25.58 1.99
N THR A 303 -6.08 -25.54 1.48
CA THR A 303 -6.74 -24.29 1.15
C THR A 303 -6.94 -23.42 2.39
N LEU A 304 -7.38 -24.03 3.50
CA LEU A 304 -7.55 -23.27 4.74
C LEU A 304 -6.23 -22.77 5.29
N SER A 305 -5.16 -23.56 5.15
CA SER A 305 -3.84 -23.16 5.61
C SER A 305 -3.31 -21.95 4.86
N ILE A 306 -3.37 -21.99 3.53
CA ILE A 306 -2.83 -20.89 2.74
C ILE A 306 -3.68 -19.63 2.87
N SER A 307 -5.01 -19.78 3.00
CA SER A 307 -5.84 -18.59 3.14
C SER A 307 -5.73 -17.99 4.52
N ALA A 308 -5.47 -18.81 5.54
CA ALA A 308 -5.27 -18.26 6.86
C ALA A 308 -3.89 -17.63 7.00
N ARG A 309 -2.88 -18.15 6.29
CA ARG A 309 -1.56 -17.54 6.42
C ARG A 309 -1.47 -16.27 5.59
N ASN A 310 -2.30 -16.14 4.54
CA ASN A 310 -2.31 -14.90 3.75
C ASN A 310 -2.59 -13.60 4.50
N SER A 311 -3.56 -13.61 5.42
CA SER A 311 -4.01 -12.38 6.07
C SER A 311 -3.33 -12.16 7.42
N LEU A 312 -2.02 -11.94 7.38
CA LEU A 312 -1.15 -11.96 8.56
C LEU A 312 0.22 -11.43 8.18
N PRO A 313 0.84 -10.57 9.00
CA PRO A 313 2.22 -10.14 8.72
C PRO A 313 3.22 -11.28 8.81
N LYS A 314 4.20 -11.24 7.90
CA LYS A 314 5.11 -12.37 7.68
C LYS A 314 6.23 -12.44 8.71
N VAL A 315 5.84 -12.74 9.95
CA VAL A 315 6.81 -12.90 11.03
C VAL A 315 7.52 -14.23 10.87
N ALA A 316 8.63 -14.41 11.59
CA ALA A 316 9.60 -15.45 11.29
C ALA A 316 9.60 -16.57 12.33
N TYR A 317 8.41 -16.88 12.87
CA TYR A 317 8.28 -17.90 13.90
C TYR A 317 6.84 -18.43 13.97
N ALA A 318 6.55 -19.16 15.04
CA ALA A 318 5.35 -19.99 15.11
C ALA A 318 4.29 -19.23 15.90
N THR A 319 3.31 -18.69 15.17
CA THR A 319 2.13 -18.14 15.82
C THR A 319 1.29 -19.30 16.32
N ALA A 320 0.38 -19.00 17.27
CA ALA A 320 -0.50 -20.03 17.82
C ALA A 320 -1.45 -20.59 16.77
N MET A 321 -1.86 -19.75 15.82
CA MET A 321 -2.70 -20.19 14.73
C MET A 321 -1.93 -21.17 13.84
N ASP A 322 -0.62 -20.93 13.68
CA ASP A 322 0.22 -21.85 12.92
C ASP A 322 0.35 -23.20 13.62
N TRP A 323 0.47 -23.19 14.95
CA TRP A 323 0.49 -24.43 15.72
C TRP A 323 -0.79 -25.22 15.50
N PHE A 324 -1.93 -24.53 15.62
CA PHE A 324 -3.23 -25.19 15.46
C PHE A 324 -3.41 -25.78 14.06
N ILE A 325 -3.10 -24.98 13.03
CA ILE A 325 -3.30 -25.41 11.66
C ILE A 325 -2.34 -26.54 11.30
N ALA A 326 -1.10 -26.48 11.80
CA ALA A 326 -0.13 -27.51 11.49
C ALA A 326 -0.47 -28.84 12.17
N VAL A 327 -0.96 -28.79 13.42
CA VAL A 327 -1.32 -30.02 14.10
C VAL A 327 -2.59 -30.62 13.50
N CYS A 328 -3.57 -29.77 13.11
CA CYS A 328 -4.76 -30.27 12.44
C CYS A 328 -4.43 -30.88 11.07
N TYR A 329 -3.46 -30.28 10.37
CA TYR A 329 -2.99 -30.80 9.09
C TYR A 329 -2.33 -32.15 9.30
N ALA A 330 -1.62 -32.31 10.44
CA ALA A 330 -1.02 -33.59 10.77
C ALA A 330 -2.07 -34.65 11.08
N PHE A 331 -3.18 -34.25 11.72
CA PHE A 331 -4.28 -35.20 11.94
C PHE A 331 -4.90 -35.69 10.64
N VAL A 332 -5.12 -34.78 9.68
CA VAL A 332 -5.75 -35.17 8.43
C VAL A 332 -4.75 -36.01 7.60
N PHE A 333 -3.45 -35.77 7.77
CA PHE A 333 -2.43 -36.63 7.17
C PHE A 333 -2.48 -38.03 7.75
N SER A 334 -2.52 -38.13 9.09
CA SER A 334 -2.51 -39.42 9.77
C SER A 334 -3.76 -40.24 9.51
N ALA A 335 -4.89 -39.57 9.21
CA ALA A 335 -6.11 -40.30 8.86
C ALA A 335 -5.94 -41.11 7.57
N LEU A 336 -5.34 -40.49 6.55
CA LEU A 336 -5.16 -41.19 5.28
C LEU A 336 -4.07 -42.26 5.41
N ILE A 337 -3.06 -42.01 6.24
CA ILE A 337 -2.05 -43.05 6.49
C ILE A 337 -2.69 -44.25 7.22
N GLU A 338 -3.64 -43.97 8.12
CA GLU A 338 -4.36 -45.03 8.81
C GLU A 338 -5.21 -45.82 7.82
N PHE A 339 -5.84 -45.13 6.86
CA PHE A 339 -6.61 -45.85 5.85
C PHE A 339 -5.72 -46.70 4.95
N ALA A 340 -4.50 -46.24 4.68
CA ALA A 340 -3.56 -47.08 3.93
C ALA A 340 -3.20 -48.33 4.70
N THR A 341 -3.07 -48.20 6.03
CA THR A 341 -2.75 -49.37 6.85
C THR A 341 -3.97 -50.29 6.91
N VAL A 342 -5.18 -49.74 6.81
CA VAL A 342 -6.39 -50.56 6.70
C VAL A 342 -6.39 -51.32 5.38
N ASN A 343 -6.09 -50.62 4.28
CA ASN A 343 -6.15 -51.18 2.94
C ASN A 343 -5.10 -52.26 2.71
N TYR A 344 -3.99 -52.24 3.47
CA TYR A 344 -2.98 -53.26 3.25
C TYR A 344 -3.41 -54.63 3.78
N PHE A 345 -4.45 -54.69 4.61
CA PHE A 345 -4.89 -55.93 5.26
C PHE A 345 -6.28 -56.37 4.83
N THR A 346 -6.63 -56.23 3.56
CA THR A 346 -8.04 -56.27 3.16
C THR A 346 -8.51 -57.68 2.82
N LYS A 347 -7.73 -58.39 1.98
CA LYS A 347 -7.88 -59.76 1.51
C LYS A 347 -9.04 -59.98 0.53
N ARG A 348 -9.90 -58.97 0.34
CA ARG A 348 -11.11 -59.11 -0.45
C ARG A 348 -11.37 -57.87 -1.30
N GLY A 349 -12.41 -57.91 -2.11
CA GLY A 349 -12.67 -56.83 -3.04
C GLY A 349 -14.13 -56.47 -3.20
N TYR A 350 -15.01 -57.16 -2.47
CA TYR A 350 -16.45 -56.97 -2.62
C TYR A 350 -17.09 -56.60 -1.28
N ALA A 351 -18.29 -56.05 -1.37
CA ALA A 351 -19.04 -55.62 -0.19
C ALA A 351 -19.79 -56.78 0.44
N TRP A 352 -19.99 -56.69 1.74
CA TRP A 352 -20.92 -57.56 2.44
C TRP A 352 -22.35 -57.28 1.98
N ASP A 353 -23.06 -58.33 1.55
CA ASP A 353 -24.44 -58.17 1.14
C ASP A 353 -25.37 -57.91 2.33
N GLY A 354 -26.51 -57.27 2.08
CA GLY A 354 -27.39 -56.89 3.15
C GLY A 354 -28.27 -57.97 3.73
N LYS A 355 -28.04 -59.24 3.41
CA LYS A 355 -28.91 -60.32 3.86
C LYS A 355 -28.21 -61.32 4.79
N SER A 356 -26.90 -61.50 4.63
CA SER A 356 -26.20 -62.57 5.34
C SER A 356 -25.53 -62.07 6.62
N LYS A 419 -19.93 -68.47 1.24
CA LYS A 419 -18.62 -67.83 1.22
C LYS A 419 -18.43 -66.97 2.46
N THR A 420 -17.19 -66.58 2.72
CA THR A 420 -16.87 -65.76 3.87
C THR A 420 -17.12 -64.27 3.60
N PHE A 421 -16.85 -63.43 4.59
CA PHE A 421 -16.79 -61.99 4.41
C PHE A 421 -15.66 -61.38 5.22
N ASN A 422 -15.50 -60.08 5.12
CA ASN A 422 -14.63 -59.33 6.02
C ASN A 422 -15.32 -59.01 7.34
N SER A 423 -14.54 -58.92 8.40
CA SER A 423 -14.96 -58.22 9.60
C SER A 423 -14.49 -56.78 9.55
N VAL A 424 -15.02 -55.96 10.47
CA VAL A 424 -14.45 -54.64 10.71
C VAL A 424 -13.05 -54.83 11.28
N SER A 425 -12.07 -54.17 10.67
CA SER A 425 -10.67 -54.33 11.08
C SER A 425 -10.42 -53.77 12.48
N LYS A 426 -9.40 -54.33 13.15
CA LYS A 426 -9.15 -53.97 14.53
C LYS A 426 -8.56 -52.57 14.66
N ILE A 427 -7.79 -52.13 13.66
CA ILE A 427 -7.22 -50.80 13.72
C ILE A 427 -8.28 -49.75 13.42
N ASP A 428 -9.37 -50.13 12.77
CA ASP A 428 -10.52 -49.24 12.62
C ASP A 428 -11.13 -49.00 14.00
N ARG A 429 -11.36 -50.08 14.75
CA ARG A 429 -11.93 -49.97 16.09
C ARG A 429 -10.97 -49.27 17.05
N LEU A 430 -9.67 -49.35 16.78
CA LEU A 430 -8.69 -48.63 17.59
C LEU A 430 -8.73 -47.15 17.27
N SER A 431 -8.69 -46.79 15.98
CA SER A 431 -8.60 -45.39 15.58
C SER A 431 -9.88 -44.60 15.81
N ARG A 432 -11.04 -45.27 15.81
CA ARG A 432 -12.31 -44.60 16.15
C ARG A 432 -12.32 -44.07 17.58
N ILE A 433 -11.55 -44.68 18.47
CA ILE A 433 -11.48 -44.27 19.87
C ILE A 433 -10.25 -43.38 20.01
N ALA A 434 -9.21 -43.67 19.23
CA ALA A 434 -7.94 -42.96 19.38
C ALA A 434 -8.00 -41.53 18.87
N PHE A 435 -8.34 -41.34 17.57
CA PHE A 435 -8.24 -40.00 16.97
C PHE A 435 -9.15 -38.91 17.54
N PRO A 436 -10.45 -39.15 17.84
CA PRO A 436 -11.23 -38.07 18.48
C PRO A 436 -10.77 -37.77 19.88
N LEU A 437 -10.24 -38.77 20.60
CA LEU A 437 -9.70 -38.52 21.94
C LEU A 437 -8.45 -37.66 21.87
N LEU A 438 -7.55 -37.97 20.93
CA LEU A 438 -6.34 -37.18 20.75
C LEU A 438 -6.66 -35.75 20.30
N PHE A 439 -7.67 -35.60 19.44
CA PHE A 439 -8.04 -34.27 18.97
C PHE A 439 -8.69 -33.46 20.09
N GLY A 440 -9.48 -34.12 20.95
CA GLY A 440 -10.08 -33.43 22.07
C GLY A 440 -9.06 -33.03 23.13
N ILE A 441 -8.08 -33.91 23.37
CA ILE A 441 -6.98 -33.60 24.30
C ILE A 441 -6.17 -32.43 23.77
N PHE A 442 -5.89 -32.40 22.46
CA PHE A 442 -5.15 -31.29 21.89
C PHE A 442 -5.94 -30.00 21.94
N ASN A 443 -7.27 -30.06 21.76
CA ASN A 443 -8.08 -28.86 21.88
C ASN A 443 -8.10 -28.34 23.31
N LEU A 444 -8.15 -29.25 24.30
CA LEU A 444 -8.11 -28.80 25.69
C LEU A 444 -6.78 -28.15 26.03
N VAL A 445 -5.67 -28.75 25.59
CA VAL A 445 -4.34 -28.19 25.83
C VAL A 445 -4.18 -26.83 25.14
N TYR A 446 -4.62 -26.73 23.88
CA TYR A 446 -4.52 -25.48 23.13
C TYR A 446 -5.35 -24.35 23.73
N TRP A 447 -6.65 -24.57 23.91
CA TRP A 447 -7.53 -23.51 24.37
C TRP A 447 -7.36 -23.23 25.86
N ALA A 448 -6.74 -24.15 26.62
CA ALA A 448 -6.39 -23.84 27.99
C ALA A 448 -5.05 -23.13 28.10
N THR A 449 -4.15 -23.35 27.14
CA THR A 449 -2.85 -22.71 27.19
C THR A 449 -2.96 -21.26 26.74
N TYR A 450 -3.71 -21.01 25.67
CA TYR A 450 -3.57 -19.74 24.96
C TYR A 450 -4.66 -18.74 25.27
N LEU A 451 -5.70 -19.13 25.99
CA LEU A 451 -6.68 -18.20 26.52
C LEU A 451 -6.29 -17.72 27.92
N ASN A 452 -5.08 -18.06 28.37
CA ASN A 452 -4.63 -17.78 29.72
C ASN A 452 -3.69 -16.58 29.71
N ARG A 453 -2.83 -16.48 28.71
CA ARG A 453 -1.84 -15.43 28.59
C ARG A 453 -2.48 -14.04 28.40
N ASN B 33 -11.84 53.32 -16.33
CA ASN B 33 -12.60 52.23 -15.73
C ASN B 33 -11.68 51.21 -15.07
N MET B 34 -10.39 51.47 -15.13
CA MET B 34 -9.38 50.61 -14.50
C MET B 34 -8.68 51.37 -13.38
N SER B 35 -8.41 52.65 -13.61
CA SER B 35 -7.71 53.46 -12.61
C SER B 35 -8.55 53.68 -11.35
N PHE B 36 -9.85 53.92 -11.51
CA PHE B 36 -10.72 54.16 -10.36
C PHE B 36 -10.88 52.91 -9.51
N VAL B 37 -11.05 51.75 -10.16
CA VAL B 37 -11.19 50.48 -9.45
C VAL B 37 -9.87 50.15 -8.77
N LYS B 38 -8.75 50.42 -9.44
CA LYS B 38 -7.43 50.18 -8.85
C LYS B 38 -7.19 51.04 -7.62
N GLU B 39 -7.60 52.31 -7.68
CA GLU B 39 -7.44 53.19 -6.53
C GLU B 39 -8.35 52.80 -5.37
N THR B 40 -9.57 52.33 -5.67
CA THR B 40 -10.45 51.88 -4.59
C THR B 40 -9.93 50.60 -3.93
N VAL B 41 -9.35 49.69 -4.72
CA VAL B 41 -8.77 48.47 -4.15
C VAL B 41 -7.56 48.80 -3.29
N ASP B 42 -6.66 49.66 -3.81
CA ASP B 42 -5.48 50.04 -3.05
C ASP B 42 -5.81 50.89 -1.83
N LYS B 43 -6.98 51.54 -1.82
CA LYS B 43 -7.43 52.23 -0.62
C LYS B 43 -8.00 51.23 0.38
N LEU B 44 -8.71 50.20 -0.10
CA LEU B 44 -9.25 49.18 0.80
C LEU B 44 -8.15 48.38 1.49
N LEU B 45 -7.06 48.08 0.78
CA LEU B 45 -6.00 47.30 1.41
C LEU B 45 -5.04 48.18 2.20
N LYS B 46 -5.14 49.50 2.06
CA LYS B 46 -4.24 50.40 2.79
C LYS B 46 -4.61 50.48 4.26
N GLY B 47 -3.64 50.21 5.13
CA GLY B 47 -3.87 50.24 6.56
C GLY B 47 -4.67 49.08 7.10
N TYR B 48 -4.92 48.07 6.27
CA TYR B 48 -5.68 46.91 6.70
C TYR B 48 -4.84 46.05 7.63
N ASP B 49 -5.45 45.53 8.69
CA ASP B 49 -4.80 44.57 9.57
C ASP B 49 -5.56 43.25 9.45
N ILE B 50 -4.83 42.17 9.12
CA ILE B 50 -5.46 40.88 8.89
C ILE B 50 -5.81 40.20 10.21
N ARG B 51 -5.26 40.69 11.32
CA ARG B 51 -5.43 40.06 12.62
C ARG B 51 -6.60 40.63 13.39
N LEU B 52 -7.51 41.32 12.71
CA LEU B 52 -8.65 41.94 13.35
C LEU B 52 -9.97 41.37 12.86
N ARG B 53 -10.74 40.82 13.80
CA ARG B 53 -12.07 40.32 13.51
C ARG B 53 -12.98 41.48 13.07
N PRO B 54 -13.86 41.26 12.10
CA PRO B 54 -14.92 42.23 11.80
C PRO B 54 -15.79 42.51 13.03
N ASP B 55 -15.98 43.80 13.30
CA ASP B 55 -16.61 44.31 14.52
C ASP B 55 -15.95 43.76 15.80
N PHE B 56 -14.68 44.14 15.98
CA PHE B 56 -13.78 43.39 16.87
C PHE B 56 -14.18 43.45 18.34
N GLY B 57 -14.73 44.57 18.79
CA GLY B 57 -15.10 44.69 20.19
C GLY B 57 -16.54 44.32 20.45
N GLY B 58 -17.35 44.29 19.41
CA GLY B 58 -18.78 44.12 19.57
C GLY B 58 -19.31 42.75 19.16
N PRO B 59 -20.22 42.74 18.18
CA PRO B 59 -21.07 41.58 17.96
C PRO B 59 -20.31 40.46 17.28
N PRO B 60 -20.80 39.22 17.37
CA PRO B 60 -20.21 38.13 16.59
C PRO B 60 -20.52 38.28 15.10
N VAL B 61 -19.49 38.07 14.28
CA VAL B 61 -19.68 38.05 12.84
C VAL B 61 -20.43 36.77 12.47
N CYS B 62 -21.41 36.89 11.58
CA CYS B 62 -22.20 35.75 11.12
C CYS B 62 -21.70 35.20 9.79
N VAL B 63 -20.79 34.23 9.86
CA VAL B 63 -20.24 33.61 8.66
C VAL B 63 -21.21 32.53 8.18
N GLY B 64 -21.62 32.63 6.92
CA GLY B 64 -22.62 31.75 6.36
C GLY B 64 -22.00 30.71 5.45
N MET B 65 -22.27 29.45 5.75
CA MET B 65 -21.65 28.32 5.06
C MET B 65 -22.47 27.87 3.86
N ASN B 66 -21.79 27.38 2.83
CA ASN B 66 -22.47 26.90 1.63
C ASN B 66 -21.59 25.89 0.89
N ILE B 67 -21.96 24.62 0.94
CA ILE B 67 -21.21 23.54 0.32
C ILE B 67 -21.91 23.15 -0.99
N ASP B 68 -21.12 22.97 -2.05
CA ASP B 68 -21.59 22.27 -3.25
C ASP B 68 -20.67 21.09 -3.47
N ILE B 69 -21.23 19.89 -3.53
CA ILE B 69 -20.45 18.67 -3.61
C ILE B 69 -20.24 18.26 -5.06
N ALA B 70 -18.98 18.09 -5.46
CA ALA B 70 -18.69 17.46 -6.75
C ALA B 70 -18.91 15.96 -6.68
N SER B 71 -18.26 15.27 -5.75
CA SER B 71 -18.31 13.82 -5.69
C SER B 71 -17.95 13.27 -4.32
N ILE B 72 -18.41 12.06 -4.05
CA ILE B 72 -17.78 11.16 -3.08
C ILE B 72 -16.97 10.13 -3.85
N ASP B 73 -15.68 10.05 -3.56
CA ASP B 73 -14.78 9.25 -4.38
C ASP B 73 -14.78 7.78 -3.95
N MET B 74 -14.49 7.52 -2.68
CA MET B 74 -14.49 6.17 -2.14
C MET B 74 -15.05 6.19 -0.73
N VAL B 75 -15.58 5.06 -0.30
CA VAL B 75 -15.94 4.83 1.10
C VAL B 75 -15.23 3.57 1.57
N SER B 76 -14.16 3.74 2.34
CA SER B 76 -13.31 2.65 2.77
C SER B 76 -13.70 2.14 4.15
N GLU B 77 -14.17 0.88 4.21
CA GLU B 77 -14.56 0.30 5.49
C GLU B 77 -13.35 -0.09 6.33
N VAL B 78 -12.18 -0.22 5.72
CA VAL B 78 -10.99 -0.64 6.46
C VAL B 78 -10.47 0.52 7.29
N ASN B 79 -10.34 1.69 6.69
CA ASN B 79 -9.83 2.85 7.40
C ASN B 79 -10.94 3.66 8.03
N MET B 80 -12.19 3.23 7.83
CA MET B 80 -13.41 3.81 8.41
C MET B 80 -13.57 5.29 8.06
N ASP B 81 -13.71 5.55 6.76
CA ASP B 81 -13.70 6.91 6.21
C ASP B 81 -14.27 6.97 4.81
N TYR B 82 -14.77 8.14 4.44
CA TYR B 82 -15.07 8.46 3.05
C TYR B 82 -14.18 9.59 2.57
N THR B 83 -14.27 9.90 1.27
CA THR B 83 -13.49 10.96 0.64
C THR B 83 -14.40 11.87 -0.15
N LEU B 84 -14.46 13.13 0.25
CA LEU B 84 -15.44 14.09 -0.25
C LEU B 84 -14.74 15.23 -0.98
N THR B 85 -15.14 15.46 -2.23
CA THR B 85 -14.63 16.58 -3.01
C THR B 85 -15.73 17.58 -3.26
N MET B 86 -15.50 18.83 -2.87
CA MET B 86 -16.58 19.79 -2.74
C MET B 86 -16.16 21.21 -3.07
N TYR B 87 -17.15 22.05 -3.32
CA TYR B 87 -16.98 23.49 -3.40
C TYR B 87 -17.49 24.12 -2.10
N PHE B 88 -16.58 24.71 -1.34
CA PHE B 88 -16.87 25.14 0.02
C PHE B 88 -16.81 26.65 0.14
N GLN B 89 -17.95 27.28 0.36
CA GLN B 89 -18.12 28.72 0.18
C GLN B 89 -18.61 29.39 1.44
N GLN B 90 -17.97 30.51 1.79
CA GLN B 90 -18.27 31.25 3.01
C GLN B 90 -18.72 32.68 2.76
N TYR B 91 -19.93 32.99 3.22
CA TYR B 91 -20.46 34.35 3.18
C TYR B 91 -20.28 35.07 4.51
N TRP B 92 -19.63 36.23 4.48
CA TRP B 92 -19.67 37.15 5.62
C TRP B 92 -19.45 38.57 5.13
N ARG B 93 -19.64 39.54 6.02
CA ARG B 93 -19.40 40.94 5.69
C ARG B 93 -18.42 41.60 6.66
N ASP B 94 -17.44 42.31 6.08
CA ASP B 94 -16.47 43.09 6.82
C ASP B 94 -16.50 44.53 6.34
N LYS B 95 -16.91 45.44 7.22
CA LYS B 95 -17.20 46.81 6.84
C LYS B 95 -15.95 47.64 6.58
N ARG B 96 -14.76 47.09 6.84
CA ARG B 96 -13.53 47.69 6.35
C ARG B 96 -13.42 47.54 4.84
N LEU B 97 -14.12 46.56 4.27
CA LEU B 97 -14.01 46.23 2.85
C LEU B 97 -15.20 46.75 2.06
N ALA B 98 -15.92 47.73 2.60
CA ALA B 98 -17.02 48.34 1.87
C ALA B 98 -16.50 49.38 0.89
N TYR B 99 -17.04 49.37 -0.32
CA TYR B 99 -16.72 50.37 -1.33
C TYR B 99 -17.99 50.93 -1.94
N SER B 100 -18.00 52.23 -2.21
CA SER B 100 -19.06 52.87 -2.95
C SER B 100 -18.54 53.49 -4.24
N GLY B 101 -19.46 53.79 -5.15
CA GLY B 101 -19.12 54.40 -6.41
C GLY B 101 -18.97 53.46 -7.58
N ILE B 102 -19.05 52.15 -7.33
CA ILE B 102 -18.94 51.13 -8.37
C ILE B 102 -20.16 50.24 -8.32
N PRO B 103 -20.86 50.02 -9.43
CA PRO B 103 -22.07 49.19 -9.40
C PRO B 103 -21.78 47.70 -9.60
N LEU B 104 -20.53 47.29 -9.47
CA LEU B 104 -20.12 45.92 -9.71
C LEU B 104 -19.98 45.11 -8.43
N ASN B 105 -19.89 43.79 -8.58
CA ASN B 105 -19.35 42.91 -7.56
C ASN B 105 -17.91 42.52 -7.91
N LEU B 106 -16.95 43.12 -7.23
CA LEU B 106 -15.55 43.04 -7.63
C LEU B 106 -14.92 41.70 -7.32
N THR B 107 -14.81 40.83 -8.32
CA THR B 107 -14.10 39.57 -8.18
C THR B 107 -12.61 39.79 -8.35
N LEU B 108 -11.86 39.63 -7.26
CA LEU B 108 -10.43 39.82 -7.30
C LEU B 108 -9.68 38.53 -7.59
N ASP B 109 -8.37 38.64 -7.78
CA ASP B 109 -7.52 37.46 -7.87
C ASP B 109 -7.46 36.78 -6.51
N ASN B 110 -7.19 35.48 -6.51
CA ASN B 110 -7.11 34.69 -5.29
C ASN B 110 -5.95 35.05 -4.37
N ARG B 111 -4.98 35.82 -4.84
CA ARG B 111 -3.82 36.18 -4.03
C ARG B 111 -4.13 37.30 -3.05
N VAL B 112 -5.35 37.86 -3.09
CA VAL B 112 -5.72 38.93 -2.17
C VAL B 112 -6.31 38.29 -0.92
N ALA B 113 -6.63 36.99 -0.97
CA ALA B 113 -7.15 36.32 0.21
C ALA B 113 -6.09 36.00 1.24
N ASP B 114 -4.81 36.21 0.92
CA ASP B 114 -3.76 36.19 1.94
C ASP B 114 -3.75 37.51 2.69
N GLN B 115 -4.38 38.55 2.13
CA GLN B 115 -4.32 39.89 2.67
C GLN B 115 -5.66 40.31 3.25
N LEU B 116 -6.51 39.34 3.58
CA LEU B 116 -7.79 39.62 4.22
C LEU B 116 -7.92 38.80 5.51
N TRP B 117 -8.96 39.12 6.29
CA TRP B 117 -9.39 38.23 7.35
C TRP B 117 -10.27 37.14 6.76
N VAL B 118 -9.92 35.89 7.03
CA VAL B 118 -10.74 34.73 6.66
C VAL B 118 -10.90 33.84 7.88
N PRO B 119 -12.07 33.20 8.06
CA PRO B 119 -12.32 32.49 9.32
C PRO B 119 -11.45 31.26 9.50
N ASP B 120 -11.17 30.97 10.77
CA ASP B 120 -10.44 29.76 11.15
C ASP B 120 -11.38 28.56 11.29
N THR B 121 -11.96 28.15 10.16
CA THR B 121 -12.86 27.02 10.17
C THR B 121 -12.10 25.76 9.81
N TYR B 122 -12.29 24.71 10.59
CA TYR B 122 -11.63 23.45 10.31
C TYR B 122 -12.65 22.33 10.22
N PHE B 123 -12.18 21.15 9.84
CA PHE B 123 -12.99 19.96 9.80
C PHE B 123 -12.53 19.01 10.89
N LEU B 124 -13.45 18.60 11.76
CA LEU B 124 -13.07 17.82 12.92
C LEU B 124 -12.81 16.37 12.48
N ASN B 125 -13.41 15.96 11.37
CA ASN B 125 -13.28 14.59 10.87
C ASN B 125 -12.10 14.43 9.93
N ASP B 126 -11.30 15.48 9.75
CA ASP B 126 -10.33 15.54 8.67
C ASP B 126 -9.16 14.60 8.92
N LYS B 127 -9.05 13.55 8.12
CA LYS B 127 -7.81 12.78 8.10
C LYS B 127 -6.78 13.43 7.20
N LYS B 128 -7.22 13.98 6.06
CA LYS B 128 -6.33 14.43 5.00
C LYS B 128 -7.10 15.30 4.03
N SER B 129 -6.58 16.50 3.73
CA SER B 129 -7.30 17.45 2.91
C SER B 129 -6.39 18.47 2.26
N PHE B 130 -6.78 18.93 1.07
CA PHE B 130 -5.97 19.86 0.31
C PHE B 130 -6.83 20.63 -0.67
N VAL B 131 -6.52 21.93 -0.81
CA VAL B 131 -7.09 22.73 -1.88
C VAL B 131 -6.26 22.48 -3.13
N HIS B 132 -6.94 22.21 -4.24
CA HIS B 132 -6.27 21.87 -5.49
C HIS B 132 -5.56 23.08 -6.10
N GLY B 133 -4.47 22.82 -6.81
CA GLY B 133 -3.62 23.90 -7.29
C GLY B 133 -3.38 23.93 -8.78
N VAL B 134 -4.41 23.65 -9.58
CA VAL B 134 -4.35 23.68 -11.05
C VAL B 134 -5.57 24.39 -11.60
N THR B 135 -5.35 25.43 -12.43
CA THR B 135 -4.02 25.90 -12.84
C THR B 135 -3.49 27.00 -11.94
N VAL B 136 -4.31 27.41 -10.99
CA VAL B 136 -3.88 28.19 -9.84
C VAL B 136 -4.42 27.48 -8.60
N LYS B 137 -4.06 27.97 -7.42
CA LYS B 137 -4.69 27.51 -6.20
C LYS B 137 -6.14 27.96 -6.18
N ASN B 138 -7.06 27.02 -6.04
CA ASN B 138 -8.48 27.28 -6.24
C ASN B 138 -9.12 28.03 -5.10
N ARG B 139 -9.09 29.36 -5.16
CA ARG B 139 -9.77 30.22 -4.22
C ARG B 139 -10.58 31.23 -5.02
N MET B 140 -11.55 31.87 -4.38
CA MET B 140 -12.14 33.06 -4.95
C MET B 140 -12.36 34.12 -3.88
N ILE B 141 -12.25 35.37 -4.29
CA ILE B 141 -12.72 36.51 -3.52
C ILE B 141 -13.67 37.31 -4.40
N ARG B 142 -14.92 37.44 -3.95
CA ARG B 142 -15.91 38.23 -4.66
C ARG B 142 -16.52 39.24 -3.69
N LEU B 143 -16.06 40.48 -3.79
CA LEU B 143 -16.50 41.51 -2.87
C LEU B 143 -17.83 42.10 -3.33
N HIS B 144 -18.61 42.56 -2.38
CA HIS B 144 -19.86 43.25 -2.64
C HIS B 144 -19.73 44.67 -2.09
N PRO B 145 -20.49 45.65 -2.61
CA PRO B 145 -20.26 47.04 -2.20
C PRO B 145 -20.65 47.37 -0.77
N ASP B 146 -21.49 46.56 -0.12
CA ASP B 146 -21.83 46.80 1.27
C ASP B 146 -20.83 46.15 2.21
N GLY B 147 -19.83 45.47 1.67
CA GLY B 147 -18.81 44.83 2.47
C GLY B 147 -18.93 43.32 2.55
N THR B 148 -19.94 42.73 1.93
CA THR B 148 -20.11 41.28 1.95
C THR B 148 -19.05 40.64 1.06
N VAL B 149 -18.41 39.59 1.55
CA VAL B 149 -17.38 38.88 0.80
C VAL B 149 -17.71 37.40 0.70
N LEU B 150 -17.64 36.86 -0.51
CA LEU B 150 -17.73 35.42 -0.72
C LEU B 150 -16.33 34.83 -0.85
N TYR B 151 -16.12 33.68 -0.21
CA TYR B 151 -14.82 33.01 -0.17
C TYR B 151 -15.01 31.52 -0.42
N GLY B 152 -14.60 31.06 -1.60
CA GLY B 152 -14.88 29.71 -2.01
C GLY B 152 -13.64 28.89 -2.21
N LEU B 153 -13.49 27.83 -1.43
CA LEU B 153 -12.42 26.86 -1.61
C LEU B 153 -12.95 25.65 -2.35
N ARG B 154 -12.04 24.91 -2.98
CA ARG B 154 -12.39 23.67 -3.67
C ARG B 154 -11.62 22.52 -3.04
N ILE B 155 -12.26 21.83 -2.09
CA ILE B 155 -11.58 21.01 -1.10
C ILE B 155 -11.86 19.54 -1.37
N THR B 156 -10.81 18.73 -1.39
CA THR B 156 -10.92 17.28 -1.32
C THR B 156 -10.50 16.82 0.07
N THR B 157 -11.48 16.50 0.91
CA THR B 157 -11.24 16.08 2.28
C THR B 157 -11.30 14.56 2.36
N THR B 158 -10.87 14.01 3.49
CA THR B 158 -11.09 12.60 3.80
C THR B 158 -11.67 12.51 5.21
N ALA B 159 -12.99 12.63 5.31
CA ALA B 159 -13.62 12.69 6.61
C ALA B 159 -13.67 11.30 7.23
N ALA B 160 -13.57 11.27 8.56
CA ALA B 160 -13.52 10.02 9.30
C ALA B 160 -14.84 9.80 10.00
N CYS B 161 -15.54 8.72 9.64
CA CYS B 161 -16.77 8.32 10.29
C CYS B 161 -16.65 6.91 10.86
N MET B 162 -17.01 6.75 12.13
CA MET B 162 -17.09 5.43 12.73
C MET B 162 -18.21 4.63 12.08
N MET B 163 -17.97 3.35 11.85
CA MET B 163 -18.96 2.44 11.32
C MET B 163 -19.23 1.25 12.23
N ASP B 164 -20.47 0.75 12.17
CA ASP B 164 -20.81 -0.57 12.69
C ASP B 164 -21.18 -1.46 11.52
N LEU B 165 -20.40 -2.52 11.32
CA LEU B 165 -20.52 -3.37 10.14
C LEU B 165 -20.94 -4.78 10.51
N ARG B 166 -21.69 -4.93 11.60
CA ARG B 166 -22.19 -6.23 12.00
C ARG B 166 -23.36 -6.67 11.14
N ARG B 167 -23.91 -5.77 10.33
CA ARG B 167 -24.95 -6.10 9.36
C ARG B 167 -24.43 -5.94 7.95
N TYR B 168 -23.12 -6.08 7.77
CA TYR B 168 -22.55 -6.13 6.43
C TYR B 168 -23.00 -7.42 5.74
N PRO B 169 -23.50 -7.35 4.50
CA PRO B 169 -23.66 -6.20 3.62
C PRO B 169 -25.07 -5.61 3.58
N LEU B 170 -25.90 -5.96 4.56
CA LEU B 170 -27.31 -5.55 4.55
C LEU B 170 -27.49 -4.30 5.41
N ASP B 171 -26.43 -3.53 5.59
CA ASP B 171 -26.40 -2.43 6.55
C ASP B 171 -26.72 -1.06 5.95
N GLU B 172 -26.90 -0.08 6.83
CA GLU B 172 -26.98 1.33 6.47
C GLU B 172 -26.11 2.18 7.40
N GLN B 173 -24.93 2.60 6.93
CA GLN B 173 -24.14 3.51 7.74
C GLN B 173 -24.71 4.91 7.65
N ASN B 174 -24.31 5.78 8.56
CA ASN B 174 -24.29 7.20 8.23
C ASN B 174 -22.94 7.81 8.52
N CYS B 175 -22.59 8.84 7.76
CA CYS B 175 -21.31 9.51 7.89
C CYS B 175 -21.46 11.02 7.77
N THR B 176 -20.73 11.73 8.62
CA THR B 176 -20.92 13.16 8.81
C THR B 176 -19.73 13.97 8.33
N LEU B 177 -19.82 15.29 8.53
CA LEU B 177 -18.69 16.18 8.34
C LEU B 177 -18.85 17.38 9.27
N GLU B 178 -17.94 17.51 10.24
CA GLU B 178 -18.09 18.48 11.32
C GLU B 178 -17.28 19.74 11.05
N ILE B 179 -17.97 20.85 10.81
CA ILE B 179 -17.35 22.12 10.49
C ILE B 179 -17.37 22.98 11.75
N GLU B 180 -16.22 23.55 12.11
CA GLU B 180 -16.12 24.27 13.38
C GLU B 180 -15.07 25.36 13.31
N SER B 181 -15.37 26.51 13.93
CA SER B 181 -14.35 27.53 14.14
C SER B 181 -13.28 27.05 15.10
N TYR B 182 -12.03 27.42 14.82
CA TYR B 182 -10.93 26.89 15.62
C TYR B 182 -10.75 27.67 16.90
N GLY B 183 -10.42 28.96 16.81
CA GLY B 183 -10.04 29.73 17.97
C GLY B 183 -11.13 30.65 18.48
N TYR B 184 -11.91 31.23 17.56
CA TYR B 184 -13.00 32.10 17.96
C TYR B 184 -14.14 31.30 18.57
N THR B 185 -14.61 31.72 19.74
CA THR B 185 -15.77 31.14 20.37
C THR B 185 -17.07 31.72 19.79
N THR B 186 -18.21 31.41 20.39
CA THR B 186 -19.49 31.88 19.87
C THR B 186 -19.72 33.32 20.30
N ASP B 187 -18.86 33.86 21.16
CA ASP B 187 -18.91 35.29 21.47
C ASP B 187 -18.37 36.11 20.31
N ASP B 188 -17.59 35.49 19.42
CA ASP B 188 -16.86 36.20 18.39
C ASP B 188 -17.32 35.85 16.99
N ILE B 189 -17.78 34.63 16.75
CA ILE B 189 -18.17 34.20 15.42
C ILE B 189 -19.45 33.37 15.53
N GLU B 190 -20.27 33.41 14.50
CA GLU B 190 -21.43 32.53 14.38
C GLU B 190 -21.48 31.87 13.01
N PHE B 191 -22.09 30.69 12.97
CA PHE B 191 -22.27 29.93 11.75
C PHE B 191 -23.73 29.74 11.42
N TYR B 192 -24.04 29.72 10.12
CA TYR B 192 -25.37 29.34 9.64
C TYR B 192 -25.25 28.80 8.23
N TRP B 193 -26.17 27.91 7.88
CA TRP B 193 -26.26 27.45 6.51
C TRP B 193 -26.94 28.48 5.62
N ARG B 194 -26.24 28.92 4.58
CA ARG B 194 -26.78 29.88 3.62
C ARG B 194 -27.93 29.24 2.83
N GLY B 195 -29.15 29.67 3.12
CA GLY B 195 -30.30 28.96 2.60
C GLY B 195 -30.44 27.62 3.29
N GLY B 196 -30.84 27.65 4.56
CA GLY B 196 -30.60 26.56 5.51
C GLY B 196 -31.25 25.23 5.18
N ASP B 197 -32.20 25.21 4.24
CA ASP B 197 -32.77 23.94 3.81
C ASP B 197 -32.00 23.35 2.64
N LYS B 198 -31.61 24.17 1.69
CA LYS B 198 -30.97 23.73 0.46
C LYS B 198 -29.59 24.34 0.28
N ALA B 199 -28.79 24.38 1.35
CA ALA B 199 -27.42 24.85 1.23
C ALA B 199 -26.57 23.86 0.47
N VAL B 200 -26.53 22.61 0.93
CA VAL B 200 -25.71 21.58 0.30
C VAL B 200 -26.47 20.99 -0.88
N THR B 201 -26.17 21.48 -2.09
CA THR B 201 -26.77 20.95 -3.30
C THR B 201 -25.91 19.80 -3.84
N GLY B 202 -26.33 19.19 -4.93
CA GLY B 202 -25.53 18.19 -5.58
C GLY B 202 -25.44 16.86 -4.87
N VAL B 203 -26.25 16.66 -3.83
CA VAL B 203 -26.21 15.38 -3.11
C VAL B 203 -26.83 14.30 -3.98
N GLU B 204 -27.96 14.57 -4.60
CA GLU B 204 -28.68 13.56 -5.36
C GLU B 204 -28.17 13.43 -6.80
N ARG B 205 -27.10 14.14 -7.15
CA ARG B 205 -26.43 13.95 -8.42
C ARG B 205 -25.23 13.01 -8.27
N ILE B 206 -25.16 12.31 -7.15
CA ILE B 206 -24.03 11.44 -6.83
C ILE B 206 -24.41 9.99 -7.05
N GLU B 207 -23.68 9.30 -7.91
CA GLU B 207 -23.88 7.89 -8.17
C GLU B 207 -22.68 7.05 -7.71
N LEU B 208 -22.78 6.51 -6.51
CA LEU B 208 -21.78 5.59 -6.03
C LEU B 208 -22.02 4.20 -6.59
N PRO B 209 -20.97 3.47 -6.98
CA PRO B 209 -21.18 2.13 -7.52
C PRO B 209 -21.55 1.09 -6.49
N GLN B 210 -21.36 1.38 -5.20
CA GLN B 210 -21.44 0.36 -4.17
C GLN B 210 -22.50 0.74 -3.15
N PHE B 211 -22.80 2.02 -3.01
CA PHE B 211 -23.76 2.50 -2.02
C PHE B 211 -24.93 3.23 -2.67
N SER B 212 -25.83 3.75 -1.82
CA SER B 212 -26.87 4.65 -2.26
C SER B 212 -27.21 5.63 -1.13
N ILE B 213 -27.41 6.89 -1.48
CA ILE B 213 -27.70 7.91 -0.50
C ILE B 213 -29.21 7.99 -0.28
N VAL B 214 -29.67 7.63 0.92
CA VAL B 214 -31.09 7.72 1.23
C VAL B 214 -31.48 9.19 1.38
N GLU B 215 -30.91 9.87 2.38
CA GLU B 215 -31.16 11.29 2.62
C GLU B 215 -30.06 11.91 3.44
N HIS B 216 -29.82 13.20 3.22
CA HIS B 216 -28.87 13.98 4.00
C HIS B 216 -29.59 14.93 4.96
N ARG B 217 -28.87 15.41 5.96
CA ARG B 217 -29.39 16.37 6.92
C ARG B 217 -28.43 17.52 7.18
N LEU B 218 -28.93 18.57 7.81
CA LEU B 218 -28.16 19.79 8.09
C LEU B 218 -28.41 20.28 9.51
N VAL B 219 -27.50 19.95 10.42
CA VAL B 219 -27.66 20.25 11.83
C VAL B 219 -26.85 21.49 12.20
N SER B 220 -27.52 22.52 12.69
CA SER B 220 -26.88 23.75 13.14
C SER B 220 -27.00 23.87 14.66
N ARG B 221 -25.86 23.88 15.34
CA ARG B 221 -25.85 23.86 16.80
C ARG B 221 -24.62 24.55 17.35
N ASN B 222 -24.56 24.66 18.68
CA ASN B 222 -23.41 25.21 19.37
C ASN B 222 -22.93 24.26 20.45
N VAL B 223 -21.67 23.82 20.35
CA VAL B 223 -21.07 23.02 21.40
C VAL B 223 -20.72 23.91 22.58
N VAL B 224 -20.71 23.33 23.78
CA VAL B 224 -20.22 23.99 24.98
C VAL B 224 -19.07 23.19 25.56
N PHE B 225 -17.90 23.81 25.61
CA PHE B 225 -16.67 23.16 26.06
C PHE B 225 -16.09 23.89 27.26
N ALA B 226 -14.98 23.36 27.79
CA ALA B 226 -14.37 23.93 28.98
C ALA B 226 -13.70 25.27 28.69
N THR B 227 -13.19 25.45 27.48
CA THR B 227 -12.52 26.71 27.14
C THR B 227 -13.51 27.75 26.63
N GLY B 228 -14.72 27.33 26.32
CA GLY B 228 -15.71 28.24 25.79
C GLY B 228 -16.73 27.49 24.96
N ALA B 229 -17.68 28.25 24.43
CA ALA B 229 -18.72 27.69 23.57
C ALA B 229 -18.39 28.03 22.13
N TYR B 230 -18.24 27.00 21.30
CA TYR B 230 -17.84 27.17 19.91
C TYR B 230 -19.02 26.91 18.98
N PRO B 231 -19.06 27.53 17.81
CA PRO B 231 -20.09 27.19 16.83
C PRO B 231 -19.66 26.00 15.99
N ARG B 232 -20.63 25.13 15.69
CA ARG B 232 -20.34 23.92 14.93
C ARG B 232 -21.52 23.54 14.05
N LEU B 233 -21.28 23.48 12.74
CA LEU B 233 -22.25 22.91 11.82
C LEU B 233 -21.84 21.50 11.47
N SER B 234 -22.81 20.71 11.00
CA SER B 234 -22.54 19.32 10.65
C SER B 234 -23.44 18.79 9.54
N LEU B 235 -22.90 18.75 8.33
CA LEU B 235 -23.54 17.99 7.27
C LEU B 235 -23.46 16.51 7.58
N SER B 236 -24.59 15.83 7.51
CA SER B 236 -24.63 14.39 7.66
C SER B 236 -25.26 13.76 6.43
N PHE B 237 -24.90 12.52 6.16
CA PHE B 237 -25.50 11.73 5.09
C PHE B 237 -26.23 10.56 5.73
N ARG B 238 -26.90 9.75 4.91
CA ARG B 238 -27.24 8.39 5.30
C ARG B 238 -27.09 7.44 4.12
N LEU B 239 -26.02 6.65 4.14
CA LEU B 239 -25.70 5.75 3.05
C LEU B 239 -26.42 4.42 3.23
N LYS B 240 -26.96 3.89 2.14
CA LYS B 240 -27.47 2.54 2.11
C LYS B 240 -26.67 1.70 1.12
N ARG B 241 -26.17 0.56 1.58
CA ARG B 241 -25.41 -0.32 0.71
C ARG B 241 -26.36 -1.09 -0.22
N ASN B 242 -26.07 -1.06 -1.51
CA ASN B 242 -26.81 -1.88 -2.46
C ASN B 242 -26.34 -3.32 -2.41
N ILE B 243 -27.28 -4.25 -2.40
CA ILE B 243 -26.98 -5.66 -2.19
C ILE B 243 -27.11 -6.48 -3.46
N GLY B 244 -27.27 -5.82 -4.61
CA GLY B 244 -27.34 -6.53 -5.87
C GLY B 244 -26.04 -7.22 -6.25
N TYR B 245 -24.91 -6.69 -5.77
CA TYR B 245 -23.63 -7.36 -5.99
C TYR B 245 -23.56 -8.62 -5.14
N PHE B 246 -24.05 -8.55 -3.91
CA PHE B 246 -23.83 -9.63 -2.97
C PHE B 246 -24.73 -10.83 -3.19
N ILE B 247 -25.95 -10.59 -3.70
CA ILE B 247 -26.84 -11.70 -4.01
C ILE B 247 -26.27 -12.47 -5.20
N LEU B 248 -25.87 -11.75 -6.24
CA LEU B 248 -25.35 -12.40 -7.44
C LEU B 248 -23.98 -13.02 -7.21
N GLN B 249 -23.20 -12.46 -6.29
CA GLN B 249 -21.80 -12.84 -6.14
C GLN B 249 -21.58 -13.77 -4.96
N THR B 250 -22.28 -13.57 -3.84
CA THR B 250 -21.91 -14.17 -2.58
C THR B 250 -23.00 -15.05 -1.98
N TYR B 251 -24.28 -14.82 -2.30
CA TYR B 251 -25.36 -15.58 -1.71
C TYR B 251 -25.89 -16.69 -2.62
N MET B 252 -26.25 -16.34 -3.86
CA MET B 252 -26.74 -17.35 -4.80
C MET B 252 -25.81 -18.52 -5.12
N PRO B 253 -24.48 -18.33 -5.29
CA PRO B 253 -23.65 -19.54 -5.46
C PRO B 253 -23.60 -20.40 -4.22
N SER B 254 -23.62 -19.80 -3.03
CA SER B 254 -23.61 -20.59 -1.80
C SER B 254 -24.89 -21.39 -1.66
N ILE B 255 -26.03 -20.78 -2.05
CA ILE B 255 -27.32 -21.48 -2.05
C ILE B 255 -27.28 -22.65 -3.04
N LEU B 256 -26.75 -22.43 -4.24
CA LEU B 256 -26.76 -23.49 -5.23
C LEU B 256 -25.79 -24.63 -4.91
N ILE B 257 -24.66 -24.32 -4.25
CA ILE B 257 -23.75 -25.36 -3.80
C ILE B 257 -24.40 -26.16 -2.68
N THR B 258 -25.15 -25.48 -1.80
CA THR B 258 -25.83 -26.17 -0.70
C THR B 258 -26.94 -27.07 -1.24
N ILE B 259 -27.59 -26.65 -2.33
CA ILE B 259 -28.61 -27.49 -2.96
C ILE B 259 -27.95 -28.71 -3.60
N LEU B 260 -26.80 -28.50 -4.26
CA LEU B 260 -26.08 -29.63 -4.86
C LEU B 260 -25.49 -30.58 -3.85
N SER B 261 -25.37 -30.16 -2.59
CA SER B 261 -24.98 -31.09 -1.54
C SER B 261 -26.04 -32.16 -1.29
N TRP B 262 -27.29 -31.89 -1.66
CA TRP B 262 -28.43 -32.74 -1.34
C TRP B 262 -28.75 -33.77 -2.39
N VAL B 263 -27.96 -33.84 -3.46
CA VAL B 263 -28.29 -34.72 -4.58
C VAL B 263 -27.98 -36.15 -4.17
N SER B 264 -27.10 -36.33 -3.17
CA SER B 264 -26.75 -37.65 -2.66
C SER B 264 -27.90 -38.40 -2.00
N PHE B 265 -28.97 -37.71 -1.60
CA PHE B 265 -30.11 -38.42 -1.04
C PHE B 265 -30.90 -39.14 -2.12
N TRP B 266 -30.84 -38.65 -3.35
CA TRP B 266 -31.49 -39.31 -4.48
C TRP B 266 -30.53 -40.29 -5.12
N ILE B 267 -29.35 -40.48 -4.55
CA ILE B 267 -28.39 -41.48 -5.00
C ILE B 267 -28.49 -42.68 -4.05
N ASN B 268 -28.54 -43.88 -4.63
CA ASN B 268 -28.66 -45.12 -3.87
C ASN B 268 -27.49 -45.32 -2.91
N TYR B 269 -27.77 -46.01 -1.80
CA TYR B 269 -26.83 -46.07 -0.69
C TYR B 269 -25.66 -47.02 -0.94
N ASP B 270 -25.77 -47.87 -1.96
CA ASP B 270 -24.69 -48.81 -2.24
C ASP B 270 -23.51 -48.13 -2.90
N ALA B 271 -23.76 -47.02 -3.60
CA ALA B 271 -22.72 -46.29 -4.31
C ALA B 271 -21.96 -45.43 -3.30
N SER B 272 -20.80 -45.89 -2.87
CA SER B 272 -20.02 -45.14 -1.90
C SER B 272 -19.29 -43.98 -2.56
N ALA B 273 -18.62 -44.24 -3.68
CA ALA B 273 -17.82 -43.24 -4.36
C ALA B 273 -18.65 -42.23 -5.14
N ALA B 274 -19.97 -42.37 -5.16
CA ALA B 274 -20.84 -41.31 -5.63
C ALA B 274 -21.13 -40.29 -4.52
N ARG B 275 -21.71 -40.75 -3.41
CA ARG B 275 -22.14 -39.83 -2.37
C ARG B 275 -20.97 -39.22 -1.60
N VAL B 276 -19.91 -40.01 -1.39
CA VAL B 276 -18.72 -39.49 -0.71
C VAL B 276 -18.07 -38.40 -1.56
N ALA B 277 -17.88 -38.66 -2.86
CA ALA B 277 -17.27 -37.67 -3.74
C ALA B 277 -18.14 -36.44 -3.90
N LEU B 278 -19.46 -36.62 -3.91
CA LEU B 278 -20.38 -35.48 -4.01
C LEU B 278 -20.27 -34.59 -2.78
N GLY B 279 -20.43 -35.16 -1.58
CA GLY B 279 -20.35 -34.35 -0.37
C GLY B 279 -18.98 -33.74 -0.13
N ILE B 280 -17.93 -34.48 -0.46
CA ILE B 280 -16.57 -33.99 -0.33
C ILE B 280 -16.23 -32.85 -1.29
N THR B 281 -16.65 -32.96 -2.56
CA THR B 281 -16.35 -31.90 -3.51
C THR B 281 -17.24 -30.71 -3.17
N THR B 282 -18.38 -30.95 -2.53
CA THR B 282 -19.27 -29.86 -2.14
C THR B 282 -18.69 -29.07 -0.96
N VAL B 283 -18.10 -29.77 0.02
CA VAL B 283 -17.48 -29.02 1.13
C VAL B 283 -16.19 -28.36 0.65
N LEU B 284 -15.55 -28.92 -0.40
CA LEU B 284 -14.37 -28.27 -0.97
C LEU B 284 -14.78 -27.00 -1.70
N THR B 285 -15.92 -27.03 -2.39
CA THR B 285 -16.40 -25.87 -3.11
C THR B 285 -16.81 -24.77 -2.13
N MET B 286 -17.44 -25.16 -1.02
CA MET B 286 -17.79 -24.16 0.00
C MET B 286 -16.55 -23.57 0.64
N THR B 287 -15.49 -24.37 0.79
CA THR B 287 -14.24 -23.86 1.33
C THR B 287 -13.60 -22.87 0.35
N THR B 288 -13.62 -23.18 -0.95
CA THR B 288 -13.04 -22.26 -1.93
C THR B 288 -13.83 -20.96 -2.05
N ILE B 289 -15.15 -21.04 -1.91
CA ILE B 289 -15.97 -19.83 -1.95
C ILE B 289 -15.68 -18.98 -0.73
N ASN B 290 -15.58 -19.60 0.46
CA ASN B 290 -15.26 -18.83 1.66
C ASN B 290 -13.89 -18.18 1.62
N THR B 291 -12.89 -18.89 1.08
CA THR B 291 -11.56 -18.30 1.02
C THR B 291 -11.45 -17.21 -0.05
N HIS B 292 -12.14 -17.36 -1.18
CA HIS B 292 -12.08 -16.31 -2.18
C HIS B 292 -12.86 -15.08 -1.75
N LEU B 293 -13.94 -15.26 -0.97
CA LEU B 293 -14.63 -14.10 -0.46
C LEU B 293 -13.91 -13.50 0.74
N ARG B 294 -13.03 -14.28 1.38
CA ARG B 294 -12.13 -13.69 2.37
C ARG B 294 -11.11 -12.84 1.64
N GLU B 295 -10.71 -13.24 0.44
CA GLU B 295 -9.76 -12.45 -0.34
C GLU B 295 -10.35 -11.17 -0.92
N THR B 296 -11.51 -11.26 -1.60
CA THR B 296 -12.01 -10.11 -2.34
C THR B 296 -12.79 -9.08 -1.54
N LEU B 297 -13.52 -9.50 -0.53
CA LEU B 297 -14.24 -8.56 0.33
C LEU B 297 -13.21 -7.81 1.19
N PRO B 298 -13.51 -6.58 1.60
CA PRO B 298 -12.57 -5.84 2.44
C PRO B 298 -12.38 -6.48 3.80
N LYS B 299 -11.11 -6.58 4.22
CA LYS B 299 -10.73 -7.38 5.37
C LYS B 299 -11.11 -6.67 6.67
N ILE B 300 -12.22 -7.08 7.26
CA ILE B 300 -12.77 -6.46 8.46
C ILE B 300 -12.81 -7.54 9.54
N PRO B 301 -11.75 -7.70 10.33
CA PRO B 301 -11.66 -8.87 11.22
C PRO B 301 -12.55 -8.79 12.45
N TYR B 302 -13.87 -8.82 12.23
CA TYR B 302 -14.82 -9.32 13.21
C TYR B 302 -16.04 -9.92 12.54
N VAL B 303 -17.04 -10.28 13.34
CA VAL B 303 -18.14 -11.11 12.87
C VAL B 303 -19.16 -10.25 12.14
N LYS B 304 -19.43 -10.60 10.89
CA LYS B 304 -20.41 -9.90 10.07
C LYS B 304 -21.55 -10.86 9.71
N ALA B 305 -22.55 -10.35 8.99
CA ALA B 305 -23.71 -11.18 8.66
C ALA B 305 -23.38 -12.19 7.58
N ILE B 306 -22.50 -11.83 6.66
CA ILE B 306 -22.13 -12.75 5.59
C ILE B 306 -21.28 -13.88 6.16
N ASP B 307 -20.54 -13.62 7.25
CA ASP B 307 -19.76 -14.67 7.89
C ASP B 307 -20.68 -15.69 8.57
N MET B 308 -21.72 -15.19 9.24
CA MET B 308 -22.70 -16.08 9.88
C MET B 308 -23.43 -16.91 8.83
N TYR B 309 -23.76 -16.29 7.69
CA TYR B 309 -24.48 -17.02 6.64
C TYR B 309 -23.62 -18.09 5.97
N LEU B 310 -22.37 -17.74 5.61
CA LEU B 310 -21.49 -18.70 4.97
C LEU B 310 -21.10 -19.82 5.92
N MET B 311 -20.94 -19.51 7.21
CA MET B 311 -20.64 -20.54 8.19
C MET B 311 -21.83 -21.47 8.36
N GLY B 312 -23.05 -20.93 8.35
CA GLY B 312 -24.22 -21.78 8.46
C GLY B 312 -24.40 -22.69 7.25
N CYS B 313 -24.13 -22.17 6.05
CA CYS B 313 -24.21 -23.02 4.86
C CYS B 313 -23.12 -24.08 4.86
N PHE B 314 -21.92 -23.76 5.37
CA PHE B 314 -20.86 -24.76 5.49
C PHE B 314 -21.27 -25.85 6.46
N VAL B 315 -21.98 -25.48 7.54
CA VAL B 315 -22.46 -26.46 8.51
C VAL B 315 -23.52 -27.36 7.86
N PHE B 316 -24.39 -26.79 7.01
CA PHE B 316 -25.35 -27.63 6.29
C PHE B 316 -24.71 -28.66 5.36
N VAL B 317 -23.71 -28.23 4.60
CA VAL B 317 -23.05 -29.15 3.67
C VAL B 317 -22.23 -30.17 4.47
N PHE B 318 -21.75 -29.78 5.65
CA PHE B 318 -21.06 -30.71 6.54
C PHE B 318 -21.98 -31.79 7.08
N LEU B 319 -23.20 -31.41 7.49
CA LEU B 319 -24.16 -32.38 7.99
C LEU B 319 -24.66 -33.29 6.87
N ALA B 320 -24.68 -32.78 5.63
CA ALA B 320 -25.08 -33.60 4.50
C ALA B 320 -24.06 -34.67 4.10
N LEU B 321 -22.89 -34.71 4.74
CA LEU B 321 -21.92 -35.78 4.53
C LEU B 321 -21.85 -36.64 5.79
N LEU B 322 -22.07 -36.00 6.95
CA LEU B 322 -22.23 -36.79 8.18
C LEU B 322 -23.42 -37.75 8.09
N GLU B 323 -24.47 -37.35 7.38
CA GLU B 323 -25.62 -38.22 7.16
C GLU B 323 -25.23 -39.49 6.43
N TYR B 324 -24.42 -39.37 5.36
CA TYR B 324 -24.03 -40.56 4.63
C TYR B 324 -23.09 -41.43 5.46
N ALA B 325 -22.20 -40.82 6.24
CA ALA B 325 -21.33 -41.63 7.10
C ALA B 325 -22.14 -42.40 8.14
N PHE B 326 -23.21 -41.78 8.65
CA PHE B 326 -24.08 -42.44 9.61
C PHE B 326 -24.87 -43.58 8.95
N VAL B 327 -25.34 -43.37 7.73
CA VAL B 327 -26.05 -44.40 6.97
C VAL B 327 -25.15 -45.58 6.66
N ASN B 328 -23.91 -45.32 6.27
CA ASN B 328 -22.96 -46.37 5.92
C ASN B 328 -22.59 -47.17 7.16
N TYR B 329 -22.47 -46.51 8.32
CA TYR B 329 -22.18 -47.27 9.53
C TYR B 329 -23.39 -48.08 10.01
N ILE B 330 -24.60 -47.60 9.73
CA ILE B 330 -25.78 -48.37 10.10
C ILE B 330 -25.93 -49.60 9.19
N PHE B 331 -25.76 -49.42 7.89
CA PHE B 331 -25.99 -50.54 6.97
C PHE B 331 -24.83 -51.52 6.98
N PHE B 332 -23.63 -51.06 6.60
CA PHE B 332 -22.53 -51.98 6.40
C PHE B 332 -21.82 -52.32 7.70
N GLY B 333 -22.03 -51.54 8.76
CA GLY B 333 -21.36 -51.81 10.02
C GLY B 333 -22.23 -52.48 11.08
N ARG B 334 -23.46 -51.97 11.24
CA ARG B 334 -24.40 -52.54 12.20
C ARG B 334 -25.36 -53.49 11.50
N GLY B 335 -24.96 -53.98 10.34
CA GLY B 335 -25.63 -55.08 9.67
C GLY B 335 -25.48 -56.42 10.37
N PRO B 336 -24.25 -56.97 10.43
CA PRO B 336 -24.08 -58.34 10.96
C PRO B 336 -24.36 -58.47 12.45
N GLN B 337 -24.40 -57.38 13.22
CA GLN B 337 -24.79 -57.48 14.62
C GLN B 337 -26.30 -57.61 14.75
N ARG B 338 -27.03 -57.18 13.72
CA ARG B 338 -28.50 -57.26 13.62
C ARG B 338 -29.24 -56.62 14.78
N THR B 443 -33.50 -47.81 12.54
CA THR B 443 -32.43 -48.51 11.85
C THR B 443 -32.85 -48.93 10.45
N ASP B 444 -33.15 -47.95 9.60
CA ASP B 444 -33.62 -48.23 8.25
C ASP B 444 -33.10 -47.14 7.32
N VAL B 445 -32.44 -47.56 6.25
CA VAL B 445 -31.71 -46.63 5.38
C VAL B 445 -32.68 -45.73 4.59
N ASN B 446 -33.73 -46.34 4.02
CA ASN B 446 -34.68 -45.59 3.22
C ASN B 446 -35.47 -44.63 4.10
N ALA B 447 -35.69 -45.01 5.37
CA ALA B 447 -36.36 -44.12 6.31
C ALA B 447 -35.52 -42.89 6.62
N ILE B 448 -34.19 -43.07 6.76
CA ILE B 448 -33.31 -41.95 7.04
C ILE B 448 -33.22 -41.06 5.80
N ASP B 449 -33.24 -41.65 4.61
CA ASP B 449 -33.19 -40.83 3.40
C ASP B 449 -34.46 -40.02 3.18
N ARG B 450 -35.64 -40.65 3.40
CA ARG B 450 -36.90 -39.91 3.28
C ARG B 450 -37.01 -38.83 4.34
N TRP B 451 -36.63 -39.15 5.59
CA TRP B 451 -36.69 -38.17 6.67
C TRP B 451 -35.67 -37.07 6.46
N SER B 452 -34.55 -37.37 5.79
CA SER B 452 -33.57 -36.33 5.51
C SER B 452 -34.07 -35.39 4.42
N ARG B 453 -34.79 -35.94 3.43
CA ARG B 453 -35.40 -35.09 2.41
C ARG B 453 -36.52 -34.24 3.02
N ILE B 454 -37.12 -34.72 4.10
CA ILE B 454 -38.08 -33.89 4.81
C ILE B 454 -37.36 -32.82 5.62
N VAL B 455 -36.29 -33.17 6.31
CA VAL B 455 -35.68 -32.28 7.29
C VAL B 455 -34.75 -31.22 6.71
N PHE B 456 -33.75 -31.64 5.92
CA PHE B 456 -32.73 -30.68 5.45
C PHE B 456 -33.21 -29.52 4.57
N PRO B 457 -34.14 -29.68 3.62
CA PRO B 457 -34.67 -28.49 2.96
C PRO B 457 -35.55 -27.66 3.88
N PHE B 458 -36.26 -28.30 4.82
CA PHE B 458 -37.07 -27.55 5.76
C PHE B 458 -36.19 -26.82 6.77
N THR B 459 -35.08 -27.44 7.18
CA THR B 459 -34.16 -26.80 8.10
C THR B 459 -33.46 -25.64 7.39
N PHE B 460 -33.11 -25.83 6.12
CA PHE B 460 -32.47 -24.78 5.35
C PHE B 460 -33.43 -23.63 5.10
N SER B 461 -34.72 -23.94 4.93
CA SER B 461 -35.72 -22.89 4.74
C SER B 461 -35.96 -22.12 6.04
N LEU B 462 -35.96 -22.82 7.18
CA LEU B 462 -36.09 -22.12 8.46
C LEU B 462 -34.88 -21.26 8.74
N PHE B 463 -33.69 -21.72 8.35
CA PHE B 463 -32.48 -20.93 8.54
C PHE B 463 -32.52 -19.68 7.67
N ASN B 464 -32.96 -19.81 6.41
CA ASN B 464 -33.09 -18.64 5.56
C ASN B 464 -34.18 -17.70 6.05
N LEU B 465 -35.24 -18.25 6.67
CA LEU B 465 -36.30 -17.41 7.20
C LEU B 465 -35.80 -16.59 8.39
N VAL B 466 -35.08 -17.24 9.32
CA VAL B 466 -34.51 -16.55 10.47
C VAL B 466 -33.49 -15.51 10.03
N TYR B 467 -32.65 -15.86 9.07
CA TYR B 467 -31.62 -14.93 8.58
C TYR B 467 -32.22 -13.71 7.89
N TRP B 468 -33.11 -13.92 6.91
CA TRP B 468 -33.65 -12.82 6.13
C TRP B 468 -34.81 -12.11 6.81
N LEU B 469 -35.23 -12.56 7.99
CA LEU B 469 -36.08 -11.72 8.83
C LEU B 469 -35.27 -10.98 9.88
N TYR B 470 -34.17 -11.56 10.34
CA TYR B 470 -33.37 -10.94 11.39
C TYR B 470 -32.56 -9.77 10.84
N TYR B 471 -31.85 -9.97 9.73
CA TYR B 471 -30.96 -8.95 9.21
C TYR B 471 -31.64 -7.98 8.23
N VAL B 472 -32.95 -7.87 8.29
CA VAL B 472 -33.66 -6.83 7.54
C VAL B 472 -34.45 -5.95 8.50
N ASP C 65 17.89 46.94 -22.79
CA ASP C 65 16.88 47.33 -23.77
C ASP C 65 15.58 46.63 -23.44
N VAL C 66 15.61 45.30 -23.47
CA VAL C 66 14.42 44.49 -23.22
C VAL C 66 14.14 44.50 -21.72
N THR C 67 15.21 44.64 -20.91
CA THR C 67 15.06 44.81 -19.46
C THR C 67 14.26 46.07 -19.17
N VAL C 68 14.52 47.14 -19.91
CA VAL C 68 13.82 48.40 -19.75
C VAL C 68 12.36 48.23 -20.15
N ILE C 69 12.10 47.42 -21.17
CA ILE C 69 10.74 47.15 -21.63
C ILE C 69 9.96 46.41 -20.54
N LEU C 70 10.59 45.39 -19.93
CA LEU C 70 9.91 44.62 -18.89
C LEU C 70 9.67 45.43 -17.62
N ASN C 71 10.64 46.28 -17.25
CA ASN C 71 10.44 47.14 -16.08
C ASN C 71 9.41 48.22 -16.34
N ASN C 72 9.24 48.64 -17.60
CA ASN C 72 8.17 49.57 -17.91
C ASN C 72 6.82 48.87 -17.90
N LEU C 73 6.80 47.58 -18.29
CA LEU C 73 5.54 46.82 -18.24
C LEU C 73 5.08 46.56 -16.82
N LEU C 74 6.01 46.17 -15.94
CA LEU C 74 5.63 45.82 -14.57
C LEU C 74 5.30 47.03 -13.70
N GLU C 75 5.65 48.23 -14.15
CA GLU C 75 5.38 49.44 -13.38
C GLU C 75 3.89 49.76 -13.38
N GLY C 76 3.31 49.88 -12.18
CA GLY C 76 1.91 50.24 -12.07
C GLY C 76 0.92 49.16 -12.45
N TYR C 77 1.37 47.93 -12.63
CA TYR C 77 0.50 46.85 -13.05
C TYR C 77 -0.06 46.12 -11.83
N ASP C 78 -1.38 46.15 -11.69
CA ASP C 78 -2.07 45.45 -10.61
C ASP C 78 -2.52 44.09 -11.13
N ASN C 79 -1.97 43.03 -10.56
CA ASN C 79 -2.32 41.68 -10.94
C ASN C 79 -3.43 41.10 -10.07
N LYS C 80 -4.07 41.93 -9.25
CA LYS C 80 -5.28 41.52 -8.55
C LYS C 80 -6.48 41.73 -9.45
N LEU C 81 -6.33 42.54 -10.49
CA LEU C 81 -7.45 42.98 -11.31
C LEU C 81 -7.51 42.23 -12.63
N ARG C 82 -8.72 41.86 -13.03
CA ARG C 82 -8.97 41.43 -14.39
C ARG C 82 -8.68 42.57 -15.36
N PRO C 83 -8.02 42.30 -16.49
CA PRO C 83 -7.98 43.27 -17.57
C PRO C 83 -9.39 43.51 -18.12
N ASP C 84 -9.68 44.78 -18.40
CA ASP C 84 -10.96 45.25 -18.91
C ASP C 84 -12.07 44.95 -17.90
N ILE C 85 -11.88 45.43 -16.67
CA ILE C 85 -12.60 44.89 -15.52
C ILE C 85 -14.04 45.43 -15.51
N GLY C 86 -14.27 46.62 -16.06
CA GLY C 86 -15.61 47.12 -16.22
C GLY C 86 -15.94 47.35 -17.68
N VAL C 87 -14.99 47.01 -18.56
CA VAL C 87 -15.12 47.30 -19.97
C VAL C 87 -15.89 46.18 -20.67
N LYS C 88 -15.34 44.97 -20.65
CA LYS C 88 -15.88 43.88 -21.45
C LYS C 88 -15.44 42.54 -20.86
N PRO C 89 -16.13 41.45 -21.17
CA PRO C 89 -15.64 40.12 -20.78
C PRO C 89 -14.31 39.79 -21.46
N THR C 90 -13.40 39.23 -20.67
CA THR C 90 -12.08 38.84 -21.15
C THR C 90 -12.18 37.56 -21.97
N LEU C 91 -12.05 37.67 -23.29
CA LEU C 91 -12.13 36.52 -24.17
C LEU C 91 -10.82 35.76 -24.16
N ILE C 92 -10.88 34.47 -23.86
CA ILE C 92 -9.69 33.62 -23.78
C ILE C 92 -9.78 32.51 -24.82
N HIS C 93 -8.81 32.47 -25.72
CA HIS C 93 -8.71 31.40 -26.69
C HIS C 93 -7.79 30.31 -26.18
N THR C 94 -8.35 29.13 -25.94
CA THR C 94 -7.61 28.03 -25.34
C THR C 94 -7.18 26.99 -26.38
N ASP C 95 -6.14 26.24 -26.05
CA ASP C 95 -5.63 25.20 -26.92
C ASP C 95 -5.07 24.08 -26.05
N MET C 96 -5.06 22.87 -26.57
CA MET C 96 -4.74 21.68 -25.79
C MET C 96 -4.07 20.62 -26.63
N TYR C 97 -2.79 20.36 -26.36
CA TYR C 97 -2.07 19.30 -27.04
C TYR C 97 -1.91 18.08 -26.11
N VAL C 98 -2.73 17.07 -26.33
CA VAL C 98 -2.75 15.89 -25.49
C VAL C 98 -1.56 14.99 -25.80
N ASN C 99 -0.72 14.74 -24.80
CA ASN C 99 0.34 13.76 -24.99
C ASN C 99 -0.19 12.34 -24.94
N SER C 100 -0.75 11.93 -23.80
CA SER C 100 -1.15 10.56 -23.60
C SER C 100 -2.26 10.44 -22.57
N ILE C 101 -3.28 9.67 -22.89
CA ILE C 101 -4.27 9.23 -21.91
C ILE C 101 -3.73 7.99 -21.21
N GLY C 102 -3.61 8.06 -19.89
CA GLY C 102 -3.07 6.97 -19.11
C GLY C 102 -4.06 5.85 -18.92
N PRO C 103 -3.73 4.91 -18.04
CA PRO C 103 -4.57 3.71 -17.87
C PRO C 103 -5.87 4.08 -17.15
N VAL C 104 -6.99 3.77 -17.80
CA VAL C 104 -8.29 4.16 -17.26
C VAL C 104 -8.64 3.26 -16.08
N ASN C 105 -8.62 3.82 -14.87
CA ASN C 105 -8.99 3.09 -13.66
C ASN C 105 -10.48 2.81 -13.69
N ALA C 106 -10.86 1.55 -13.93
CA ALA C 106 -12.27 1.22 -13.97
C ALA C 106 -12.89 1.15 -12.59
N ILE C 107 -12.09 0.89 -11.56
CA ILE C 107 -12.62 0.73 -10.21
C ILE C 107 -12.88 2.09 -9.57
N ASN C 108 -11.87 2.95 -9.54
CA ASN C 108 -12.01 4.27 -8.93
C ASN C 108 -12.64 5.27 -9.89
N MET C 109 -12.91 4.84 -11.13
CA MET C 109 -13.54 5.63 -12.19
C MET C 109 -12.76 6.90 -12.52
N GLU C 110 -11.43 6.80 -12.47
CA GLU C 110 -10.52 7.84 -12.92
C GLU C 110 -9.97 7.50 -14.31
N TYR C 111 -9.24 8.45 -14.90
CA TYR C 111 -8.33 8.17 -15.99
C TYR C 111 -7.23 9.23 -16.02
N THR C 112 -6.00 8.79 -16.24
CA THR C 112 -4.87 9.71 -16.32
C THR C 112 -4.82 10.32 -17.72
N ILE C 113 -4.55 11.62 -17.80
CA ILE C 113 -4.28 12.30 -19.06
C ILE C 113 -3.19 13.35 -18.90
N ASP C 114 -2.23 13.36 -19.81
CA ASP C 114 -1.12 14.30 -19.83
C ASP C 114 -1.29 15.26 -21.01
N ILE C 115 -1.47 16.55 -20.71
CA ILE C 115 -1.68 17.55 -21.74
C ILE C 115 -0.68 18.69 -21.65
N PHE C 116 -0.51 19.40 -22.78
CA PHE C 116 -0.07 20.79 -22.78
C PHE C 116 -1.29 21.70 -22.92
N PHE C 117 -1.43 22.65 -22.00
CA PHE C 117 -2.61 23.49 -21.95
C PHE C 117 -2.27 24.96 -22.22
N ALA C 118 -2.64 25.45 -23.40
CA ALA C 118 -2.26 26.76 -23.87
C ALA C 118 -3.44 27.72 -23.83
N GLN C 119 -3.20 28.93 -23.35
CA GLN C 119 -4.19 30.00 -23.34
C GLN C 119 -3.66 31.24 -24.03
N THR C 120 -4.54 31.95 -24.74
CA THR C 120 -4.25 33.32 -25.17
C THR C 120 -5.32 34.31 -24.72
N TRP C 121 -4.87 35.53 -24.45
CA TRP C 121 -5.77 36.66 -24.18
C TRP C 121 -5.03 37.95 -24.47
N TYR C 122 -5.79 39.02 -24.65
CA TYR C 122 -5.21 40.36 -24.81
C TYR C 122 -5.24 41.16 -23.52
N ASP C 123 -4.07 41.52 -23.02
CA ASP C 123 -3.94 42.39 -21.86
C ASP C 123 -3.36 43.71 -22.35
N ARG C 124 -4.20 44.74 -22.38
CA ARG C 124 -3.82 46.03 -22.95
C ARG C 124 -3.06 46.88 -21.95
N ARG C 125 -2.83 46.37 -20.74
CA ARG C 125 -1.94 47.02 -19.80
C ARG C 125 -0.52 46.53 -20.03
N LEU C 126 -0.32 45.62 -20.97
CA LEU C 126 0.99 45.09 -21.29
C LEU C 126 1.41 45.49 -22.70
N LYS C 127 0.92 46.62 -23.19
CA LYS C 127 1.35 47.15 -24.46
C LYS C 127 2.76 47.72 -24.35
N PHE C 128 3.58 47.47 -25.38
CA PHE C 128 4.91 48.05 -25.46
C PHE C 128 5.25 48.32 -26.92
N ASN C 129 5.93 49.44 -27.16
CA ASN C 129 6.37 49.83 -28.50
C ASN C 129 7.87 49.68 -28.69
N SER C 130 8.28 48.68 -29.45
CA SER C 130 9.69 48.40 -29.68
C SER C 130 9.91 47.63 -30.98
N THR C 131 11.13 47.10 -31.15
CA THR C 131 11.53 46.44 -32.37
C THR C 131 11.40 44.94 -32.17
N ILE C 132 11.37 44.50 -30.91
CA ILE C 132 11.49 43.09 -30.59
C ILE C 132 10.20 42.33 -30.93
N LYS C 133 9.04 42.94 -30.61
CA LYS C 133 7.69 42.58 -31.06
C LYS C 133 7.16 41.31 -30.38
N VAL C 134 8.02 40.60 -29.66
CA VAL C 134 7.65 39.36 -28.99
C VAL C 134 8.55 39.13 -27.79
N LEU C 135 7.96 38.76 -26.66
CA LEU C 135 8.70 38.54 -25.42
C LEU C 135 8.62 37.09 -24.97
N ARG C 136 9.50 36.25 -25.51
CA ARG C 136 9.46 34.81 -25.28
C ARG C 136 10.10 34.48 -23.95
N LEU C 137 9.32 34.51 -22.88
CA LEU C 137 9.84 34.60 -21.53
C LEU C 137 9.86 33.26 -20.81
N ASN C 138 10.46 33.25 -19.63
CA ASN C 138 10.45 32.10 -18.73
C ASN C 138 9.15 31.99 -17.94
N SER C 139 9.16 31.17 -16.89
CA SER C 139 8.06 31.12 -15.93
C SER C 139 8.19 32.20 -14.85
N ASN C 140 9.16 33.10 -14.99
CA ASN C 140 9.42 34.10 -13.96
C ASN C 140 8.44 35.26 -14.01
N MET C 141 7.79 35.47 -15.16
CA MET C 141 6.88 36.59 -15.33
C MET C 141 5.48 36.17 -14.91
N VAL C 142 5.28 34.86 -14.72
CA VAL C 142 3.94 34.29 -14.51
C VAL C 142 3.29 34.81 -13.23
N GLY C 143 4.04 34.89 -12.14
CA GLY C 143 3.49 35.35 -10.88
C GLY C 143 3.25 36.84 -10.76
N LYS C 144 3.40 37.60 -11.84
CA LYS C 144 3.26 39.05 -11.81
C LYS C 144 2.20 39.51 -12.80
N ILE C 145 1.84 38.67 -13.76
CA ILE C 145 0.79 38.97 -14.73
C ILE C 145 -0.50 38.38 -14.15
N TRP C 146 -1.64 39.00 -14.46
CA TRP C 146 -2.92 38.33 -14.28
C TRP C 146 -2.99 37.04 -15.08
N ILE C 147 -3.13 35.93 -14.38
CA ILE C 147 -3.32 34.61 -14.99
C ILE C 147 -4.75 34.18 -14.71
N PRO C 148 -5.47 33.67 -15.70
CA PRO C 148 -6.86 33.23 -15.46
C PRO C 148 -6.91 32.03 -14.54
N ASP C 149 -7.88 32.04 -13.63
CA ASP C 149 -7.98 31.01 -12.61
C ASP C 149 -8.65 29.73 -13.11
N THR C 150 -8.16 29.18 -14.21
CA THR C 150 -8.80 28.05 -14.88
C THR C 150 -8.56 26.75 -14.11
N PHE C 151 -9.63 26.18 -13.57
CA PHE C 151 -9.55 24.89 -12.90
C PHE C 151 -10.21 23.86 -13.79
N PHE C 152 -9.79 22.60 -13.63
CA PHE C 152 -10.42 21.50 -14.33
C PHE C 152 -11.53 20.91 -13.47
N ARG C 153 -12.73 20.84 -14.03
CA ARG C 153 -13.94 20.74 -13.22
C ARG C 153 -14.15 19.30 -12.73
N ASN C 154 -13.63 18.31 -13.44
CA ASN C 154 -13.75 16.92 -13.02
C ASN C 154 -12.40 16.28 -12.70
N SER C 155 -11.43 17.08 -12.27
CA SER C 155 -10.15 16.53 -11.85
C SER C 155 -10.21 16.12 -10.39
N LYS C 156 -9.53 15.02 -10.06
CA LYS C 156 -9.27 14.64 -8.68
C LYS C 156 -7.84 14.95 -8.30
N LYS C 157 -6.90 14.74 -9.22
CA LYS C 157 -5.51 15.10 -9.03
C LYS C 157 -4.97 15.75 -10.29
N ALA C 158 -4.23 16.83 -10.12
CA ALA C 158 -3.64 17.52 -11.24
C ALA C 158 -2.37 18.22 -10.79
N ASP C 159 -1.29 18.04 -11.54
CA ASP C 159 0.01 18.64 -11.23
C ASP C 159 0.66 19.26 -12.45
N ALA C 160 0.89 20.57 -12.39
CA ALA C 160 1.93 21.15 -13.21
C ALA C 160 3.27 20.58 -12.77
N HIS C 161 4.18 20.40 -13.70
CA HIS C 161 5.45 19.77 -13.40
C HIS C 161 6.50 20.81 -13.07
N TRP C 162 7.49 20.42 -12.26
CA TRP C 162 8.46 21.36 -11.73
C TRP C 162 9.87 20.79 -11.90
N ILE C 163 10.06 19.96 -12.92
CA ILE C 163 11.36 19.40 -13.27
C ILE C 163 11.65 19.70 -14.73
N THR C 164 12.76 20.39 -15.00
CA THR C 164 13.78 20.75 -14.03
C THR C 164 13.52 22.15 -13.48
N THR C 165 12.65 22.85 -14.16
CA THR C 165 12.25 24.23 -13.92
C THR C 165 10.74 24.16 -13.81
N PRO C 166 10.04 25.24 -13.45
CA PRO C 166 8.60 25.27 -13.71
C PRO C 166 8.30 25.14 -15.20
N ASN C 167 7.49 24.14 -15.55
CA ASN C 167 7.09 23.95 -16.94
C ASN C 167 5.91 24.84 -17.32
N ARG C 168 6.14 26.14 -17.23
CA ARG C 168 5.23 27.16 -17.72
C ARG C 168 6.02 28.00 -18.73
N MET C 169 5.31 28.85 -19.45
CA MET C 169 5.96 29.75 -20.38
C MET C 169 5.08 30.97 -20.61
N LEU C 170 5.68 32.01 -21.18
CA LEU C 170 4.92 33.22 -21.46
C LEU C 170 5.50 33.96 -22.67
N ARG C 171 4.64 34.26 -23.64
CA ARG C 171 5.01 35.02 -24.82
C ARG C 171 4.15 36.27 -24.96
N ILE C 172 4.74 37.43 -24.72
CA ILE C 172 4.02 38.70 -24.80
C ILE C 172 4.38 39.41 -26.10
N TRP C 173 3.39 39.60 -26.97
CA TRP C 173 3.57 40.36 -28.19
C TRP C 173 3.21 41.82 -27.92
N ASN C 174 3.43 42.69 -28.91
CA ASN C 174 3.51 44.11 -28.64
C ASN C 174 2.16 44.80 -28.54
N ASP C 175 1.10 44.19 -29.09
CA ASP C 175 -0.23 44.76 -29.00
C ASP C 175 -0.93 44.33 -27.72
N GLY C 176 -0.28 43.50 -26.90
CA GLY C 176 -0.91 42.93 -25.74
C GLY C 176 -1.25 41.46 -25.85
N ARG C 177 -0.82 40.80 -26.93
CA ARG C 177 -1.14 39.38 -27.11
C ARG C 177 -0.22 38.55 -26.23
N VAL C 178 -0.82 37.64 -25.46
CA VAL C 178 -0.17 36.94 -24.36
C VAL C 178 -0.48 35.45 -24.46
N LEU C 179 0.57 34.62 -24.50
CA LEU C 179 0.43 33.17 -24.58
C LEU C 179 0.94 32.49 -23.33
N TYR C 180 0.08 31.71 -22.67
CA TYR C 180 0.41 31.00 -21.45
C TYR C 180 0.18 29.50 -21.61
N THR C 181 1.24 28.71 -21.48
CA THR C 181 1.18 27.28 -21.72
C THR C 181 1.89 26.52 -20.62
N LEU C 182 1.16 25.67 -19.91
CA LEU C 182 1.71 24.88 -18.82
C LEU C 182 1.41 23.42 -19.08
N ARG C 183 2.34 22.54 -18.70
CA ARG C 183 2.15 21.11 -18.88
C ARG C 183 1.45 20.51 -17.67
N LEU C 184 0.39 19.73 -17.94
CA LEU C 184 -0.45 19.17 -16.89
C LEU C 184 -0.68 17.67 -17.08
N THR C 185 -0.45 16.90 -16.01
CA THR C 185 -1.04 15.57 -15.89
C THR C 185 -2.28 15.65 -15.01
N ILE C 186 -3.33 14.94 -15.39
CA ILE C 186 -4.64 15.04 -14.75
C ILE C 186 -5.19 13.65 -14.50
N ASP C 187 -5.51 13.35 -13.24
CA ASP C 187 -6.32 12.16 -12.92
C ASP C 187 -7.81 12.50 -12.95
N ALA C 188 -8.33 12.69 -14.15
CA ALA C 188 -9.68 13.19 -14.31
C ALA C 188 -10.70 12.10 -13.99
N GLU C 189 -11.88 12.53 -13.56
CA GLU C 189 -12.96 11.64 -13.21
C GLU C 189 -13.92 11.49 -14.38
N CYS C 190 -14.41 10.27 -14.60
CA CYS C 190 -15.55 10.05 -15.47
C CYS C 190 -16.33 8.83 -15.01
N GLN C 191 -17.65 8.90 -15.15
CA GLN C 191 -18.50 7.79 -14.76
C GLN C 191 -18.53 6.73 -15.86
N LEU C 192 -18.36 5.48 -15.47
CA LEU C 192 -18.36 4.36 -16.40
C LEU C 192 -19.63 3.53 -16.22
N GLN C 193 -20.60 3.71 -17.11
CA GLN C 193 -21.80 2.90 -17.09
C GLN C 193 -21.48 1.47 -17.54
N LEU C 194 -21.39 0.56 -16.58
CA LEU C 194 -20.87 -0.78 -16.82
C LEU C 194 -21.99 -1.77 -17.08
N HIS C 195 -23.08 -1.34 -17.70
CA HIS C 195 -23.91 -2.23 -18.47
C HIS C 195 -23.12 -2.67 -19.70
N ASN C 196 -23.45 -3.86 -20.21
CA ASN C 196 -22.84 -4.47 -21.39
C ASN C 196 -21.34 -4.70 -21.23
N PHE C 197 -20.86 -4.90 -20.01
CA PHE C 197 -19.45 -5.23 -19.80
C PHE C 197 -19.19 -6.66 -20.27
N PRO C 198 -18.11 -6.91 -21.01
CA PRO C 198 -17.05 -6.01 -21.48
C PRO C 198 -17.16 -5.56 -22.94
N MET C 199 -18.34 -5.06 -23.34
CA MET C 199 -18.58 -4.65 -24.71
C MET C 199 -19.01 -3.17 -24.73
N ASP C 200 -18.63 -2.41 -23.72
CA ASP C 200 -19.17 -1.08 -23.49
C ASP C 200 -18.32 0.04 -24.06
N GLU C 201 -18.97 1.05 -24.61
CA GLU C 201 -18.30 2.29 -25.01
C GLU C 201 -18.49 3.34 -23.93
N HIS C 202 -17.63 4.35 -23.95
CA HIS C 202 -17.78 5.50 -23.07
C HIS C 202 -17.39 6.82 -23.72
N SER C 203 -17.84 7.91 -23.12
CA SER C 203 -17.35 9.26 -23.42
C SER C 203 -16.95 9.98 -22.14
N CYS C 204 -15.68 9.89 -21.79
CA CYS C 204 -15.20 10.52 -20.56
C CYS C 204 -14.85 11.99 -20.79
N PRO C 205 -15.45 12.92 -20.07
CA PRO C 205 -15.28 14.33 -20.37
C PRO C 205 -13.97 14.88 -19.82
N LEU C 206 -13.73 16.16 -20.08
CA LEU C 206 -12.73 16.95 -19.37
C LEU C 206 -13.17 18.41 -19.39
N GLU C 207 -13.79 18.85 -18.30
CA GLU C 207 -14.46 20.14 -18.24
C GLU C 207 -13.60 21.16 -17.54
N PHE C 208 -13.67 22.42 -18.00
CA PHE C 208 -12.93 23.48 -17.34
C PHE C 208 -13.55 24.86 -17.53
N SER C 209 -13.41 25.69 -16.50
CA SER C 209 -13.90 27.05 -16.51
C SER C 209 -13.04 27.93 -15.62
N SER C 210 -13.38 29.21 -15.54
CA SER C 210 -12.80 30.05 -14.52
C SER C 210 -13.40 29.67 -13.17
N TYR C 211 -12.69 29.99 -12.10
CA TYR C 211 -13.23 29.62 -10.79
C TYR C 211 -14.05 30.74 -10.20
N GLY C 212 -13.47 31.93 -10.07
CA GLY C 212 -14.14 33.03 -9.41
C GLY C 212 -14.85 33.95 -10.37
N TYR C 213 -14.50 33.87 -11.65
CA TYR C 213 -15.05 34.81 -12.62
C TYR C 213 -16.26 34.26 -13.36
N PRO C 214 -17.37 34.99 -13.37
CA PRO C 214 -18.58 34.51 -14.04
C PRO C 214 -18.54 34.60 -15.56
N ARG C 215 -19.70 34.33 -16.17
CA ARG C 215 -19.88 34.50 -17.61
C ARG C 215 -19.68 35.95 -18.04
N GLU C 216 -20.07 36.90 -17.19
CA GLU C 216 -19.95 38.31 -17.53
C GLU C 216 -18.53 38.83 -17.49
N GLU C 217 -17.59 38.05 -16.96
CA GLU C 217 -16.24 38.55 -16.74
C GLU C 217 -15.20 37.75 -17.49
N ILE C 218 -15.34 36.42 -17.55
CA ILE C 218 -14.50 35.59 -18.40
C ILE C 218 -15.34 34.71 -19.31
N VAL C 219 -15.11 34.81 -20.61
CA VAL C 219 -15.65 33.90 -21.60
C VAL C 219 -14.49 33.16 -22.24
N TYR C 220 -14.57 31.84 -22.26
CA TYR C 220 -13.61 31.05 -23.02
C TYR C 220 -14.11 30.78 -24.42
N GLN C 221 -13.17 30.58 -25.35
CA GLN C 221 -13.49 30.20 -26.70
C GLN C 221 -12.44 29.22 -27.20
N TRP C 222 -12.87 28.23 -27.97
CA TRP C 222 -11.89 27.38 -28.62
C TRP C 222 -11.22 28.12 -29.79
N LYS C 223 -10.01 27.68 -30.13
CA LYS C 223 -9.41 28.07 -31.39
C LYS C 223 -9.89 27.16 -32.51
N ARG C 224 -9.36 27.37 -33.72
CA ARG C 224 -9.80 26.57 -34.86
C ARG C 224 -9.26 25.15 -34.78
N SER C 225 -7.98 25.00 -34.44
CA SER C 225 -7.37 23.69 -34.21
C SER C 225 -7.35 23.39 -32.71
N SER C 226 -8.51 22.99 -32.17
CA SER C 226 -8.73 23.09 -30.74
C SER C 226 -7.98 22.04 -29.94
N VAL C 227 -8.07 20.77 -30.33
CA VAL C 227 -7.38 19.69 -29.64
C VAL C 227 -6.45 19.00 -30.62
N GLU C 228 -5.16 19.24 -30.48
CA GLU C 228 -4.14 18.60 -31.29
C GLU C 228 -3.67 17.34 -30.57
N VAL C 229 -3.57 16.24 -31.30
CA VAL C 229 -3.46 14.90 -30.73
C VAL C 229 -2.22 14.22 -31.29
N GLY C 230 -1.45 13.58 -30.41
CA GLY C 230 -0.32 12.76 -30.83
C GLY C 230 -0.70 11.46 -31.52
N ASP C 231 0.19 10.46 -31.43
CA ASP C 231 0.19 9.36 -32.38
C ASP C 231 -0.78 8.22 -32.06
N THR C 232 -1.25 8.14 -30.80
CA THR C 232 -2.20 7.19 -30.21
C THR C 232 -1.57 5.80 -30.04
N ARG C 233 -0.36 5.60 -30.58
CA ARG C 233 0.34 4.34 -30.49
C ARG C 233 1.34 4.36 -29.35
N SER C 234 1.62 5.54 -28.80
CA SER C 234 2.51 5.71 -27.66
C SER C 234 1.71 5.90 -26.38
N TRP C 235 0.41 5.69 -26.42
CA TRP C 235 -0.42 5.99 -25.27
C TRP C 235 -0.55 4.83 -24.30
N ARG C 236 -0.87 5.14 -23.05
CA ARG C 236 -1.03 4.12 -22.02
C ARG C 236 -2.46 3.60 -21.97
N LEU C 237 -2.99 3.16 -23.11
CA LEU C 237 -4.31 2.57 -23.18
C LEU C 237 -4.25 1.05 -23.29
N TYR C 238 -4.36 0.38 -22.14
CA TYR C 238 -4.34 -1.07 -22.12
C TYR C 238 -5.62 -1.66 -22.71
N GLN C 239 -6.75 -1.41 -22.07
CA GLN C 239 -7.95 -2.18 -22.35
C GLN C 239 -8.81 -1.49 -23.39
N PHE C 240 -8.74 -0.17 -23.48
CA PHE C 240 -9.69 0.58 -24.27
C PHE C 240 -9.05 1.00 -25.58
N SER C 241 -9.88 1.33 -26.55
CA SER C 241 -9.42 1.75 -27.87
C SER C 241 -9.92 3.14 -28.20
N PHE C 242 -9.00 4.02 -28.58
CA PHE C 242 -9.36 5.41 -28.88
C PHE C 242 -10.06 5.50 -30.22
N VAL C 243 -11.35 5.81 -30.21
CA VAL C 243 -12.17 5.74 -31.41
C VAL C 243 -12.74 7.08 -31.81
N GLY C 244 -12.77 8.07 -30.91
CA GLY C 244 -13.43 9.31 -31.23
C GLY C 244 -12.98 10.45 -30.33
N LEU C 245 -13.30 11.66 -30.78
CA LEU C 245 -12.93 12.87 -30.07
C LEU C 245 -13.82 14.03 -30.49
N ARG C 246 -14.28 14.81 -29.53
CA ARG C 246 -15.03 16.02 -29.83
C ARG C 246 -14.85 17.07 -28.75
N ASN C 247 -15.10 18.32 -29.11
CA ASN C 247 -15.19 19.42 -28.16
C ASN C 247 -16.62 19.93 -28.04
N THR C 248 -16.88 20.75 -27.04
CA THR C 248 -18.17 21.41 -26.89
C THR C 248 -18.07 22.69 -26.06
N THR C 249 -19.23 23.31 -25.83
CA THR C 249 -19.36 24.46 -24.95
C THR C 249 -20.73 24.45 -24.30
N GLU C 250 -20.77 24.52 -22.97
CA GLU C 250 -22.00 24.79 -22.25
C GLU C 250 -21.77 25.92 -21.25
N VAL C 251 -22.87 26.43 -20.71
CA VAL C 251 -22.85 27.38 -19.60
C VAL C 251 -23.65 26.82 -18.44
N VAL C 252 -22.97 26.56 -17.32
CA VAL C 252 -23.62 26.01 -16.14
C VAL C 252 -24.23 27.10 -15.28
N LYS C 253 -25.08 26.70 -14.33
CA LYS C 253 -25.61 27.60 -13.30
C LYS C 253 -25.25 27.09 -11.92
N THR C 254 -24.11 27.52 -11.39
CA THR C 254 -23.76 27.20 -10.02
C THR C 254 -24.26 28.33 -9.12
N THR C 255 -24.01 28.23 -7.82
CA THR C 255 -24.63 29.14 -6.86
C THR C 255 -24.01 30.52 -6.98
N SER C 256 -22.70 30.59 -7.21
CA SER C 256 -22.02 31.88 -7.30
C SER C 256 -22.36 32.65 -8.58
N GLY C 257 -22.73 31.97 -9.65
CA GLY C 257 -23.09 32.63 -10.88
C GLY C 257 -22.75 31.78 -12.08
N ASP C 258 -23.28 32.20 -13.23
CA ASP C 258 -23.15 31.41 -14.45
C ASP C 258 -21.72 31.41 -14.99
N TYR C 259 -21.19 30.22 -15.26
CA TYR C 259 -19.81 30.05 -15.71
C TYR C 259 -19.72 29.44 -17.09
N VAL C 260 -18.88 30.02 -17.94
CA VAL C 260 -18.63 29.48 -19.27
C VAL C 260 -17.73 28.26 -19.14
N VAL C 261 -18.28 27.08 -19.39
CA VAL C 261 -17.60 25.82 -19.16
C VAL C 261 -17.28 25.13 -20.47
N MET C 262 -15.99 25.12 -20.83
CA MET C 262 -15.52 24.31 -21.94
C MET C 262 -15.57 22.84 -21.57
N SER C 263 -15.48 21.98 -22.57
CA SER C 263 -15.26 20.56 -22.34
C SER C 263 -14.62 19.88 -23.53
N VAL C 264 -13.92 18.77 -23.26
CA VAL C 264 -13.47 17.84 -24.29
C VAL C 264 -13.93 16.44 -23.92
N TYR C 265 -14.73 15.83 -24.78
CA TYR C 265 -15.12 14.43 -24.58
C TYR C 265 -14.18 13.49 -25.30
N PHE C 266 -13.72 12.46 -24.59
CA PHE C 266 -12.89 11.41 -25.16
C PHE C 266 -13.67 10.11 -25.34
N ASP C 267 -14.06 9.82 -26.57
CA ASP C 267 -14.83 8.63 -26.87
C ASP C 267 -13.93 7.39 -26.86
N LEU C 268 -14.24 6.45 -25.98
CA LEU C 268 -13.47 5.22 -25.85
C LEU C 268 -14.37 4.01 -25.93
N SER C 269 -13.89 2.95 -26.59
CA SER C 269 -14.55 1.66 -26.59
C SER C 269 -13.53 0.55 -26.42
N ARG C 270 -13.99 -0.70 -26.45
CA ARG C 270 -13.20 -1.81 -25.95
C ARG C 270 -12.24 -2.43 -26.95
N ARG C 271 -11.17 -3.02 -26.44
CA ARG C 271 -10.49 -4.15 -27.06
C ARG C 271 -10.98 -5.44 -26.43
N MET C 272 -12.01 -6.06 -27.04
CA MET C 272 -12.77 -7.13 -26.40
C MET C 272 -11.96 -8.42 -26.33
N GLY C 273 -10.97 -8.59 -27.21
CA GLY C 273 -10.41 -9.90 -27.54
C GLY C 273 -9.59 -10.63 -26.49
N TYR C 274 -9.86 -10.34 -25.22
CA TYR C 274 -9.17 -10.85 -24.06
C TYR C 274 -10.07 -11.79 -23.27
N PHE C 275 -11.28 -11.33 -22.93
CA PHE C 275 -12.24 -12.12 -22.18
C PHE C 275 -12.82 -13.26 -23.00
N THR C 276 -12.59 -13.27 -24.31
CA THR C 276 -12.84 -14.45 -25.11
C THR C 276 -11.91 -15.57 -24.65
N ILE C 277 -10.62 -15.28 -24.58
CA ILE C 277 -9.62 -16.30 -24.27
C ILE C 277 -9.27 -16.29 -22.78
N GLN C 278 -10.10 -15.66 -21.96
CA GLN C 278 -9.99 -15.83 -20.51
C GLN C 278 -11.23 -16.46 -19.89
N THR C 279 -12.41 -16.05 -20.32
CA THR C 279 -13.59 -16.47 -19.56
C THR C 279 -14.64 -17.09 -20.47
N TYR C 280 -14.83 -16.54 -21.68
CA TYR C 280 -15.90 -17.01 -22.56
C TYR C 280 -15.64 -18.41 -23.13
N ILE C 281 -14.46 -18.61 -23.73
CA ILE C 281 -14.09 -19.95 -24.21
C ILE C 281 -14.01 -20.98 -23.10
N PRO C 282 -13.38 -20.70 -21.91
CA PRO C 282 -13.43 -21.74 -20.85
C PRO C 282 -14.82 -22.04 -20.31
N CYS C 283 -15.68 -21.03 -20.14
CA CYS C 283 -17.03 -21.32 -19.66
C CYS C 283 -17.84 -22.13 -20.65
N THR C 284 -17.74 -21.81 -21.95
CA THR C 284 -18.44 -22.61 -22.95
C THR C 284 -17.91 -24.04 -23.04
N LEU C 285 -16.58 -24.21 -22.98
CA LEU C 285 -16.03 -25.55 -23.04
C LEU C 285 -16.35 -26.37 -21.79
N ILE C 286 -16.51 -25.73 -20.64
CA ILE C 286 -16.81 -26.49 -19.43
C ILE C 286 -18.32 -26.78 -19.36
N VAL C 287 -19.16 -25.97 -20.03
CA VAL C 287 -20.55 -26.36 -20.23
C VAL C 287 -20.63 -27.60 -21.14
N VAL C 288 -19.83 -27.63 -22.21
CA VAL C 288 -19.76 -28.82 -23.07
C VAL C 288 -19.21 -30.00 -22.29
N LEU C 289 -18.28 -29.73 -21.37
CA LEU C 289 -17.67 -30.76 -20.54
C LEU C 289 -18.70 -31.32 -19.57
N SER C 290 -19.65 -30.49 -19.15
CA SER C 290 -20.76 -30.96 -18.33
C SER C 290 -21.70 -31.83 -19.16
N TRP C 291 -21.83 -31.50 -20.45
CA TRP C 291 -22.69 -32.30 -21.33
C TRP C 291 -22.11 -33.67 -21.62
N VAL C 292 -20.77 -33.78 -21.58
CA VAL C 292 -20.01 -35.02 -21.83
C VAL C 292 -20.55 -36.22 -21.04
N SER C 293 -21.07 -35.98 -19.83
CA SER C 293 -21.69 -37.01 -19.01
C SER C 293 -22.83 -37.79 -19.65
N PHE C 294 -23.55 -37.16 -20.58
CA PHE C 294 -24.73 -37.79 -21.16
C PHE C 294 -24.42 -38.99 -22.04
N TRP C 295 -23.21 -39.04 -22.62
CA TRP C 295 -22.81 -40.13 -23.48
C TRP C 295 -22.04 -41.19 -22.68
N ILE C 296 -22.34 -41.30 -21.38
CA ILE C 296 -21.78 -42.31 -20.50
C ILE C 296 -22.95 -43.08 -19.91
N ASN C 297 -22.80 -44.40 -19.76
CA ASN C 297 -23.84 -45.29 -19.28
C ASN C 297 -24.38 -44.90 -17.90
N LYS C 298 -25.64 -45.25 -17.66
CA LYS C 298 -26.35 -44.89 -16.43
C LYS C 298 -25.72 -45.57 -15.22
N ASP C 299 -25.21 -46.79 -15.39
CA ASP C 299 -24.75 -47.60 -14.28
C ASP C 299 -23.31 -47.33 -13.87
N ALA C 300 -22.68 -46.30 -14.43
CA ALA C 300 -21.44 -45.77 -13.90
C ALA C 300 -21.78 -44.50 -13.15
N VAL C 301 -22.30 -44.65 -11.94
CA VAL C 301 -22.75 -43.51 -11.14
C VAL C 301 -21.64 -42.66 -10.48
N PRO C 302 -20.48 -43.19 -10.03
CA PRO C 302 -19.47 -42.25 -9.50
C PRO C 302 -18.82 -41.40 -10.57
N ALA C 303 -18.73 -41.90 -11.80
CA ALA C 303 -18.17 -41.11 -12.88
C ALA C 303 -19.07 -39.94 -13.24
N ARG C 304 -20.38 -40.19 -13.33
CA ARG C 304 -21.34 -39.13 -13.62
C ARG C 304 -21.39 -38.12 -12.49
N THR C 305 -21.33 -38.61 -11.24
CA THR C 305 -21.38 -37.73 -10.08
C THR C 305 -20.13 -36.86 -10.01
N SER C 306 -18.95 -37.45 -10.25
CA SER C 306 -17.71 -36.69 -10.25
C SER C 306 -17.68 -35.68 -11.38
N LEU C 307 -18.16 -36.06 -12.57
CA LEU C 307 -18.36 -35.14 -13.69
C LEU C 307 -19.17 -33.92 -13.31
N GLY C 308 -20.37 -34.14 -12.77
CA GLY C 308 -21.24 -33.04 -12.40
C GLY C 308 -20.64 -32.14 -11.33
N ILE C 309 -20.17 -32.73 -10.23
CA ILE C 309 -19.79 -31.88 -9.11
C ILE C 309 -18.41 -31.22 -9.33
N THR C 310 -17.51 -31.85 -10.09
CA THR C 310 -16.20 -31.22 -10.29
C THR C 310 -16.35 -30.21 -11.42
N THR C 311 -17.35 -30.41 -12.30
CA THR C 311 -17.65 -29.41 -13.31
C THR C 311 -18.24 -28.17 -12.64
N VAL C 312 -19.03 -28.38 -11.58
CA VAL C 312 -19.55 -27.26 -10.80
C VAL C 312 -18.41 -26.53 -10.08
N LEU C 313 -17.46 -27.29 -9.52
CA LEU C 313 -16.30 -26.67 -8.86
C LEU C 313 -15.45 -25.85 -9.83
N THR C 314 -15.33 -26.31 -11.08
CA THR C 314 -14.53 -25.57 -12.04
C THR C 314 -15.32 -24.36 -12.54
N MET C 315 -16.65 -24.48 -12.58
CA MET C 315 -17.48 -23.30 -12.82
C MET C 315 -17.33 -22.25 -11.73
N THR C 316 -17.15 -22.69 -10.49
CA THR C 316 -16.97 -21.74 -9.40
C THR C 316 -15.56 -21.12 -9.50
N THR C 317 -14.61 -21.91 -9.97
CA THR C 317 -13.24 -21.43 -10.17
C THR C 317 -13.22 -20.40 -11.30
N LEU C 318 -14.13 -20.51 -12.26
CA LEU C 318 -14.23 -19.46 -13.28
C LEU C 318 -15.11 -18.29 -12.88
N SER C 319 -16.05 -18.50 -11.95
CA SER C 319 -16.88 -17.40 -11.47
C SER C 319 -16.10 -16.55 -10.50
N THR C 320 -15.00 -17.09 -9.96
CA THR C 320 -13.94 -16.29 -9.36
C THR C 320 -13.48 -15.12 -10.23
N ILE C 321 -13.25 -15.37 -11.53
CA ILE C 321 -12.72 -14.33 -12.42
C ILE C 321 -13.75 -13.26 -12.74
N ALA C 322 -15.03 -13.65 -12.79
CA ALA C 322 -16.17 -12.91 -13.35
C ALA C 322 -16.32 -11.46 -12.91
N ARG C 323 -15.74 -11.05 -11.77
CA ARG C 323 -15.75 -9.66 -11.36
C ARG C 323 -14.37 -9.15 -10.99
N LYS C 324 -13.40 -9.33 -11.88
CA LYS C 324 -12.01 -9.03 -11.53
C LYS C 324 -11.74 -7.53 -11.61
N SER C 325 -11.70 -6.97 -12.81
CA SER C 325 -11.28 -5.58 -13.00
C SER C 325 -12.48 -4.64 -12.97
N LEU C 326 -13.29 -4.72 -11.91
CA LEU C 326 -14.51 -3.94 -11.81
C LEU C 326 -14.72 -3.37 -10.41
N PRO C 327 -15.41 -2.24 -10.30
CA PRO C 327 -16.02 -1.88 -9.03
C PRO C 327 -17.20 -2.78 -8.74
N LYS C 328 -17.62 -2.79 -7.48
CA LYS C 328 -18.72 -3.64 -7.05
C LYS C 328 -20.08 -3.00 -7.36
N VAL C 329 -20.37 -2.83 -8.65
CA VAL C 329 -21.69 -2.40 -9.08
C VAL C 329 -22.71 -3.50 -8.80
N SER C 330 -23.93 -3.12 -8.50
CA SER C 330 -24.94 -4.02 -7.94
C SER C 330 -25.99 -4.41 -8.96
N TYR C 331 -25.59 -4.63 -10.20
CA TYR C 331 -26.47 -5.15 -11.23
C TYR C 331 -25.76 -6.18 -12.11
N VAL C 332 -26.53 -6.82 -12.97
CA VAL C 332 -26.04 -7.93 -13.78
C VAL C 332 -25.44 -7.38 -15.08
N THR C 333 -24.14 -7.58 -15.25
CA THR C 333 -23.49 -7.22 -16.50
C THR C 333 -23.68 -8.35 -17.52
N ALA C 334 -23.06 -8.21 -18.70
CA ALA C 334 -23.10 -9.32 -19.65
C ALA C 334 -22.17 -10.44 -19.22
N MET C 335 -21.04 -10.10 -18.59
CA MET C 335 -20.14 -11.12 -18.06
C MET C 335 -20.80 -11.92 -16.94
N ASP C 336 -21.44 -11.22 -16.01
CA ASP C 336 -22.12 -11.89 -14.90
C ASP C 336 -23.30 -12.72 -15.39
N LEU C 337 -24.05 -12.22 -16.37
CA LEU C 337 -25.17 -12.98 -16.93
C LEU C 337 -24.66 -14.24 -17.61
N PHE C 338 -23.55 -14.14 -18.34
CA PHE C 338 -22.99 -15.29 -19.04
C PHE C 338 -22.50 -16.36 -18.07
N VAL C 339 -21.71 -15.95 -17.07
CA VAL C 339 -21.16 -16.90 -16.09
C VAL C 339 -22.30 -17.48 -15.25
N SER C 340 -23.32 -16.68 -14.96
CA SER C 340 -24.44 -17.17 -14.16
C SER C 340 -25.31 -18.18 -14.90
N VAL C 341 -25.57 -17.94 -16.19
CA VAL C 341 -26.39 -18.89 -16.95
C VAL C 341 -25.58 -20.17 -17.22
N CYS C 342 -24.26 -20.05 -17.40
CA CYS C 342 -23.44 -21.26 -17.53
C CYS C 342 -23.43 -22.07 -16.24
N PHE C 343 -23.39 -21.40 -15.08
CA PHE C 343 -23.43 -22.10 -13.81
C PHE C 343 -24.80 -22.75 -13.60
N ILE C 344 -25.86 -22.08 -14.06
CA ILE C 344 -27.21 -22.64 -13.96
C ILE C 344 -27.34 -23.87 -14.85
N PHE C 345 -26.72 -23.85 -16.03
CA PHE C 345 -26.76 -25.02 -16.91
C PHE C 345 -26.01 -26.22 -16.34
N VAL C 346 -24.86 -25.99 -15.71
CA VAL C 346 -24.11 -27.09 -15.12
C VAL C 346 -24.86 -27.62 -13.90
N PHE C 347 -25.45 -26.72 -13.11
CA PHE C 347 -26.32 -27.06 -11.99
C PHE C 347 -27.47 -27.95 -12.46
N SER C 348 -28.10 -27.56 -13.57
CA SER C 348 -29.22 -28.31 -14.12
C SER C 348 -28.78 -29.65 -14.66
N ALA C 349 -27.54 -29.74 -15.15
CA ALA C 349 -27.03 -31.03 -15.62
C ALA C 349 -26.85 -32.02 -14.48
N LEU C 350 -26.29 -31.56 -13.36
CA LEU C 350 -26.10 -32.50 -12.25
C LEU C 350 -27.41 -32.85 -11.55
N VAL C 351 -28.34 -31.89 -11.47
CA VAL C 351 -29.66 -32.17 -10.89
C VAL C 351 -30.42 -33.08 -11.86
N GLU C 352 -30.15 -32.97 -13.16
CA GLU C 352 -30.74 -33.84 -14.16
C GLU C 352 -30.26 -35.27 -13.97
N TYR C 353 -28.97 -35.45 -13.66
CA TYR C 353 -28.50 -36.80 -13.40
C TYR C 353 -29.07 -37.34 -12.10
N GLY C 354 -29.30 -36.47 -11.12
CA GLY C 354 -29.97 -36.90 -9.90
C GLY C 354 -31.39 -37.39 -10.14
N THR C 355 -32.14 -36.66 -10.97
CA THR C 355 -33.49 -37.05 -11.32
C THR C 355 -33.53 -38.23 -12.30
N LEU C 356 -32.41 -38.50 -12.97
CA LEU C 356 -32.34 -39.67 -13.83
C LEU C 356 -32.01 -40.90 -13.00
N HIS C 357 -31.20 -40.72 -11.95
CA HIS C 357 -30.77 -41.86 -11.15
C HIS C 357 -31.87 -42.29 -10.18
N TYR C 358 -32.55 -41.33 -9.55
CA TYR C 358 -33.54 -41.75 -8.56
C TYR C 358 -34.82 -42.27 -9.21
N PHE C 359 -35.28 -41.63 -10.28
CA PHE C 359 -36.57 -41.98 -10.85
C PHE C 359 -36.54 -43.25 -11.68
N VAL C 360 -35.35 -43.83 -11.89
CA VAL C 360 -35.23 -45.05 -12.69
C VAL C 360 -34.66 -46.17 -11.84
N SER C 361 -33.51 -45.92 -11.22
CA SER C 361 -32.73 -46.98 -10.60
C SER C 361 -33.13 -47.22 -9.15
N ASN C 362 -33.34 -46.15 -8.39
CA ASN C 362 -33.59 -46.25 -6.96
C ASN C 362 -35.09 -46.26 -6.71
N ARG C 363 -35.87 -45.80 -7.69
CA ARG C 363 -37.34 -45.75 -7.69
C ARG C 363 -37.93 -45.00 -6.48
N ARG C 445 -41.16 -39.19 -19.89
CA ARG C 445 -40.49 -40.48 -19.80
C ARG C 445 -39.04 -40.31 -19.31
N ILE C 446 -38.80 -40.71 -18.06
CA ILE C 446 -37.51 -40.48 -17.43
C ILE C 446 -36.55 -41.58 -17.89
N ALA C 447 -37.09 -42.72 -18.32
CA ALA C 447 -36.24 -43.83 -18.77
C ALA C 447 -35.53 -43.56 -20.09
N LYS C 448 -35.92 -42.52 -20.83
CA LYS C 448 -35.28 -42.15 -22.09
C LYS C 448 -34.71 -40.73 -22.01
N MET C 449 -34.39 -40.26 -20.81
CA MET C 449 -34.23 -38.83 -20.59
C MET C 449 -32.82 -38.39 -21.03
N ASP C 450 -31.91 -39.33 -21.23
CA ASP C 450 -30.66 -39.00 -21.91
C ASP C 450 -30.89 -38.60 -23.36
N SER C 451 -31.76 -39.33 -24.08
CA SER C 451 -32.06 -39.00 -25.46
C SER C 451 -32.86 -37.71 -25.59
N TYR C 452 -33.49 -37.27 -24.49
CA TYR C 452 -34.11 -35.96 -24.48
C TYR C 452 -33.09 -34.87 -24.15
N ALA C 453 -32.19 -35.14 -23.19
CA ALA C 453 -31.25 -34.12 -22.73
C ALA C 453 -30.18 -33.81 -23.75
N ARG C 454 -29.73 -34.84 -24.51
CA ARG C 454 -28.72 -34.65 -25.55
C ARG C 454 -29.14 -33.68 -26.65
N ILE C 455 -30.44 -33.46 -26.82
CA ILE C 455 -30.94 -32.55 -27.82
C ILE C 455 -31.41 -31.28 -27.11
N PHE C 456 -31.97 -31.42 -25.90
CA PHE C 456 -32.55 -30.27 -25.22
C PHE C 456 -31.53 -29.28 -24.67
N PHE C 457 -30.41 -29.77 -24.13
CA PHE C 457 -29.43 -28.82 -23.61
C PHE C 457 -28.56 -28.12 -24.67
N PRO C 458 -28.07 -28.80 -25.72
CA PRO C 458 -27.39 -28.01 -26.76
C PRO C 458 -28.31 -27.08 -27.53
N THR C 459 -29.59 -27.41 -27.67
CA THR C 459 -30.53 -26.51 -28.34
C THR C 459 -30.72 -25.24 -27.50
N ALA C 460 -30.92 -25.41 -26.19
CA ALA C 460 -31.11 -24.26 -25.32
C ALA C 460 -29.84 -23.43 -25.19
N PHE C 461 -28.67 -24.07 -25.23
CA PHE C 461 -27.42 -23.32 -25.14
C PHE C 461 -27.13 -22.58 -26.44
N CYS C 462 -27.44 -23.19 -27.58
CA CYS C 462 -27.24 -22.50 -28.86
C CYS C 462 -28.22 -21.35 -29.03
N LEU C 463 -29.46 -21.53 -28.56
CA LEU C 463 -30.43 -20.43 -28.59
C LEU C 463 -30.03 -19.33 -27.63
N PHE C 464 -29.45 -19.70 -26.47
CA PHE C 464 -28.99 -18.69 -25.53
C PHE C 464 -27.81 -17.91 -26.10
N ASN C 465 -26.90 -18.59 -26.80
CA ASN C 465 -25.79 -17.88 -27.43
C ASN C 465 -26.27 -16.99 -28.57
N LEU C 466 -27.29 -17.45 -29.31
CA LEU C 466 -27.87 -16.67 -30.38
C LEU C 466 -28.46 -15.36 -29.83
N VAL C 467 -29.39 -15.49 -28.87
CA VAL C 467 -30.04 -14.34 -28.25
C VAL C 467 -29.02 -13.43 -27.56
N TYR C 468 -28.09 -14.03 -26.79
CA TYR C 468 -27.11 -13.27 -26.02
C TYR C 468 -26.13 -12.49 -26.90
N TRP C 469 -25.43 -13.17 -27.81
CA TRP C 469 -24.42 -12.50 -28.62
C TRP C 469 -25.03 -11.51 -29.60
N VAL C 470 -26.20 -11.83 -30.18
CA VAL C 470 -26.85 -10.89 -31.09
C VAL C 470 -27.38 -9.68 -30.32
N SER C 471 -27.96 -9.89 -29.14
CA SER C 471 -28.49 -8.78 -28.36
C SER C 471 -27.40 -7.87 -27.80
N TYR C 472 -26.26 -8.43 -27.42
CA TYR C 472 -25.22 -7.62 -26.80
C TYR C 472 -24.14 -7.13 -27.75
N LEU C 473 -24.12 -7.58 -29.01
CA LEU C 473 -23.31 -6.92 -30.02
C LEU C 473 -24.14 -6.07 -30.96
N TYR C 474 -25.14 -6.67 -31.62
CA TYR C 474 -25.85 -5.98 -32.70
C TYR C 474 -26.91 -5.03 -32.16
N LEU C 475 -27.30 -5.17 -30.91
CA LEU C 475 -28.33 -4.33 -30.32
C LEU C 475 -27.87 -3.71 -29.00
N LYS D 44 42.18 36.58 5.55
CA LYS D 44 41.27 37.72 5.50
C LYS D 44 41.22 38.28 4.09
N ASP D 45 42.35 38.20 3.38
CA ASP D 45 42.45 38.75 2.03
C ASP D 45 41.62 37.92 1.04
N ASN D 46 41.73 36.59 1.13
CA ASN D 46 41.02 35.71 0.20
C ASN D 46 39.52 35.79 0.44
N THR D 47 39.11 35.88 1.71
CA THR D 47 37.69 35.99 2.02
C THR D 47 37.10 37.32 1.54
N THR D 48 37.87 38.41 1.68
CA THR D 48 37.41 39.73 1.25
C THR D 48 37.29 39.79 -0.27
N VAL D 49 38.30 39.28 -0.98
CA VAL D 49 38.26 39.26 -2.45
C VAL D 49 37.12 38.38 -2.95
N PHE D 50 36.96 37.18 -2.35
CA PHE D 50 35.91 36.25 -2.74
C PHE D 50 34.52 36.83 -2.49
N THR D 51 34.34 37.50 -1.34
CA THR D 51 33.05 38.10 -1.00
C THR D 51 32.73 39.27 -1.92
N ARG D 52 33.75 40.06 -2.28
CA ARG D 52 33.53 41.20 -3.17
C ARG D 52 33.18 40.74 -4.57
N ILE D 53 33.83 39.67 -5.05
CA ILE D 53 33.53 39.11 -6.36
C ILE D 53 32.10 38.56 -6.39
N LEU D 54 31.69 37.87 -5.31
CA LEU D 54 30.31 37.38 -5.26
C LEU D 54 29.27 38.49 -5.16
N ASP D 55 29.58 39.56 -4.41
CA ASP D 55 28.60 40.62 -4.23
C ASP D 55 28.52 41.55 -5.43
N ARG D 56 29.57 41.63 -6.24
CA ARG D 56 29.53 42.47 -7.43
C ARG D 56 29.44 41.64 -8.69
N LEU D 57 29.17 40.34 -8.56
CA LEU D 57 28.89 39.52 -9.74
C LEU D 57 27.49 39.79 -10.26
N LEU D 58 26.56 40.12 -9.37
CA LEU D 58 25.15 40.29 -9.73
C LEU D 58 24.80 41.75 -9.97
N ASP D 59 25.75 42.53 -10.49
CA ASP D 59 25.49 43.91 -10.87
C ASP D 59 24.79 43.99 -12.21
N GLY D 60 23.58 44.56 -12.23
CA GLY D 60 22.84 44.76 -13.46
C GLY D 60 22.33 43.50 -14.14
N TYR D 61 22.35 42.37 -13.45
CA TYR D 61 21.95 41.10 -14.06
C TYR D 61 20.43 41.01 -14.10
N ASP D 62 19.92 40.36 -15.14
CA ASP D 62 18.52 39.94 -15.19
C ASP D 62 18.48 38.44 -15.44
N ASN D 63 17.61 37.75 -14.70
CA ASN D 63 17.44 36.31 -14.89
C ASN D 63 16.44 36.00 -16.00
N ARG D 64 15.63 36.98 -16.40
CA ARG D 64 14.56 36.74 -17.35
C ARG D 64 15.07 36.64 -18.78
N LEU D 65 16.30 37.08 -19.04
CA LEU D 65 16.82 37.19 -20.38
C LEU D 65 17.90 36.16 -20.71
N ARG D 66 17.77 35.56 -21.88
CA ARG D 66 18.74 34.61 -22.37
C ARG D 66 20.09 35.27 -22.65
N PRO D 67 21.20 34.61 -22.30
CA PRO D 67 22.52 35.05 -22.76
C PRO D 67 22.62 34.89 -24.27
N GLY D 68 22.93 35.98 -24.96
CA GLY D 68 22.69 36.01 -26.38
C GLY D 68 21.21 36.13 -26.66
N LEU D 69 20.64 37.26 -26.21
CA LEU D 69 19.21 37.46 -26.29
C LEU D 69 18.75 37.70 -27.72
N GLY D 70 19.25 38.78 -28.34
CA GLY D 70 19.04 39.03 -29.74
C GLY D 70 20.24 38.76 -30.60
N GLU D 71 21.33 38.25 -30.02
CA GLU D 71 22.58 38.06 -30.74
C GLU D 71 22.68 36.65 -31.33
N ARG D 72 22.66 35.64 -30.48
CA ARG D 72 23.02 34.29 -30.87
C ARG D 72 22.13 33.23 -30.24
N VAL D 73 22.53 31.97 -30.39
CA VAL D 73 21.80 30.82 -29.87
C VAL D 73 22.60 30.22 -28.71
N THR D 74 21.92 30.00 -27.58
CA THR D 74 22.58 29.44 -26.40
C THR D 74 22.90 27.97 -26.59
N GLU D 75 24.16 27.60 -26.42
CA GLU D 75 24.66 26.27 -26.74
C GLU D 75 24.78 25.44 -25.46
N VAL D 76 23.67 24.87 -25.02
CA VAL D 76 23.64 24.12 -23.77
C VAL D 76 24.11 22.69 -24.05
N LYS D 77 25.17 22.27 -23.36
CA LYS D 77 25.80 20.99 -23.60
C LYS D 77 25.55 20.03 -22.43
N THR D 78 24.77 18.98 -22.68
CA THR D 78 24.27 18.10 -21.64
C THR D 78 25.09 16.82 -21.47
N ASP D 79 24.98 16.24 -20.28
CA ASP D 79 25.70 15.01 -19.94
C ASP D 79 24.97 14.33 -18.80
N ILE D 80 24.76 13.02 -18.94
CA ILE D 80 24.04 12.22 -17.94
C ILE D 80 24.92 11.07 -17.50
N PHE D 81 25.05 10.88 -16.18
CA PHE D 81 25.50 9.62 -15.61
C PHE D 81 24.34 8.96 -14.89
N VAL D 82 23.94 7.79 -15.36
CA VAL D 82 22.83 7.04 -14.78
C VAL D 82 23.34 6.17 -13.64
N THR D 83 22.99 6.51 -12.41
CA THR D 83 23.45 5.72 -11.27
C THR D 83 22.65 4.42 -11.15
N SER D 84 21.36 4.53 -10.86
CA SER D 84 20.54 3.35 -10.60
C SER D 84 19.29 3.33 -11.48
N PHE D 85 19.37 2.58 -12.58
CA PHE D 85 18.27 2.41 -13.50
C PHE D 85 17.22 1.50 -12.86
N GLY D 86 16.22 2.11 -12.21
CA GLY D 86 15.37 1.39 -11.29
C GLY D 86 14.35 0.51 -11.96
N PRO D 87 13.32 0.10 -11.21
CA PRO D 87 12.46 -1.00 -11.65
C PRO D 87 11.52 -0.58 -12.77
N VAL D 88 11.66 -1.24 -13.92
CA VAL D 88 10.73 -1.05 -15.03
C VAL D 88 9.39 -1.67 -14.64
N SER D 89 8.36 -0.84 -14.57
CA SER D 89 7.02 -1.30 -14.23
C SER D 89 6.22 -1.69 -15.46
N ASP D 90 5.90 -2.97 -15.58
CA ASP D 90 5.09 -3.45 -16.70
C ASP D 90 3.63 -3.08 -16.53
N HIS D 91 3.19 -2.84 -15.30
CA HIS D 91 1.79 -2.54 -15.02
C HIS D 91 1.42 -1.12 -15.39
N ASP D 92 2.39 -0.25 -15.64
CA ASP D 92 2.13 1.16 -15.82
C ASP D 92 2.82 1.75 -17.05
N MET D 93 3.52 0.92 -17.82
CA MET D 93 4.34 1.33 -18.97
C MET D 93 5.36 2.41 -18.62
N GLU D 94 5.94 2.30 -17.43
CA GLU D 94 6.87 3.30 -16.92
C GLU D 94 8.16 2.67 -16.44
N TYR D 95 9.16 3.50 -16.16
CA TYR D 95 10.38 3.05 -15.52
C TYR D 95 11.01 4.18 -14.72
N THR D 96 11.42 3.88 -13.50
CA THR D 96 12.20 4.82 -12.73
C THR D 96 13.65 4.81 -13.20
N ILE D 97 14.15 5.97 -13.61
CA ILE D 97 15.58 6.16 -13.81
C ILE D 97 16.03 7.22 -12.81
N ASP D 98 17.24 7.06 -12.29
CA ASP D 98 17.74 7.87 -11.18
C ASP D 98 19.11 8.39 -11.56
N VAL D 99 19.16 9.61 -12.09
CA VAL D 99 20.33 10.11 -12.78
C VAL D 99 21.00 11.34 -12.20
N PHE D 100 22.33 11.38 -12.30
CA PHE D 100 22.93 12.71 -12.31
C PHE D 100 22.68 13.36 -13.66
N PHE D 101 22.58 14.68 -13.65
CA PHE D 101 22.29 15.42 -14.88
C PHE D 101 23.15 16.68 -14.95
N ARG D 102 24.15 16.65 -15.82
CA ARG D 102 25.10 17.74 -15.99
C ARG D 102 24.85 18.44 -17.32
N GLN D 103 24.59 19.73 -17.27
CA GLN D 103 24.48 20.53 -18.48
C GLN D 103 25.28 21.82 -18.36
N SER D 104 25.88 22.24 -19.47
CA SER D 104 26.85 23.33 -19.48
C SER D 104 26.60 24.30 -20.61
N TRP D 105 26.71 25.59 -20.31
CA TRP D 105 26.49 26.65 -21.28
C TRP D 105 27.27 27.88 -20.85
N LYS D 106 27.43 28.82 -21.77
CA LYS D 106 28.27 29.99 -21.54
C LYS D 106 27.46 31.26 -21.37
N ASP D 107 27.61 31.89 -20.22
CA ASP D 107 26.93 33.16 -19.89
C ASP D 107 27.99 34.25 -19.84
N GLU D 108 27.91 35.19 -20.78
CA GLU D 108 28.91 36.22 -20.93
C GLU D 108 28.67 37.34 -19.92
N ARG D 109 27.44 37.44 -19.41
CA ARG D 109 27.09 38.50 -18.48
C ARG D 109 27.72 38.34 -17.11
N LEU D 110 28.13 37.12 -16.76
CA LEU D 110 28.59 36.80 -15.43
C LEU D 110 30.05 36.39 -15.41
N LYS D 111 30.89 37.13 -16.12
CA LYS D 111 32.33 36.90 -16.11
C LYS D 111 32.98 37.70 -14.99
N PHE D 112 34.22 37.32 -14.66
CA PHE D 112 34.95 37.96 -13.58
C PHE D 112 36.45 37.76 -13.74
N LYS D 113 37.21 38.47 -12.91
CA LYS D 113 38.64 38.24 -12.75
C LYS D 113 38.96 37.90 -11.30
N GLY D 114 40.21 37.49 -11.07
CA GLY D 114 40.66 37.20 -9.72
C GLY D 114 41.65 36.05 -9.68
N PRO D 115 41.92 35.54 -8.48
CA PRO D 115 42.93 34.47 -8.36
C PRO D 115 42.45 33.14 -8.91
N MET D 116 41.19 32.79 -8.68
CA MET D 116 40.65 31.49 -9.09
C MET D 116 40.12 31.55 -10.52
N THR D 117 39.98 30.36 -11.13
CA THR D 117 39.26 30.22 -12.37
C THR D 117 37.86 29.67 -12.11
N VAL D 118 37.67 28.99 -10.98
CA VAL D 118 36.45 28.24 -10.68
C VAL D 118 35.75 28.88 -9.49
N LEU D 119 34.48 29.24 -9.69
CA LEU D 119 33.67 29.90 -8.67
C LEU D 119 32.54 29.01 -8.20
N ARG D 120 32.58 28.62 -6.92
CA ARG D 120 31.51 27.81 -6.34
C ARG D 120 30.37 28.70 -5.85
N LEU D 121 29.14 28.30 -6.12
CA LEU D 121 27.96 29.08 -5.77
C LEU D 121 27.05 28.35 -4.79
N ASN D 122 26.41 29.13 -3.92
CA ASN D 122 25.23 28.67 -3.20
C ASN D 122 24.09 28.50 -4.19
N ASN D 123 23.12 27.65 -3.85
CA ASN D 123 21.93 27.50 -4.68
C ASN D 123 21.03 28.72 -4.48
N LEU D 124 21.18 29.42 -3.36
CA LEU D 124 20.44 30.67 -3.15
C LEU D 124 20.89 31.72 -4.15
N MET D 125 22.19 31.76 -4.47
CA MET D 125 22.68 32.70 -5.46
C MET D 125 22.42 32.13 -6.85
N ALA D 126 22.45 30.80 -6.98
CA ALA D 126 22.18 30.16 -8.26
C ALA D 126 20.71 30.20 -8.66
N SER D 127 19.81 30.60 -7.76
CA SER D 127 18.41 30.78 -8.13
C SER D 127 18.22 32.12 -8.83
N LYS D 128 19.21 33.00 -8.75
CA LYS D 128 19.13 34.33 -9.36
C LYS D 128 19.94 34.38 -10.65
N ILE D 129 20.13 33.24 -11.30
CA ILE D 129 20.90 33.12 -12.54
C ILE D 129 20.01 32.36 -13.52
N TRP D 130 20.01 32.78 -14.79
CA TRP D 130 19.31 32.05 -15.84
C TRP D 130 19.82 30.63 -15.98
N THR D 131 18.88 29.68 -15.99
CA THR D 131 19.13 28.28 -16.33
C THR D 131 18.10 27.85 -17.35
N PRO D 132 18.46 26.97 -18.29
CA PRO D 132 17.52 26.63 -19.37
C PRO D 132 16.39 25.73 -18.88
N ASP D 133 15.19 26.02 -19.36
CA ASP D 133 14.01 25.28 -18.92
C ASP D 133 13.92 23.88 -19.52
N THR D 134 14.82 22.99 -19.11
CA THR D 134 14.83 21.63 -19.60
C THR D 134 13.69 20.83 -18.97
N PHE D 135 12.89 20.16 -19.79
CA PHE D 135 11.90 19.24 -19.27
C PHE D 135 11.96 17.92 -20.02
N PHE D 136 11.81 16.84 -19.29
CA PHE D 136 11.72 15.51 -19.88
C PHE D 136 10.35 15.32 -20.49
N HIS D 137 10.30 15.03 -21.79
CA HIS D 137 9.03 15.01 -22.52
C HIS D 137 8.04 13.95 -22.08
N ASN D 138 8.54 12.79 -21.64
CA ASN D 138 7.69 11.68 -21.25
C ASN D 138 7.85 11.36 -19.77
N GLY D 139 8.15 12.36 -18.95
CA GLY D 139 8.21 12.15 -17.52
C GLY D 139 6.85 12.30 -16.88
N LYS D 140 6.40 11.27 -16.17
CA LYS D 140 5.15 11.38 -15.43
C LYS D 140 5.30 12.28 -14.22
N LYS D 141 6.16 11.88 -13.29
CA LYS D 141 6.27 12.56 -12.00
C LYS D 141 7.66 12.34 -11.42
N SER D 142 8.51 13.35 -11.53
CA SER D 142 9.91 13.22 -11.19
C SER D 142 10.31 14.19 -10.09
N VAL D 143 11.40 13.88 -9.39
CA VAL D 143 11.72 14.49 -8.10
C VAL D 143 13.13 15.06 -8.12
N ALA D 144 13.25 16.34 -7.79
CA ALA D 144 14.55 16.92 -7.46
C ALA D 144 14.84 16.67 -5.99
N HIS D 145 15.98 16.03 -5.70
CA HIS D 145 16.29 15.60 -4.35
C HIS D 145 16.67 16.77 -3.46
N ASN D 146 16.23 16.73 -2.20
CA ASN D 146 16.47 17.81 -1.25
C ASN D 146 16.96 17.25 0.08
N MET D 147 17.96 16.38 0.03
CA MET D 147 18.58 15.84 1.24
C MET D 147 20.10 15.85 1.09
N THR D 148 20.81 16.50 2.01
CA THR D 148 20.24 17.23 3.14
C THR D 148 20.07 18.69 2.75
N MET D 149 20.85 19.11 1.76
CA MET D 149 20.70 20.35 1.03
C MET D 149 19.95 20.05 -0.25
N PRO D 150 19.52 21.06 -1.01
CA PRO D 150 19.14 20.79 -2.40
C PRO D 150 20.35 20.33 -3.19
N ASN D 151 20.20 19.21 -3.89
CA ASN D 151 21.32 18.62 -4.64
C ASN D 151 21.53 19.27 -6.00
N LYS D 152 21.69 20.59 -6.00
CA LYS D 152 22.05 21.35 -7.18
C LYS D 152 23.46 21.90 -7.02
N LEU D 153 24.09 22.20 -8.14
CA LEU D 153 25.43 22.77 -8.16
C LEU D 153 25.48 23.79 -9.28
N LEU D 154 26.32 24.82 -9.09
CA LEU D 154 26.62 25.73 -10.19
C LEU D 154 28.02 26.31 -10.05
N ARG D 155 28.94 25.81 -10.87
CA ARG D 155 30.28 26.39 -10.97
C ARG D 155 30.34 27.40 -12.10
N ILE D 156 31.17 28.43 -11.92
CA ILE D 156 31.48 29.38 -12.97
C ILE D 156 32.94 29.28 -13.32
N THR D 157 33.22 28.94 -14.58
CA THR D 157 34.56 29.10 -15.11
C THR D 157 34.75 30.55 -15.51
N GLU D 158 36.01 31.03 -15.46
CA GLU D 158 36.29 32.45 -15.56
C GLU D 158 35.97 33.03 -16.93
N ASP D 159 35.93 32.19 -17.97
CA ASP D 159 35.54 32.65 -19.29
C ASP D 159 34.03 32.71 -19.43
N GLY D 160 33.29 32.09 -18.51
CA GLY D 160 31.84 32.18 -18.50
C GLY D 160 31.12 30.87 -18.74
N THR D 161 31.82 29.77 -19.03
CA THR D 161 31.17 28.49 -19.28
C THR D 161 30.69 27.87 -17.97
N LEU D 162 29.37 27.84 -17.79
CA LEU D 162 28.79 27.37 -16.54
C LEU D 162 28.85 25.86 -16.40
N LEU D 163 28.37 25.35 -15.27
CA LEU D 163 28.37 23.92 -15.01
C LEU D 163 27.32 23.60 -13.96
N TYR D 164 26.30 22.84 -14.35
CA TYR D 164 25.07 22.73 -13.57
C TYR D 164 24.66 21.27 -13.39
N THR D 165 25.15 20.65 -12.32
CA THR D 165 24.92 19.24 -12.05
C THR D 165 23.84 19.09 -10.99
N MET D 166 22.93 18.14 -11.20
CA MET D 166 21.91 17.85 -10.21
C MET D 166 21.42 16.42 -10.27
N ARG D 167 21.14 15.86 -9.10
CA ARG D 167 20.68 14.48 -9.01
C ARG D 167 19.17 14.42 -9.15
N LEU D 168 18.70 13.85 -10.24
CA LEU D 168 17.29 13.74 -10.55
C LEU D 168 16.83 12.29 -10.42
N THR D 169 15.51 12.09 -10.44
CA THR D 169 14.93 10.74 -10.45
C THR D 169 13.65 10.76 -11.28
N VAL D 170 13.73 10.26 -12.50
CA VAL D 170 12.69 10.45 -13.50
C VAL D 170 11.85 9.19 -13.67
N ARG D 171 10.56 9.28 -13.38
CA ARG D 171 9.61 8.20 -13.66
C ARG D 171 9.07 8.35 -15.07
N ALA D 172 9.90 8.01 -16.05
CA ALA D 172 9.60 8.28 -17.45
C ALA D 172 8.55 7.30 -17.97
N GLU D 173 8.00 7.63 -19.13
CA GLU D 173 7.08 6.75 -19.84
C GLU D 173 7.82 5.93 -20.89
N CYS D 174 7.67 4.62 -20.82
CA CYS D 174 8.20 3.74 -21.86
C CYS D 174 7.05 3.04 -22.55
N PRO D 175 6.77 3.35 -23.82
CA PRO D 175 5.72 2.62 -24.54
C PRO D 175 6.15 1.20 -24.84
N MET D 176 5.60 0.26 -24.07
CA MET D 176 5.90 -1.14 -24.20
C MET D 176 4.76 -1.90 -24.85
N HIS D 177 5.10 -2.78 -25.78
CA HIS D 177 4.13 -3.64 -26.43
C HIS D 177 4.32 -5.10 -26.03
N LEU D 178 3.28 -5.68 -25.44
CA LEU D 178 3.32 -7.05 -24.93
C LEU D 178 2.70 -8.01 -25.93
N GLU D 179 2.90 -7.74 -27.22
CA GLU D 179 2.42 -8.65 -28.27
C GLU D 179 3.21 -9.95 -28.24
N ASP D 180 4.47 -9.88 -27.83
CA ASP D 180 5.36 -11.03 -27.73
C ASP D 180 5.79 -11.27 -26.28
N PHE D 181 4.85 -11.20 -25.36
CA PHE D 181 5.15 -11.55 -23.98
C PHE D 181 5.38 -13.05 -23.88
N PRO D 182 6.46 -13.50 -23.22
CA PRO D 182 7.56 -12.70 -22.68
C PRO D 182 8.81 -12.70 -23.55
N MET D 183 8.67 -13.01 -24.83
CA MET D 183 9.84 -13.06 -25.73
C MET D 183 10.02 -11.76 -26.50
N ASP D 184 10.20 -10.66 -25.79
CA ASP D 184 10.24 -9.34 -26.40
C ASP D 184 11.46 -8.51 -26.03
N ALA D 185 11.75 -7.52 -26.87
CA ALA D 185 12.61 -6.40 -26.51
C ALA D 185 11.80 -5.12 -26.43
N HIS D 186 12.26 -4.19 -25.60
CA HIS D 186 11.66 -2.87 -25.51
C HIS D 186 12.68 -1.76 -25.74
N ALA D 187 12.20 -0.60 -26.14
CA ALA D 187 13.03 0.59 -26.31
C ALA D 187 12.44 1.71 -25.47
N CYS D 188 13.09 2.00 -24.33
CA CYS D 188 12.60 3.00 -23.40
C CYS D 188 13.38 4.29 -23.51
N PRO D 189 12.76 5.38 -23.94
CA PRO D 189 13.52 6.61 -24.22
C PRO D 189 13.58 7.55 -23.01
N LEU D 190 14.53 8.47 -23.09
CA LEU D 190 14.48 9.74 -22.37
C LEU D 190 14.52 10.93 -23.32
N LYS D 191 13.38 11.53 -23.59
CA LYS D 191 13.29 12.70 -24.46
C LYS D 191 13.24 13.96 -23.61
N PHE D 192 14.23 14.83 -23.78
CA PHE D 192 14.20 16.11 -23.08
C PHE D 192 14.59 17.27 -23.97
N GLY D 193 13.79 18.33 -23.89
CA GLY D 193 14.07 19.55 -24.62
C GLY D 193 13.72 20.76 -23.77
N SER D 194 14.01 21.93 -24.31
CA SER D 194 13.62 23.16 -23.63
C SER D 194 12.12 23.38 -23.82
N TYR D 195 11.55 24.26 -23.00
CA TYR D 195 10.11 24.43 -22.98
C TYR D 195 9.68 25.72 -23.68
N ALA D 196 10.25 26.86 -23.29
CA ALA D 196 9.84 28.15 -23.84
C ALA D 196 10.75 28.63 -24.96
N TYR D 197 11.94 28.09 -25.08
CA TYR D 197 12.91 28.54 -26.07
C TYR D 197 13.01 27.54 -27.23
N THR D 198 12.90 28.06 -28.44
CA THR D 198 12.79 27.22 -29.64
C THR D 198 14.15 26.73 -30.15
N ARG D 199 14.16 26.19 -31.37
CA ARG D 199 15.40 25.80 -32.02
C ARG D 199 16.23 27.03 -32.36
N ALA D 200 15.56 28.14 -32.70
CA ALA D 200 16.25 29.37 -33.08
C ALA D 200 16.85 30.12 -31.90
N GLU D 201 16.57 29.71 -30.68
CA GLU D 201 17.02 30.43 -29.50
C GLU D 201 17.90 29.59 -28.58
N VAL D 202 17.63 28.30 -28.47
CA VAL D 202 18.50 27.38 -27.74
C VAL D 202 18.75 26.17 -28.61
N VAL D 203 19.96 25.62 -28.52
CA VAL D 203 20.30 24.32 -29.10
C VAL D 203 20.94 23.46 -28.03
N TYR D 204 20.36 22.29 -27.77
CA TYR D 204 20.99 21.32 -26.90
C TYR D 204 21.98 20.44 -27.67
N GLU D 205 23.14 20.20 -27.06
CA GLU D 205 24.14 19.29 -27.61
C GLU D 205 24.49 18.25 -26.57
N TRP D 206 25.42 17.36 -26.91
CA TRP D 206 26.07 16.51 -25.94
C TRP D 206 27.49 17.00 -25.72
N THR D 207 27.97 16.88 -24.47
CA THR D 207 29.34 17.32 -24.16
C THR D 207 30.36 16.43 -24.83
N ARG D 208 30.33 15.13 -24.53
CA ARG D 208 31.26 14.19 -25.12
C ARG D 208 30.79 13.80 -26.52
N GLU D 209 31.47 12.84 -27.12
CA GLU D 209 30.88 12.11 -28.24
C GLU D 209 29.64 11.39 -27.71
N PRO D 210 28.58 11.31 -28.52
CA PRO D 210 27.27 10.86 -27.99
C PRO D 210 27.24 9.40 -27.53
N ALA D 211 28.17 8.56 -28.00
CA ALA D 211 28.28 7.21 -27.48
C ALA D 211 28.82 7.19 -26.04
N ARG D 212 29.54 8.24 -25.63
CA ARG D 212 30.18 8.27 -24.33
C ARG D 212 29.48 9.21 -23.36
N SER D 213 28.47 9.94 -23.82
CA SER D 213 27.80 10.91 -22.95
C SER D 213 26.95 10.22 -21.90
N VAL D 214 25.92 9.49 -22.32
CA VAL D 214 25.02 8.83 -21.39
C VAL D 214 25.62 7.48 -21.03
N VAL D 215 26.34 7.44 -19.92
CA VAL D 215 26.99 6.23 -19.44
C VAL D 215 26.30 5.74 -18.17
N VAL D 216 25.80 4.51 -18.20
CA VAL D 216 25.18 3.93 -17.03
C VAL D 216 26.28 3.41 -16.10
N ALA D 217 25.92 3.20 -14.84
CA ALA D 217 26.83 2.53 -13.92
C ALA D 217 27.00 1.07 -14.31
N GLU D 218 28.14 0.50 -13.93
CA GLU D 218 28.30 -0.95 -14.03
C GLU D 218 27.44 -1.68 -13.00
N ASP D 219 27.14 -1.02 -11.88
CA ASP D 219 26.34 -1.60 -10.81
C ASP D 219 24.98 -0.93 -10.74
N GLY D 220 24.43 -0.56 -11.89
CA GLY D 220 23.14 0.09 -11.92
C GLY D 220 22.13 -0.66 -12.77
N SER D 221 22.23 -1.99 -12.80
CA SER D 221 21.19 -2.78 -13.45
C SER D 221 19.88 -2.64 -12.70
N ARG D 222 19.84 -3.19 -11.48
CA ARG D 222 18.67 -3.14 -10.56
C ARG D 222 17.33 -3.50 -11.19
N LEU D 223 17.35 -4.42 -12.14
CA LEU D 223 16.16 -4.91 -12.82
C LEU D 223 15.87 -6.33 -12.40
N ASN D 224 14.63 -6.58 -11.96
CA ASN D 224 14.24 -7.93 -11.62
C ASN D 224 14.07 -8.78 -12.88
N GLN D 225 13.50 -8.18 -13.93
CA GLN D 225 12.92 -8.95 -15.02
C GLN D 225 13.41 -8.48 -16.39
N TYR D 226 14.57 -7.85 -16.45
CA TYR D 226 15.15 -7.46 -17.73
C TYR D 226 16.67 -7.56 -17.78
N ASP D 227 17.21 -7.59 -18.99
CA ASP D 227 18.61 -7.28 -19.27
C ASP D 227 18.74 -5.97 -20.03
N LEU D 228 19.48 -5.02 -19.47
CA LEU D 228 19.81 -3.79 -20.18
C LEU D 228 20.85 -4.08 -21.26
N LEU D 229 20.41 -4.20 -22.50
CA LEU D 229 21.32 -4.49 -23.61
C LEU D 229 21.74 -3.21 -24.34
N GLY D 230 22.43 -2.34 -23.62
CA GLY D 230 23.03 -1.17 -24.25
C GLY D 230 22.07 -0.04 -24.52
N GLN D 231 22.51 1.18 -24.21
CA GLN D 231 21.72 2.37 -24.51
C GLN D 231 21.98 2.84 -25.93
N THR D 232 21.05 3.64 -26.45
CA THR D 232 21.20 4.24 -27.77
C THR D 232 20.73 5.69 -27.72
N VAL D 233 21.59 6.58 -28.19
CA VAL D 233 21.33 8.01 -28.16
C VAL D 233 20.96 8.53 -29.54
N ASP D 234 20.47 9.76 -29.59
CA ASP D 234 20.12 10.51 -30.79
C ASP D 234 19.88 11.95 -30.38
N SER D 235 20.17 12.88 -31.29
CA SER D 235 19.90 14.29 -31.09
C SER D 235 18.94 14.83 -32.15
N GLY D 236 17.63 14.66 -31.91
CA GLY D 236 16.63 14.93 -32.91
C GLY D 236 16.04 16.33 -32.78
N ILE D 237 15.09 16.61 -33.68
CA ILE D 237 14.34 17.85 -33.71
C ILE D 237 12.87 17.52 -33.87
N VAL D 238 12.04 18.02 -32.94
CA VAL D 238 10.61 17.74 -32.93
C VAL D 238 9.81 19.02 -33.10
N GLN D 239 8.96 19.05 -34.12
CA GLN D 239 8.11 20.20 -34.37
C GLN D 239 6.94 20.26 -33.37
N SER D 240 6.30 21.43 -33.31
CA SER D 240 5.07 21.60 -32.56
C SER D 240 4.24 22.74 -33.15
N SER D 241 3.22 23.17 -32.42
CA SER D 241 2.40 24.28 -32.91
C SER D 241 3.03 25.62 -32.54
N THR D 242 3.73 25.68 -31.41
CA THR D 242 4.30 26.92 -30.90
C THR D 242 5.74 27.10 -31.34
N GLY D 243 6.12 26.49 -32.46
CA GLY D 243 7.46 26.58 -33.00
C GLY D 243 8.10 25.20 -33.11
N GLU D 244 9.40 25.22 -33.35
CA GLU D 244 10.18 23.99 -33.46
C GLU D 244 11.25 23.92 -32.37
N TYR D 245 11.32 22.78 -31.70
CA TYR D 245 12.16 22.62 -30.53
C TYR D 245 13.23 21.55 -30.71
N VAL D 246 14.18 21.53 -29.79
CA VAL D 246 15.37 20.68 -29.89
C VAL D 246 15.31 19.60 -28.83
N VAL D 247 15.23 18.34 -29.26
CA VAL D 247 14.96 17.21 -28.38
C VAL D 247 16.12 16.24 -28.36
N MET D 248 16.68 16.00 -27.18
CA MET D 248 17.65 14.93 -26.98
C MET D 248 16.94 13.66 -26.54
N THR D 249 16.98 12.63 -27.38
CA THR D 249 16.42 11.34 -27.00
C THR D 249 17.55 10.44 -26.52
N THR D 250 17.21 9.47 -25.68
CA THR D 250 18.17 8.45 -25.26
C THR D 250 17.43 7.13 -25.02
N HIS D 251 17.44 6.25 -26.01
CA HIS D 251 16.74 4.99 -25.89
C HIS D 251 17.56 4.00 -25.07
N PHE D 252 16.89 3.28 -24.18
CA PHE D 252 17.46 2.13 -23.50
C PHE D 252 16.82 0.87 -24.05
N HIS D 253 17.64 -0.10 -24.44
CA HIS D 253 17.15 -1.33 -25.02
C HIS D 253 17.15 -2.46 -24.00
N LEU D 254 15.98 -3.06 -23.78
CA LEU D 254 15.76 -4.03 -22.73
C LEU D 254 15.37 -5.38 -23.30
N LYS D 255 15.40 -6.41 -22.46
CA LYS D 255 15.07 -7.76 -22.88
C LYS D 255 14.64 -8.59 -21.68
N ARG D 256 13.40 -9.06 -21.70
CA ARG D 256 12.84 -9.76 -20.54
C ARG D 256 13.43 -11.16 -20.41
N LYS D 257 13.82 -11.53 -19.20
CA LYS D 257 14.26 -12.89 -18.91
C LYS D 257 13.06 -13.85 -19.00
N ILE D 258 13.34 -15.10 -19.33
CA ILE D 258 12.30 -16.01 -19.78
C ILE D 258 12.12 -17.14 -18.77
N GLY D 259 13.15 -17.46 -17.96
CA GLY D 259 13.17 -18.72 -17.24
C GLY D 259 12.17 -18.80 -16.10
N TYR D 260 11.77 -17.66 -15.55
CA TYR D 260 10.77 -17.65 -14.49
C TYR D 260 9.41 -18.11 -15.04
N PHE D 261 9.06 -17.66 -16.23
CA PHE D 261 7.77 -18.06 -16.79
C PHE D 261 7.88 -19.45 -17.36
N VAL D 262 9.09 -19.93 -17.65
CA VAL D 262 9.29 -21.32 -18.00
C VAL D 262 8.96 -22.19 -16.80
N ILE D 263 9.54 -21.87 -15.63
CA ILE D 263 9.34 -22.76 -14.49
C ILE D 263 8.02 -22.53 -13.76
N GLN D 264 7.35 -21.41 -14.01
CA GLN D 264 6.06 -21.15 -13.36
C GLN D 264 4.87 -21.43 -14.26
N THR D 265 4.99 -21.14 -15.56
CA THR D 265 3.83 -21.14 -16.44
C THR D 265 3.95 -22.18 -17.53
N TYR D 266 5.09 -22.26 -18.22
CA TYR D 266 5.21 -23.20 -19.33
C TYR D 266 5.35 -24.65 -18.89
N LEU D 267 6.25 -24.94 -17.95
CA LEU D 267 6.40 -26.31 -17.48
C LEU D 267 5.19 -26.94 -16.80
N PRO D 268 4.42 -26.26 -15.93
CA PRO D 268 3.22 -26.92 -15.39
C PRO D 268 2.15 -27.16 -16.44
N CYS D 269 2.02 -26.28 -17.44
CA CYS D 269 1.06 -26.52 -18.51
C CYS D 269 1.49 -27.70 -19.38
N ILE D 270 2.79 -27.80 -19.68
CA ILE D 270 3.30 -28.94 -20.46
C ILE D 270 3.11 -30.24 -19.70
N MET D 271 3.44 -30.25 -18.41
CA MET D 271 3.30 -31.47 -17.63
C MET D 271 1.84 -31.83 -17.37
N THR D 272 0.95 -30.83 -17.36
CA THR D 272 -0.46 -31.13 -17.19
C THR D 272 -1.03 -31.72 -18.48
N VAL D 273 -0.54 -31.25 -19.64
CA VAL D 273 -0.99 -31.82 -20.90
C VAL D 273 -0.46 -33.26 -21.04
N ILE D 274 0.78 -33.50 -20.62
CA ILE D 274 1.34 -34.84 -20.66
C ILE D 274 0.58 -35.73 -19.67
N LEU D 275 0.13 -35.16 -18.54
CA LEU D 275 -0.65 -35.91 -17.58
C LEU D 275 -2.06 -36.18 -18.11
N SER D 276 -2.54 -35.34 -19.01
CA SER D 276 -3.82 -35.63 -19.66
C SER D 276 -3.63 -36.76 -20.66
N GLN D 277 -2.47 -36.79 -21.29
CA GLN D 277 -2.14 -37.88 -22.22
C GLN D 277 -1.90 -39.20 -21.50
N VAL D 278 -1.51 -39.13 -20.22
CA VAL D 278 -1.34 -40.30 -19.35
C VAL D 278 -2.59 -41.17 -19.31
N SER D 279 -3.77 -40.54 -19.39
CA SER D 279 -5.04 -41.27 -19.32
C SER D 279 -5.27 -42.25 -20.45
N PHE D 280 -4.65 -42.04 -21.61
CA PHE D 280 -4.88 -42.94 -22.75
C PHE D 280 -4.27 -44.32 -22.56
N TRP D 281 -3.16 -44.42 -21.83
CA TRP D 281 -2.51 -45.70 -21.65
C TRP D 281 -3.11 -46.55 -20.53
N LEU D 282 -4.34 -46.28 -20.12
CA LEU D 282 -5.03 -47.20 -19.23
C LEU D 282 -5.86 -48.18 -20.05
N ASN D 283 -6.74 -48.94 -19.39
CA ASN D 283 -7.73 -49.74 -20.07
C ASN D 283 -8.97 -48.92 -20.39
N ARG D 284 -9.93 -49.53 -21.09
CA ARG D 284 -11.12 -48.82 -21.54
C ARG D 284 -12.31 -49.13 -20.62
N GLU D 285 -12.06 -49.78 -19.48
CA GLU D 285 -13.16 -50.08 -18.56
C GLU D 285 -13.15 -49.18 -17.34
N SER D 286 -12.01 -48.59 -16.99
CA SER D 286 -11.91 -47.73 -15.81
C SER D 286 -12.49 -46.35 -16.08
N VAL D 287 -13.81 -46.30 -16.26
CA VAL D 287 -14.55 -45.08 -16.54
C VAL D 287 -14.40 -44.00 -15.47
N PRO D 288 -14.52 -44.28 -14.15
CA PRO D 288 -14.32 -43.18 -13.19
C PRO D 288 -12.89 -42.67 -13.13
N ALA D 289 -11.89 -43.55 -13.34
CA ALA D 289 -10.50 -43.12 -13.29
C ALA D 289 -10.16 -42.17 -14.44
N ARG D 290 -10.49 -42.56 -15.67
CA ARG D 290 -10.21 -41.71 -16.83
C ARG D 290 -11.09 -40.48 -16.82
N THR D 291 -12.27 -40.59 -16.21
CA THR D 291 -13.14 -39.43 -16.01
C THR D 291 -12.50 -38.42 -15.08
N VAL D 292 -11.95 -38.89 -13.94
CA VAL D 292 -11.28 -38.02 -12.99
C VAL D 292 -10.07 -37.37 -13.63
N PHE D 293 -9.31 -38.13 -14.43
CA PHE D 293 -8.25 -37.55 -15.26
C PHE D 293 -8.71 -36.39 -16.13
N GLY D 294 -9.67 -36.66 -17.02
CA GLY D 294 -10.12 -35.66 -17.98
C GLY D 294 -10.80 -34.45 -17.38
N VAL D 295 -11.41 -34.57 -16.22
CA VAL D 295 -12.08 -33.43 -15.62
C VAL D 295 -11.10 -32.62 -14.78
N THR D 296 -10.33 -33.29 -13.93
CA THR D 296 -9.56 -32.54 -12.97
C THR D 296 -8.29 -32.01 -13.62
N THR D 297 -7.88 -32.56 -14.77
CA THR D 297 -6.82 -31.87 -15.51
C THR D 297 -7.32 -30.58 -16.17
N VAL D 298 -8.61 -30.53 -16.54
CA VAL D 298 -9.19 -29.28 -17.01
C VAL D 298 -9.22 -28.30 -15.85
N LEU D 299 -9.53 -28.79 -14.64
CA LEU D 299 -9.51 -27.93 -13.46
C LEU D 299 -8.10 -27.41 -13.16
N THR D 300 -7.09 -28.26 -13.35
CA THR D 300 -5.71 -27.86 -13.11
C THR D 300 -5.28 -26.83 -14.15
N MET D 301 -5.70 -27.00 -15.40
CA MET D 301 -5.36 -26.01 -16.41
C MET D 301 -6.10 -24.69 -16.19
N THR D 302 -7.29 -24.76 -15.59
CA THR D 302 -8.01 -23.54 -15.25
C THR D 302 -7.29 -22.80 -14.15
N THR D 303 -6.78 -23.53 -13.15
CA THR D 303 -6.04 -22.92 -12.05
C THR D 303 -4.73 -22.31 -12.55
N LEU D 304 -4.06 -23.01 -13.48
CA LEU D 304 -2.82 -22.49 -14.05
C LEU D 304 -3.07 -21.28 -14.93
N SER D 305 -4.20 -21.25 -15.64
CA SER D 305 -4.53 -20.09 -16.45
C SER D 305 -4.83 -18.87 -15.59
N ILE D 306 -5.61 -19.07 -14.52
CA ILE D 306 -5.94 -17.99 -13.59
C ILE D 306 -4.70 -17.42 -12.93
N SER D 307 -3.88 -18.27 -12.32
CA SER D 307 -2.75 -17.77 -11.57
C SER D 307 -1.47 -17.81 -12.40
N ALA D 308 -1.60 -17.80 -13.72
CA ALA D 308 -0.59 -17.25 -14.59
C ALA D 308 -1.01 -15.94 -15.25
N ARG D 309 -2.31 -15.66 -15.33
CA ARG D 309 -2.73 -14.41 -15.94
C ARG D 309 -2.93 -13.31 -14.89
N ASN D 310 -3.22 -13.67 -13.63
CA ASN D 310 -3.43 -12.63 -12.63
C ASN D 310 -2.13 -11.92 -12.23
N SER D 311 -1.01 -12.64 -12.30
CA SER D 311 0.30 -12.10 -11.95
C SER D 311 0.97 -11.52 -13.20
N LEU D 312 0.23 -10.66 -13.90
CA LEU D 312 0.51 -10.29 -15.28
C LEU D 312 -0.37 -9.09 -15.63
N PRO D 313 0.20 -8.00 -16.15
CA PRO D 313 -0.57 -6.77 -16.35
C PRO D 313 -1.66 -6.90 -17.42
N LYS D 314 -2.79 -6.23 -17.14
CA LYS D 314 -4.05 -6.47 -17.84
C LYS D 314 -4.13 -5.74 -19.17
N VAL D 315 -3.26 -6.12 -20.11
CA VAL D 315 -3.49 -5.74 -21.50
C VAL D 315 -4.66 -6.56 -22.01
N ALA D 316 -5.52 -5.94 -22.81
CA ALA D 316 -6.69 -6.63 -23.35
C ALA D 316 -6.46 -7.07 -24.80
N TYR D 317 -5.47 -7.93 -24.99
CA TYR D 317 -5.25 -8.62 -26.25
C TYR D 317 -4.42 -9.87 -26.03
N ALA D 318 -4.30 -10.68 -27.07
CA ALA D 318 -3.80 -12.04 -26.94
C ALA D 318 -2.28 -12.03 -26.85
N THR D 319 -1.77 -12.09 -25.62
CA THR D 319 -0.35 -12.31 -25.41
C THR D 319 -0.01 -13.77 -25.73
N ALA D 320 1.27 -14.01 -26.02
CA ALA D 320 1.70 -15.34 -26.48
C ALA D 320 1.58 -16.39 -25.38
N MET D 321 1.73 -15.97 -24.12
CA MET D 321 1.47 -16.85 -23.00
C MET D 321 0.01 -17.29 -22.99
N ASP D 322 -0.90 -16.37 -23.30
CA ASP D 322 -2.32 -16.71 -23.34
C ASP D 322 -2.62 -17.64 -24.51
N TRP D 323 -1.92 -17.47 -25.64
CA TRP D 323 -2.04 -18.41 -26.75
C TRP D 323 -1.61 -19.81 -26.35
N PHE D 324 -0.47 -19.91 -25.67
CA PHE D 324 0.06 -21.21 -25.26
C PHE D 324 -0.85 -21.90 -24.25
N ILE D 325 -1.35 -21.14 -23.27
CA ILE D 325 -2.22 -21.72 -22.23
C ILE D 325 -3.54 -22.14 -22.85
N ALA D 326 -4.05 -21.36 -23.82
CA ALA D 326 -5.34 -21.71 -24.44
C ALA D 326 -5.21 -22.95 -25.32
N VAL D 327 -4.07 -23.11 -26.01
CA VAL D 327 -3.90 -24.28 -26.86
C VAL D 327 -3.67 -25.53 -26.01
N CYS D 328 -2.90 -25.40 -24.92
CA CYS D 328 -2.71 -26.54 -24.01
C CYS D 328 -4.03 -26.94 -23.34
N TYR D 329 -4.87 -25.96 -23.04
CA TYR D 329 -6.19 -26.21 -22.48
C TYR D 329 -7.06 -26.92 -23.51
N ALA D 330 -6.92 -26.54 -24.79
CA ALA D 330 -7.64 -27.22 -25.86
C ALA D 330 -7.20 -28.67 -26.00
N PHE D 331 -5.90 -28.94 -25.81
CA PHE D 331 -5.43 -30.33 -25.81
C PHE D 331 -6.06 -31.16 -24.70
N VAL D 332 -6.15 -30.61 -23.49
CA VAL D 332 -6.74 -31.35 -22.37
C VAL D 332 -8.23 -31.60 -22.62
N PHE D 333 -8.93 -30.60 -23.17
CA PHE D 333 -10.34 -30.76 -23.49
C PHE D 333 -10.53 -31.82 -24.57
N SER D 334 -9.63 -31.85 -25.55
CA SER D 334 -9.69 -32.85 -26.61
C SER D 334 -9.43 -34.25 -26.06
N ALA D 335 -8.61 -34.36 -25.02
CA ALA D 335 -8.40 -35.64 -24.38
C ALA D 335 -9.68 -36.18 -23.73
N LEU D 336 -10.43 -35.31 -23.04
CA LEU D 336 -11.65 -35.88 -22.44
C LEU D 336 -12.75 -36.12 -23.48
N ILE D 337 -12.77 -35.34 -24.56
CA ILE D 337 -13.69 -35.63 -25.66
C ILE D 337 -13.35 -36.97 -26.29
N GLU D 338 -12.04 -37.30 -26.35
CA GLU D 338 -11.60 -38.59 -26.86
C GLU D 338 -12.12 -39.70 -25.94
N PHE D 339 -12.08 -39.48 -24.62
CA PHE D 339 -12.57 -40.51 -23.72
C PHE D 339 -14.08 -40.71 -23.81
N ALA D 340 -14.84 -39.62 -24.05
CA ALA D 340 -16.28 -39.77 -24.27
C ALA D 340 -16.55 -40.59 -25.54
N THR D 341 -15.73 -40.38 -26.57
CA THR D 341 -15.86 -41.13 -27.81
C THR D 341 -15.52 -42.61 -27.56
N VAL D 342 -14.54 -42.86 -26.69
CA VAL D 342 -14.21 -44.25 -26.33
C VAL D 342 -15.35 -44.90 -25.56
N ASN D 343 -15.90 -44.17 -24.58
CA ASN D 343 -16.91 -44.71 -23.68
C ASN D 343 -18.25 -44.90 -24.36
N TYR D 344 -18.45 -44.35 -25.56
CA TYR D 344 -19.65 -44.72 -26.32
C TYR D 344 -19.63 -46.18 -26.76
N PHE D 345 -18.45 -46.77 -26.96
CA PHE D 345 -18.33 -48.03 -27.69
C PHE D 345 -17.84 -49.21 -26.85
N THR D 346 -18.37 -49.39 -25.64
CA THR D 346 -17.70 -50.21 -24.63
C THR D 346 -18.30 -51.61 -24.52
N LYS D 347 -19.64 -51.70 -24.48
CA LYS D 347 -20.49 -52.91 -24.55
C LYS D 347 -20.47 -53.74 -23.26
N ARG D 348 -19.55 -53.44 -22.34
CA ARG D 348 -19.46 -54.22 -21.11
C ARG D 348 -18.79 -53.44 -19.98
N GLY D 349 -18.82 -54.02 -18.78
CA GLY D 349 -18.36 -53.32 -17.60
C GLY D 349 -17.23 -54.00 -16.85
N TYR D 350 -16.68 -55.06 -17.42
CA TYR D 350 -15.61 -55.82 -16.79
C TYR D 350 -14.35 -55.80 -17.65
N ALA D 351 -13.20 -55.68 -17.00
CA ALA D 351 -11.93 -55.66 -17.70
C ALA D 351 -11.37 -57.08 -17.81
N TRP D 352 -10.14 -57.18 -18.34
CA TRP D 352 -9.52 -58.47 -18.56
C TRP D 352 -9.11 -59.12 -17.24
N ASP D 353 -9.47 -60.39 -17.08
CA ASP D 353 -9.11 -61.13 -15.87
C ASP D 353 -7.62 -61.43 -15.80
N GLY D 354 -7.17 -61.91 -14.64
CA GLY D 354 -5.85 -62.51 -14.55
C GLY D 354 -5.73 -63.80 -15.35
N LYS D 355 -6.83 -64.52 -15.50
CA LYS D 355 -6.84 -65.76 -16.27
C LYS D 355 -7.15 -65.49 -17.73
N LYS D 419 -15.67 -67.05 -20.99
CA LYS D 419 -16.30 -65.83 -21.50
C LYS D 419 -15.33 -65.07 -22.40
N THR D 420 -15.81 -63.98 -22.98
CA THR D 420 -14.98 -63.10 -23.79
C THR D 420 -14.75 -61.76 -23.11
N PHE D 421 -13.97 -60.89 -23.75
CA PHE D 421 -13.53 -59.64 -23.15
C PHE D 421 -13.56 -58.51 -24.16
N ASN D 422 -12.92 -57.39 -23.80
CA ASN D 422 -12.75 -56.27 -24.73
C ASN D 422 -11.46 -56.36 -25.51
N SER D 423 -11.53 -56.02 -26.80
CA SER D 423 -10.34 -55.60 -27.51
C SER D 423 -9.89 -54.22 -27.02
N VAL D 424 -8.60 -53.93 -27.18
CA VAL D 424 -8.11 -52.58 -26.99
C VAL D 424 -8.68 -51.72 -28.11
N SER D 425 -9.18 -50.54 -27.77
CA SER D 425 -9.82 -49.66 -28.75
C SER D 425 -8.86 -49.19 -29.83
N LYS D 426 -9.38 -49.05 -31.05
CA LYS D 426 -8.56 -48.56 -32.16
C LYS D 426 -8.24 -47.08 -32.01
N ILE D 427 -9.17 -46.30 -31.45
CA ILE D 427 -8.95 -44.87 -31.32
C ILE D 427 -8.11 -44.56 -30.09
N ASP D 428 -7.89 -45.55 -29.23
CA ASP D 428 -6.87 -45.43 -28.21
C ASP D 428 -5.52 -45.69 -28.87
N ARG D 429 -5.49 -46.58 -29.86
CA ARG D 429 -4.25 -46.90 -30.55
C ARG D 429 -3.82 -45.78 -31.49
N LEU D 430 -4.75 -44.92 -31.90
CA LEU D 430 -4.43 -43.83 -32.81
C LEU D 430 -4.19 -42.53 -32.06
N SER D 431 -4.73 -42.39 -30.85
CA SER D 431 -4.54 -41.17 -30.07
C SER D 431 -3.13 -41.10 -29.51
N ARG D 432 -2.52 -42.26 -29.22
CA ARG D 432 -1.13 -42.32 -28.77
C ARG D 432 -0.16 -41.81 -29.83
N ILE D 433 -0.51 -41.95 -31.10
CA ILE D 433 0.33 -41.48 -32.19
C ILE D 433 -0.07 -40.04 -32.48
N ALA D 434 -1.35 -39.72 -32.32
CA ALA D 434 -1.85 -38.40 -32.70
C ALA D 434 -1.41 -37.31 -31.73
N PHE D 435 -1.85 -37.38 -30.47
CA PHE D 435 -1.69 -36.24 -29.57
C PHE D 435 -0.27 -35.85 -29.14
N PRO D 436 0.64 -36.79 -28.80
CA PRO D 436 2.01 -36.33 -28.49
C PRO D 436 2.75 -35.78 -29.69
N LEU D 437 2.46 -36.30 -30.90
CA LEU D 437 3.08 -35.77 -32.10
C LEU D 437 2.58 -34.36 -32.39
N LEU D 438 1.26 -34.14 -32.22
CA LEU D 438 0.70 -32.80 -32.40
C LEU D 438 1.22 -31.83 -31.35
N PHE D 439 1.45 -32.32 -30.14
CA PHE D 439 1.99 -31.47 -29.08
C PHE D 439 3.43 -31.09 -29.39
N GLY D 440 4.20 -32.02 -29.94
CA GLY D 440 5.57 -31.71 -30.33
C GLY D 440 5.63 -30.76 -31.52
N ILE D 441 4.70 -30.92 -32.47
CA ILE D 441 4.62 -30.02 -33.63
C ILE D 441 4.27 -28.62 -33.17
N PHE D 442 3.31 -28.49 -32.24
CA PHE D 442 2.94 -27.17 -31.74
C PHE D 442 4.06 -26.53 -30.93
N ASN D 443 4.81 -27.33 -30.17
CA ASN D 443 5.97 -26.78 -29.47
C ASN D 443 7.06 -26.31 -30.41
N LEU D 444 7.31 -27.07 -31.49
CA LEU D 444 8.30 -26.63 -32.48
C LEU D 444 7.87 -25.37 -33.19
N VAL D 445 6.59 -25.27 -33.54
CA VAL D 445 6.06 -24.07 -34.19
C VAL D 445 6.15 -22.86 -33.26
N TYR D 446 5.76 -23.03 -31.99
CA TYR D 446 5.82 -21.95 -31.00
C TYR D 446 7.23 -21.48 -30.74
N TRP D 447 8.13 -22.38 -30.33
CA TRP D 447 9.47 -22.01 -29.95
C TRP D 447 10.42 -21.85 -31.14
N ALA D 448 9.93 -22.04 -32.36
CA ALA D 448 10.65 -21.60 -33.54
C ALA D 448 10.14 -20.27 -34.08
N THR D 449 8.86 -19.98 -33.88
CA THR D 449 8.32 -18.69 -34.31
C THR D 449 8.83 -17.60 -33.38
N TYR D 450 8.59 -17.73 -32.09
CA TYR D 450 8.72 -16.60 -31.17
C TYR D 450 10.12 -16.46 -30.61
N LEU D 451 11.10 -17.19 -31.14
CA LEU D 451 12.50 -16.97 -30.81
C LEU D 451 13.29 -16.52 -32.04
N ASN D 452 12.60 -16.19 -33.12
CA ASN D 452 13.19 -15.42 -34.21
C ASN D 452 12.83 -13.98 -33.95
N ARG D 453 11.80 -13.73 -33.13
CA ARG D 453 11.38 -12.37 -32.80
C ARG D 453 12.26 -11.78 -31.70
N ASN E 33 24.04 37.16 31.86
CA ASN E 33 22.68 36.71 32.10
C ASN E 33 21.99 36.23 30.83
N MET E 34 21.19 37.10 30.23
CA MET E 34 20.44 36.77 29.03
C MET E 34 20.70 37.83 27.97
N SER E 35 20.88 39.08 28.41
CA SER E 35 21.17 40.16 27.49
C SER E 35 22.56 40.00 26.88
N PHE E 36 23.52 39.52 27.68
CA PHE E 36 24.86 39.28 27.17
C PHE E 36 24.85 38.13 26.19
N VAL E 37 24.00 37.13 26.41
CA VAL E 37 23.90 35.98 25.51
C VAL E 37 23.26 36.43 24.20
N LYS E 38 22.25 37.30 24.28
CA LYS E 38 21.61 37.81 23.07
C LYS E 38 22.56 38.68 22.26
N GLU E 39 23.32 39.54 22.93
CA GLU E 39 24.30 40.38 22.25
C GLU E 39 25.42 39.53 21.68
N THR E 40 25.75 38.43 22.36
CA THR E 40 26.79 37.51 21.90
C THR E 40 26.36 36.82 20.60
N VAL E 41 25.13 36.33 20.55
CA VAL E 41 24.62 35.69 19.35
C VAL E 41 24.52 36.71 18.22
N ASP E 42 24.09 37.93 18.54
CA ASP E 42 23.98 38.97 17.51
C ASP E 42 25.32 39.41 16.95
N LYS E 43 26.39 39.35 17.75
CA LYS E 43 27.69 39.75 17.24
C LYS E 43 28.47 38.57 16.66
N LEU E 44 28.07 37.34 16.99
CA LEU E 44 28.57 36.20 16.24
C LEU E 44 27.98 36.21 14.84
N LEU E 45 26.68 36.45 14.71
CA LEU E 45 26.03 36.47 13.43
C LEU E 45 25.98 37.89 12.85
N LYS E 46 26.86 38.78 13.32
CA LYS E 46 27.06 40.07 12.68
C LYS E 46 28.02 39.93 11.52
N GLY E 47 27.54 40.22 10.30
CA GLY E 47 28.39 40.14 9.14
C GLY E 47 28.77 38.74 8.72
N TYR E 48 27.99 37.74 9.12
CA TYR E 48 28.30 36.36 8.77
C TYR E 48 27.96 36.12 7.31
N ASP E 49 28.83 35.37 6.62
CA ASP E 49 28.59 34.95 5.25
C ASP E 49 28.23 33.48 5.26
N ILE E 50 27.11 33.15 4.60
CA ILE E 50 26.57 31.79 4.61
C ILE E 50 27.05 30.98 3.42
N ARG E 51 28.09 31.47 2.74
CA ARG E 51 28.61 30.82 1.55
C ARG E 51 30.09 30.49 1.71
N LEU E 52 30.76 31.05 2.70
CA LEU E 52 32.15 30.71 2.97
C LEU E 52 32.28 29.35 3.65
N ARG E 53 33.09 28.49 3.06
CA ARG E 53 33.59 27.32 3.77
C ARG E 53 34.41 27.75 4.98
N PRO E 54 34.26 27.07 6.11
CA PRO E 54 35.16 27.31 7.25
C PRO E 54 36.61 27.01 6.89
N ASP E 55 37.49 27.96 7.24
CA ASP E 55 38.87 28.04 6.73
C ASP E 55 38.91 27.95 5.21
N PHE E 56 38.35 28.97 4.56
CA PHE E 56 38.06 28.92 3.14
C PHE E 56 39.29 28.78 2.25
N GLY E 57 40.42 29.30 2.70
CA GLY E 57 41.65 29.19 1.95
C GLY E 57 42.60 28.18 2.55
N GLY E 58 42.44 27.90 3.85
CA GLY E 58 43.35 27.02 4.55
C GLY E 58 43.02 25.55 4.39
N PRO E 59 43.07 24.81 5.50
CA PRO E 59 42.94 23.36 5.44
C PRO E 59 41.51 22.94 5.18
N PRO E 60 41.27 21.69 4.76
CA PRO E 60 39.89 21.21 4.66
C PRO E 60 39.24 21.06 6.02
N VAL E 61 37.94 21.37 6.07
CA VAL E 61 37.16 21.21 7.28
C VAL E 61 36.89 19.74 7.53
N CYS E 62 37.04 19.30 8.78
CA CYS E 62 36.69 17.95 9.17
C CYS E 62 35.27 17.88 9.70
N VAL E 63 34.43 17.08 9.06
CA VAL E 63 33.06 16.86 9.50
C VAL E 63 32.94 15.47 10.11
N GLY E 64 32.74 15.42 11.42
CA GLY E 64 32.55 14.14 12.10
C GLY E 64 31.09 13.78 12.20
N MET E 65 30.72 12.61 11.70
CA MET E 65 29.32 12.24 11.59
C MET E 65 28.92 11.18 12.62
N ASN E 66 27.61 11.06 12.83
CA ASN E 66 27.08 10.26 13.92
C ASN E 66 25.63 9.93 13.64
N ILE E 67 25.31 8.64 13.68
CA ILE E 67 23.96 8.15 13.38
C ILE E 67 23.42 7.37 14.56
N ASP E 68 22.24 7.73 15.02
CA ASP E 68 21.46 6.92 15.95
C ASP E 68 20.28 6.37 15.16
N ILE E 69 20.35 5.08 14.81
CA ILE E 69 19.29 4.48 14.01
C ILE E 69 18.08 4.24 14.89
N ALA E 70 16.95 4.86 14.54
CA ALA E 70 15.72 4.59 15.27
C ALA E 70 15.17 3.21 14.91
N SER E 71 14.86 2.99 13.64
CA SER E 71 14.39 1.70 13.18
C SER E 71 14.63 1.54 11.69
N ILE E 72 14.64 0.29 11.23
CA ILE E 72 14.47 -0.05 9.82
C ILE E 72 13.04 -0.53 9.63
N ASP E 73 12.27 0.20 8.82
CA ASP E 73 10.84 -0.05 8.75
C ASP E 73 10.50 -1.27 7.89
N MET E 74 10.83 -1.21 6.62
CA MET E 74 10.48 -2.26 5.68
C MET E 74 11.70 -2.63 4.86
N VAL E 75 11.80 -3.89 4.47
CA VAL E 75 12.79 -4.35 3.50
C VAL E 75 12.02 -5.00 2.36
N SER E 76 11.84 -4.28 1.27
CA SER E 76 10.96 -4.69 0.18
C SER E 76 11.74 -5.44 -0.89
N GLU E 77 11.49 -6.75 -1.00
CA GLU E 77 12.15 -7.54 -2.01
C GLU E 77 11.64 -7.26 -3.40
N VAL E 78 10.42 -6.72 -3.52
CA VAL E 78 9.88 -6.37 -4.83
C VAL E 78 10.61 -5.13 -5.35
N ASN E 79 10.76 -4.11 -4.51
CA ASN E 79 11.26 -2.82 -4.94
C ASN E 79 12.75 -2.66 -4.68
N MET E 80 13.36 -3.64 -4.00
CA MET E 80 14.80 -3.74 -3.76
C MET E 80 15.40 -2.55 -3.01
N ASP E 81 14.84 -2.28 -1.84
CA ASP E 81 15.25 -1.14 -1.01
C ASP E 81 14.89 -1.34 0.45
N TYR E 82 15.21 -0.36 1.28
CA TYR E 82 14.79 -0.38 2.68
C TYR E 82 14.55 1.02 3.21
N THR E 83 13.60 1.13 4.13
CA THR E 83 13.25 2.40 4.76
C THR E 83 13.93 2.54 6.11
N LEU E 84 14.72 3.60 6.27
CA LEU E 84 15.63 3.74 7.39
C LEU E 84 15.42 5.05 8.14
N THR E 85 15.05 4.95 9.41
CA THR E 85 14.80 6.11 10.26
C THR E 85 15.94 6.29 11.24
N MET E 86 16.53 7.48 11.26
CA MET E 86 17.72 7.72 12.05
C MET E 86 17.81 9.12 12.64
N TYR E 87 18.91 9.41 13.34
CA TYR E 87 19.24 10.74 13.83
C TYR E 87 20.60 11.19 13.31
N PHE E 88 20.61 11.75 12.12
CA PHE E 88 21.87 11.97 11.40
C PHE E 88 22.55 13.24 11.88
N GLN E 89 23.64 13.09 12.63
CA GLN E 89 24.27 14.19 13.34
C GLN E 89 25.67 14.48 12.82
N GLN E 90 26.04 15.75 12.80
CA GLN E 90 27.33 16.18 12.29
C GLN E 90 28.05 17.09 13.28
N TYR E 91 29.37 17.08 13.23
CA TYR E 91 30.22 17.98 14.01
C TYR E 91 31.28 18.63 13.15
N TRP E 92 31.37 19.96 13.21
CA TRP E 92 32.49 20.65 12.60
C TRP E 92 32.79 21.92 13.38
N ARG E 93 34.07 22.21 13.58
CA ARG E 93 34.48 23.37 14.36
C ARG E 93 34.60 24.59 13.46
N ASP E 94 33.68 25.53 13.63
CA ASP E 94 33.64 26.75 12.84
C ASP E 94 34.13 27.94 13.66
N LYS E 95 35.24 28.53 13.24
CA LYS E 95 35.90 29.58 14.02
C LYS E 95 35.25 30.94 13.82
N ARG E 96 34.17 31.02 13.03
CA ARG E 96 33.39 32.25 12.91
C ARG E 96 32.26 32.29 13.93
N LEU E 97 32.11 31.25 14.75
CA LEU E 97 31.03 31.17 15.72
C LEU E 97 31.55 30.95 17.12
N ALA E 98 32.86 31.07 17.33
CA ALA E 98 33.43 30.87 18.66
C ALA E 98 33.12 32.06 19.54
N TYR E 99 32.42 31.82 20.63
CA TYR E 99 32.12 32.86 21.63
C TYR E 99 33.08 32.72 22.82
N SER E 100 32.89 33.61 23.80
CA SER E 100 33.60 33.52 25.07
C SER E 100 32.79 34.16 26.19
N GLY E 101 33.14 33.82 27.42
CA GLY E 101 32.49 34.38 28.58
C GLY E 101 31.27 33.62 29.06
N ILE E 102 30.82 32.61 28.32
CA ILE E 102 29.64 31.83 28.67
C ILE E 102 30.04 30.37 28.85
N PRO E 103 29.72 29.75 30.00
CA PRO E 103 30.11 28.35 30.20
C PRO E 103 29.20 27.34 29.54
N LEU E 104 27.92 27.65 29.37
CA LEU E 104 26.95 26.69 28.84
C LEU E 104 27.04 26.60 27.31
N ASN E 105 26.73 25.42 26.80
CA ASN E 105 26.65 25.21 25.35
C ASN E 105 25.42 25.87 24.76
N LEU E 106 25.62 26.77 23.80
CA LEU E 106 24.50 27.46 23.17
C LEU E 106 23.68 26.54 22.27
N THR E 107 22.53 26.11 22.75
CA THR E 107 21.60 25.32 21.96
C THR E 107 20.49 26.23 21.43
N LEU E 108 20.65 26.71 20.21
CA LEU E 108 19.73 27.68 19.66
C LEU E 108 18.48 27.00 19.09
N ASP E 109 17.51 27.82 18.72
CA ASP E 109 16.35 27.34 17.96
C ASP E 109 16.81 26.83 16.60
N ASN E 110 16.11 25.84 16.07
CA ASN E 110 16.43 25.21 14.79
C ASN E 110 16.32 26.12 13.57
N ARG E 111 15.73 27.31 13.72
CA ARG E 111 15.56 28.24 12.61
C ARG E 111 16.74 29.18 12.50
N VAL E 112 17.86 28.86 13.14
CA VAL E 112 19.10 29.61 12.94
C VAL E 112 19.91 28.84 11.92
N ALA E 113 19.49 27.61 11.59
CA ALA E 113 20.22 26.78 10.64
C ALA E 113 20.09 27.24 9.20
N ASP E 114 19.19 28.17 8.90
CA ASP E 114 19.11 28.80 7.60
C ASP E 114 20.07 29.98 7.50
N GLN E 115 20.79 30.27 8.57
CA GLN E 115 21.64 31.45 8.65
C GLN E 115 23.09 31.05 8.91
N LEU E 116 23.41 29.76 8.82
CA LEU E 116 24.74 29.25 9.08
C LEU E 116 25.34 28.62 7.82
N TRP E 117 26.49 27.99 7.97
CA TRP E 117 26.99 27.06 6.97
C TRP E 117 26.65 25.64 7.38
N VAL E 118 26.30 24.82 6.41
CA VAL E 118 26.17 23.37 6.61
C VAL E 118 26.89 22.64 5.48
N PRO E 119 27.37 21.42 5.71
CA PRO E 119 27.91 20.63 4.61
C PRO E 119 26.83 20.20 3.63
N ASP E 120 27.26 19.93 2.40
CA ASP E 120 26.36 19.50 1.33
C ASP E 120 26.23 17.99 1.24
N THR E 121 25.93 17.34 2.35
CA THR E 121 25.94 15.88 2.40
C THR E 121 24.66 15.29 1.84
N TYR E 122 24.81 14.24 1.06
CA TYR E 122 23.66 13.53 0.53
C TYR E 122 23.87 12.02 0.64
N PHE E 123 22.92 11.26 0.11
CA PHE E 123 22.94 9.81 0.19
C PHE E 123 22.88 9.22 -1.21
N LEU E 124 23.88 8.42 -1.56
CA LEU E 124 23.93 7.83 -2.90
C LEU E 124 22.87 6.76 -3.10
N ASN E 125 22.58 5.96 -2.08
CA ASN E 125 21.60 4.89 -2.19
C ASN E 125 20.17 5.40 -2.15
N ASP E 126 19.96 6.69 -1.93
CA ASP E 126 18.66 7.22 -1.57
C ASP E 126 17.69 7.23 -2.74
N LYS E 127 16.43 6.89 -2.48
CA LYS E 127 15.36 7.09 -3.45
C LYS E 127 14.54 8.32 -3.08
N LYS E 128 14.08 8.41 -1.84
CA LYS E 128 13.18 9.49 -1.42
C LYS E 128 13.22 9.62 0.10
N SER E 129 13.66 10.78 0.58
CA SER E 129 13.88 11.00 2.01
C SER E 129 13.34 12.35 2.46
N PHE E 130 13.07 12.45 3.76
CA PHE E 130 12.47 13.65 4.29
C PHE E 130 12.83 13.83 5.76
N VAL E 131 13.30 15.03 6.10
CA VAL E 131 13.36 15.44 7.50
C VAL E 131 11.94 15.65 7.99
N HIS E 132 11.62 15.05 9.14
CA HIS E 132 10.28 15.14 9.69
C HIS E 132 9.90 16.56 10.08
N GLY E 133 8.61 16.85 10.09
CA GLY E 133 8.15 18.22 10.21
C GLY E 133 7.11 18.48 11.28
N VAL E 134 7.02 17.60 12.28
CA VAL E 134 6.03 17.71 13.35
C VAL E 134 6.73 17.57 14.69
N THR E 135 6.52 18.53 15.60
CA THR E 135 5.61 19.66 15.43
C THR E 135 6.25 20.87 14.75
N VAL E 136 7.57 21.01 14.94
CA VAL E 136 8.36 21.89 14.10
C VAL E 136 9.42 21.02 13.45
N LYS E 137 10.13 21.59 12.47
CA LYS E 137 11.02 20.78 11.63
C LYS E 137 12.25 20.36 12.40
N ASN E 138 12.55 19.06 12.35
CA ASN E 138 13.54 18.46 13.26
C ASN E 138 14.98 18.76 12.86
N ARG E 139 15.47 19.90 13.33
CA ARG E 139 16.88 20.24 13.30
C ARG E 139 17.32 20.55 14.72
N MET E 140 18.62 20.48 14.95
CA MET E 140 19.18 21.11 16.14
C MET E 140 20.49 21.81 15.80
N ILE E 141 20.69 22.98 16.39
CA ILE E 141 21.96 23.67 16.35
C ILE E 141 22.46 23.87 17.77
N ARG E 142 23.50 23.14 18.14
CA ARG E 142 24.09 23.22 19.47
C ARG E 142 25.51 23.75 19.38
N LEU E 143 25.68 25.04 19.64
CA LEU E 143 26.97 25.67 19.51
C LEU E 143 27.85 25.36 20.72
N HIS E 144 29.13 25.66 20.61
CA HIS E 144 30.13 25.32 21.59
C HIS E 144 31.12 26.48 21.63
N PRO E 145 31.85 26.67 22.74
CA PRO E 145 32.69 27.88 22.85
C PRO E 145 33.85 27.94 21.87
N ASP E 146 34.40 26.81 21.45
CA ASP E 146 35.47 26.85 20.46
C ASP E 146 34.92 27.05 19.06
N GLY E 147 33.61 26.90 18.88
CA GLY E 147 33.00 26.99 17.58
C GLY E 147 32.53 25.68 17.01
N THR E 148 32.50 24.62 17.81
CA THR E 148 31.97 23.35 17.34
C THR E 148 30.46 23.50 17.25
N VAL E 149 29.86 22.92 16.22
CA VAL E 149 28.41 23.01 16.04
C VAL E 149 27.79 21.67 15.66
N LEU E 150 26.89 21.19 16.50
CA LEU E 150 26.14 19.98 16.21
C LEU E 150 24.96 20.28 15.31
N TYR E 151 24.71 19.39 14.35
CA TYR E 151 23.65 19.55 13.37
C TYR E 151 22.88 18.23 13.23
N GLY E 152 21.74 18.15 13.90
CA GLY E 152 20.99 16.92 13.99
C GLY E 152 19.80 16.92 13.06
N LEU E 153 19.46 15.74 12.54
CA LEU E 153 18.36 15.58 11.59
C LEU E 153 17.68 14.24 11.79
N ARG E 154 16.39 14.24 12.05
CA ARG E 154 15.64 12.99 12.12
C ARG E 154 15.13 12.63 10.73
N ILE E 155 15.84 11.73 10.05
CA ILE E 155 15.65 11.44 8.64
C ILE E 155 15.07 10.05 8.46
N THR E 156 13.93 9.95 7.82
CA THR E 156 13.39 8.67 7.39
C THR E 156 13.68 8.49 5.91
N THR E 157 14.78 7.80 5.61
CA THR E 157 15.27 7.71 4.24
C THR E 157 14.87 6.38 3.64
N THR E 158 15.01 6.26 2.33
CA THR E 158 14.78 5.02 1.60
C THR E 158 15.99 4.70 0.74
N ALA E 159 16.77 3.70 1.14
CA ALA E 159 18.03 3.39 0.49
C ALA E 159 17.91 2.10 -0.30
N ALA E 160 18.46 2.08 -1.50
CA ALA E 160 18.32 0.95 -2.40
C ALA E 160 19.29 -0.17 -2.06
N CYS E 161 18.90 -1.40 -2.43
CA CYS E 161 19.80 -2.55 -2.40
C CYS E 161 19.76 -3.32 -3.72
N MET E 162 20.90 -3.87 -4.11
CA MET E 162 20.95 -4.89 -5.15
C MET E 162 20.89 -6.28 -4.54
N MET E 163 19.72 -6.90 -4.55
CA MET E 163 19.49 -8.13 -3.80
C MET E 163 19.76 -9.39 -4.62
N ASP E 164 20.62 -10.26 -4.07
CA ASP E 164 20.87 -11.58 -4.63
C ASP E 164 19.82 -12.54 -4.08
N LEU E 165 18.67 -12.61 -4.74
CA LEU E 165 17.58 -13.49 -4.34
C LEU E 165 17.64 -14.82 -5.10
N ARG E 166 18.84 -15.23 -5.53
CA ARG E 166 18.97 -16.51 -6.22
C ARG E 166 18.97 -17.67 -5.23
N ARG E 167 19.18 -17.39 -3.95
CA ARG E 167 19.18 -18.41 -2.91
C ARG E 167 18.00 -18.24 -1.97
N TYR E 168 16.92 -17.64 -2.45
CA TYR E 168 15.78 -17.32 -1.60
C TYR E 168 15.04 -18.58 -1.16
N PRO E 169 14.69 -18.73 0.12
CA PRO E 169 14.89 -17.81 1.25
C PRO E 169 16.06 -18.16 2.17
N LEU E 170 17.22 -18.46 1.60
CA LEU E 170 18.39 -18.83 2.39
C LEU E 170 19.54 -17.86 2.16
N ASP E 171 19.22 -16.60 1.86
CA ASP E 171 20.20 -15.62 1.44
C ASP E 171 20.77 -14.79 2.59
N GLU E 172 21.98 -14.27 2.39
CA GLU E 172 22.54 -13.20 3.21
C GLU E 172 22.68 -11.92 2.40
N GLN E 173 21.92 -10.90 2.76
CA GLN E 173 21.94 -9.64 2.03
C GLN E 173 23.00 -8.70 2.57
N ASN E 174 23.38 -7.72 1.75
CA ASN E 174 24.34 -6.69 2.14
C ASN E 174 23.78 -5.34 1.71
N CYS E 175 23.02 -4.70 2.60
CA CYS E 175 22.44 -3.39 2.36
C CYS E 175 23.23 -2.28 3.02
N THR E 176 23.63 -1.30 2.22
CA THR E 176 24.50 -0.22 2.66
C THR E 176 23.78 1.12 2.77
N LEU E 177 24.52 2.12 3.24
CA LEU E 177 24.11 3.52 3.12
C LEU E 177 25.35 4.35 2.81
N GLU E 178 25.33 5.05 1.68
CA GLU E 178 26.51 5.71 1.14
C GLU E 178 26.40 7.23 1.23
N ILE E 179 27.20 7.84 2.10
CA ILE E 179 27.14 9.27 2.36
C ILE E 179 28.30 9.94 1.64
N GLU E 180 28.02 11.01 0.89
CA GLU E 180 29.05 11.67 0.10
C GLU E 180 28.83 13.18 0.10
N SER E 181 29.93 13.93 0.11
CA SER E 181 29.85 15.36 -0.15
C SER E 181 29.53 15.62 -1.61
N TYR E 182 28.90 16.76 -1.88
CA TYR E 182 28.32 17.03 -3.19
C TYR E 182 29.22 17.94 -4.04
N GLY E 183 29.52 19.13 -3.53
CA GLY E 183 30.25 20.09 -4.33
C GLY E 183 31.72 20.18 -3.93
N TYR E 184 31.98 20.13 -2.63
CA TYR E 184 33.36 20.19 -2.15
C TYR E 184 34.07 18.87 -2.39
N THR E 185 35.34 18.95 -2.80
CA THR E 185 36.20 17.78 -2.90
C THR E 185 36.86 17.48 -1.55
N THR E 186 37.83 16.56 -1.53
CA THR E 186 38.51 16.20 -0.30
C THR E 186 39.59 17.23 0.04
N ASP E 187 39.84 18.18 -0.87
CA ASP E 187 40.73 19.29 -0.58
C ASP E 187 40.00 20.33 0.26
N ASP E 188 38.69 20.20 0.37
CA ASP E 188 37.85 21.20 1.01
C ASP E 188 37.11 20.65 2.22
N ILE E 189 36.75 19.37 2.20
CA ILE E 189 35.94 18.78 3.26
C ILE E 189 36.44 17.36 3.52
N GLU E 190 36.36 16.92 4.76
CA GLU E 190 36.72 15.57 5.15
C GLU E 190 35.67 14.94 6.05
N PHE E 191 35.35 13.68 5.79
CA PHE E 191 34.34 12.96 6.53
C PHE E 191 34.94 11.80 7.31
N TYR E 192 34.73 11.78 8.61
CA TYR E 192 35.14 10.66 9.44
C TYR E 192 34.00 10.23 10.35
N TRP E 193 33.92 8.93 10.60
CA TRP E 193 33.01 8.43 11.62
C TRP E 193 33.50 8.79 13.00
N ARG E 194 32.75 9.63 13.71
CA ARG E 194 33.18 10.13 15.02
C ARG E 194 33.09 9.04 16.06
N GLY E 195 34.23 8.45 16.41
CA GLY E 195 34.29 7.37 17.36
C GLY E 195 34.71 6.03 16.80
N GLY E 196 35.13 5.98 15.54
CA GLY E 196 35.62 4.75 14.96
C GLY E 196 34.53 3.72 14.71
N ASP E 197 34.52 2.66 15.51
CA ASP E 197 33.60 1.55 15.33
C ASP E 197 32.32 1.74 16.13
N LYS E 198 32.21 2.83 16.89
CA LYS E 198 31.07 3.04 17.77
C LYS E 198 30.38 4.37 17.48
N ALA E 199 30.50 4.85 16.25
CA ALA E 199 29.69 5.99 15.82
C ALA E 199 28.22 5.60 15.73
N VAL E 200 27.90 4.64 14.87
CA VAL E 200 26.52 4.23 14.66
C VAL E 200 26.04 3.37 15.81
N THR E 201 25.02 3.84 16.51
CA THR E 201 24.42 3.12 17.62
C THR E 201 23.06 2.56 17.23
N GLY E 202 22.47 1.80 18.14
CA GLY E 202 21.08 1.41 18.01
C GLY E 202 20.79 0.38 16.95
N VAL E 203 21.78 -0.41 16.53
CA VAL E 203 21.53 -1.44 15.55
C VAL E 203 21.05 -2.66 16.34
N GLU E 204 21.47 -2.77 17.60
CA GLU E 204 21.04 -3.88 18.44
C GLU E 204 19.59 -3.72 18.89
N ARG E 205 19.06 -2.48 18.85
CA ARG E 205 17.65 -2.26 19.12
C ARG E 205 16.77 -2.76 17.99
N ILE E 206 17.32 -2.91 16.79
CA ILE E 206 16.52 -3.25 15.61
C ILE E 206 16.09 -4.71 15.67
N GLU E 207 14.77 -4.91 15.59
CA GLU E 207 14.22 -6.24 15.59
C GLU E 207 13.36 -6.38 14.35
N LEU E 208 13.98 -6.82 13.25
CA LEU E 208 13.27 -6.97 12.00
C LEU E 208 12.39 -8.22 12.03
N PRO E 209 11.21 -8.17 11.41
CA PRO E 209 10.25 -9.29 11.57
C PRO E 209 10.66 -10.56 10.84
N GLN E 210 11.52 -10.48 9.83
CA GLN E 210 11.89 -11.65 9.07
C GLN E 210 13.38 -11.74 8.84
N PHE E 211 14.12 -10.66 9.08
CA PHE E 211 15.57 -10.68 8.98
C PHE E 211 16.23 -10.71 10.35
N SER E 212 17.54 -10.88 10.36
CA SER E 212 18.31 -10.84 11.60
C SER E 212 19.72 -10.35 11.31
N ILE E 213 20.10 -9.23 11.92
CA ILE E 213 21.31 -8.52 11.54
C ILE E 213 22.54 -9.24 12.07
N VAL E 214 23.39 -9.71 11.17
CA VAL E 214 24.65 -10.34 11.55
C VAL E 214 25.64 -9.29 12.03
N GLU E 215 25.81 -8.22 11.25
CA GLU E 215 27.00 -7.40 11.33
C GLU E 215 26.80 -6.08 10.61
N HIS E 216 27.26 -4.99 11.24
CA HIS E 216 27.39 -3.72 10.57
C HIS E 216 28.84 -3.24 10.57
N ARG E 217 29.29 -2.77 9.40
CA ARG E 217 30.64 -2.25 9.24
C ARG E 217 30.62 -0.76 8.92
N LEU E 218 31.70 -0.07 9.30
CA LEU E 218 31.83 1.35 9.06
C LEU E 218 33.07 1.66 8.24
N VAL E 219 32.86 2.24 7.06
CA VAL E 219 33.93 2.47 6.10
C VAL E 219 34.08 3.95 5.83
N SER E 220 35.28 4.48 6.00
CA SER E 220 35.64 5.82 5.56
C SER E 220 36.68 5.75 4.45
N ARG E 221 36.39 6.42 3.33
CA ARG E 221 37.32 6.43 2.21
C ARG E 221 37.13 7.66 1.33
N ASN E 222 38.23 8.15 0.77
CA ASN E 222 38.18 9.13 -0.30
C ASN E 222 38.08 8.40 -1.64
N VAL E 223 37.14 8.80 -2.47
CA VAL E 223 36.89 8.14 -3.75
C VAL E 223 37.51 8.94 -4.87
N VAL E 224 38.54 8.38 -5.50
CA VAL E 224 39.22 9.07 -6.60
C VAL E 224 38.36 9.04 -7.86
N PHE E 225 38.07 10.21 -8.40
CA PHE E 225 37.42 10.36 -9.69
C PHE E 225 38.35 11.10 -10.66
N ALA E 226 37.82 11.47 -11.81
CA ALA E 226 38.55 12.34 -12.71
C ALA E 226 38.39 13.81 -12.33
N THR E 227 37.22 14.20 -11.83
CA THR E 227 36.96 15.59 -11.52
C THR E 227 37.60 16.02 -10.21
N GLY E 228 37.91 15.07 -9.34
CA GLY E 228 38.49 15.36 -8.05
C GLY E 228 38.09 14.27 -7.06
N ALA E 229 38.94 14.07 -6.06
CA ALA E 229 38.67 13.07 -5.04
C ALA E 229 37.63 13.60 -4.07
N TYR E 230 36.54 12.89 -3.94
CA TYR E 230 35.49 13.25 -3.00
C TYR E 230 35.54 12.36 -1.77
N PRO E 231 35.17 12.86 -0.60
CA PRO E 231 35.04 11.98 0.56
C PRO E 231 33.79 11.14 0.46
N ARG E 232 33.84 9.97 1.09
CA ARG E 232 32.65 9.14 1.19
C ARG E 232 32.69 8.35 2.49
N LEU E 233 31.55 8.23 3.14
CA LEU E 233 31.40 7.26 4.20
C LEU E 233 30.47 6.13 3.77
N SER E 234 30.40 5.09 4.60
CA SER E 234 29.57 3.94 4.27
C SER E 234 29.07 3.21 5.52
N LEU E 235 27.83 3.49 5.89
CA LEU E 235 27.11 2.60 6.80
C LEU E 235 26.68 1.39 5.98
N SER E 236 26.79 0.20 6.59
CA SER E 236 26.38 -1.01 5.90
C SER E 236 25.82 -2.02 6.88
N PHE E 237 25.08 -3.00 6.36
CA PHE E 237 24.52 -4.05 7.17
C PHE E 237 24.86 -5.42 6.61
N ARG E 238 24.43 -6.46 7.32
CA ARG E 238 24.24 -7.78 6.73
C ARG E 238 22.97 -8.39 7.30
N LEU E 239 22.10 -8.85 6.42
CA LEU E 239 20.76 -9.30 6.80
C LEU E 239 20.57 -10.79 6.52
N LYS E 240 20.85 -11.62 7.51
CA LYS E 240 20.58 -13.04 7.38
C LYS E 240 19.08 -13.28 7.47
N ARG E 241 18.51 -13.87 6.44
CA ARG E 241 17.07 -14.12 6.42
C ARG E 241 16.75 -15.29 7.34
N ASN E 242 15.68 -15.15 8.13
CA ASN E 242 15.25 -16.19 9.04
C ASN E 242 14.38 -17.23 8.34
N ILE E 243 14.71 -18.51 8.53
CA ILE E 243 14.29 -19.56 7.61
C ILE E 243 13.29 -20.54 8.18
N GLY E 244 13.03 -20.50 9.49
CA GLY E 244 12.09 -21.43 10.09
C GLY E 244 10.65 -21.13 9.70
N TYR E 245 10.37 -19.88 9.35
CA TYR E 245 9.04 -19.53 8.87
C TYR E 245 8.68 -20.24 7.57
N PHE E 246 9.63 -20.39 6.67
CA PHE E 246 9.32 -21.05 5.41
C PHE E 246 9.25 -22.56 5.63
N ILE E 247 9.88 -23.06 6.70
CA ILE E 247 9.71 -24.45 7.10
C ILE E 247 8.28 -24.63 7.58
N LEU E 248 7.73 -23.61 8.25
CA LEU E 248 6.33 -23.68 8.68
C LEU E 248 5.35 -23.58 7.52
N GLN E 249 5.49 -22.55 6.68
CA GLN E 249 4.51 -22.30 5.64
C GLN E 249 4.71 -23.18 4.42
N THR E 250 5.94 -23.25 3.91
CA THR E 250 6.17 -23.58 2.50
C THR E 250 6.79 -24.95 2.27
N TYR E 251 7.72 -25.38 3.12
CA TYR E 251 8.41 -26.63 2.86
C TYR E 251 7.67 -27.84 3.40
N MET E 252 7.18 -27.75 4.64
CA MET E 252 6.46 -28.86 5.27
C MET E 252 5.22 -29.39 4.53
N PRO E 253 4.29 -28.55 4.02
CA PRO E 253 3.14 -29.15 3.32
C PRO E 253 3.50 -29.76 1.98
N SER E 254 4.54 -29.26 1.32
CA SER E 254 4.95 -29.86 0.05
C SER E 254 5.56 -31.24 0.32
N ILE E 255 6.25 -31.37 1.45
CA ILE E 255 6.80 -32.67 1.86
C ILE E 255 5.67 -33.65 2.15
N LEU E 256 4.66 -33.21 2.90
CA LEU E 256 3.57 -34.13 3.23
C LEU E 256 2.69 -34.49 2.04
N ILE E 257 2.51 -33.56 1.10
CA ILE E 257 1.79 -33.87 -0.13
C ILE E 257 2.60 -34.85 -0.98
N THR E 258 3.93 -34.70 -0.99
CA THR E 258 4.80 -35.62 -1.72
C THR E 258 4.74 -37.01 -1.12
N ILE E 259 4.64 -37.10 0.21
CA ILE E 259 4.56 -38.41 0.86
C ILE E 259 3.19 -39.02 0.62
N LEU E 260 2.13 -38.20 0.60
CA LEU E 260 0.80 -38.73 0.29
C LEU E 260 0.64 -39.14 -1.16
N SER E 261 1.53 -38.68 -2.04
CA SER E 261 1.53 -39.19 -3.41
C SER E 261 1.92 -40.66 -3.47
N TRP E 262 2.72 -41.13 -2.51
CA TRP E 262 3.27 -42.47 -2.51
C TRP E 262 2.29 -43.54 -2.03
N VAL E 263 1.08 -43.14 -1.61
CA VAL E 263 0.18 -44.04 -0.91
C VAL E 263 -0.41 -45.03 -1.92
N SER E 264 -0.44 -44.65 -3.20
CA SER E 264 -0.94 -45.54 -4.25
C SER E 264 -0.14 -46.82 -4.44
N PHE E 265 1.08 -46.86 -3.91
CA PHE E 265 1.93 -48.04 -4.07
C PHE E 265 1.44 -49.17 -3.18
N TRP E 266 0.82 -48.84 -2.05
CA TRP E 266 0.30 -49.83 -1.11
C TRP E 266 -1.20 -50.02 -1.34
N ILE E 267 -1.63 -49.90 -2.59
CA ILE E 267 -2.99 -50.20 -3.01
C ILE E 267 -2.90 -51.16 -4.18
N ASN E 268 -3.75 -52.19 -4.19
CA ASN E 268 -3.90 -53.09 -5.33
C ASN E 268 -4.12 -52.39 -6.66
N TYR E 269 -3.57 -52.97 -7.72
CA TYR E 269 -3.67 -52.42 -9.07
C TYR E 269 -5.09 -52.45 -9.61
N ASP E 270 -5.96 -53.30 -9.04
CA ASP E 270 -7.35 -53.36 -9.48
C ASP E 270 -8.11 -52.09 -9.11
N ALA E 271 -7.77 -51.49 -7.97
CA ALA E 271 -8.44 -50.27 -7.51
C ALA E 271 -7.91 -49.10 -8.32
N SER E 272 -8.58 -48.84 -9.45
CA SER E 272 -8.09 -47.86 -10.40
C SER E 272 -8.41 -46.44 -9.95
N ALA E 273 -9.67 -46.22 -9.57
CA ALA E 273 -10.13 -44.88 -9.20
C ALA E 273 -9.42 -44.36 -7.95
N ALA E 274 -9.00 -45.24 -7.05
CA ALA E 274 -8.30 -44.81 -5.85
C ALA E 274 -6.93 -44.25 -6.16
N ARG E 275 -6.13 -45.00 -6.94
CA ARG E 275 -4.77 -44.55 -7.24
C ARG E 275 -4.79 -43.36 -8.20
N VAL E 276 -5.79 -43.33 -9.09
CA VAL E 276 -5.91 -42.18 -9.99
C VAL E 276 -6.34 -40.95 -9.23
N ALA E 277 -7.27 -41.10 -8.28
CA ALA E 277 -7.70 -39.96 -7.47
C ALA E 277 -6.57 -39.47 -6.57
N LEU E 278 -5.77 -40.39 -6.04
CA LEU E 278 -4.55 -40.04 -5.31
C LEU E 278 -3.60 -39.18 -6.13
N GLY E 279 -3.16 -39.69 -7.28
CA GLY E 279 -2.17 -38.96 -8.07
C GLY E 279 -2.70 -37.66 -8.63
N ILE E 280 -3.94 -37.65 -9.11
CA ILE E 280 -4.53 -36.46 -9.68
C ILE E 280 -4.86 -35.38 -8.63
N THR E 281 -5.44 -35.76 -7.50
CA THR E 281 -5.77 -34.77 -6.48
C THR E 281 -4.47 -34.29 -5.84
N THR E 282 -3.42 -35.12 -5.88
CA THR E 282 -2.13 -34.72 -5.35
C THR E 282 -1.45 -33.69 -6.26
N VAL E 283 -1.54 -33.86 -7.60
CA VAL E 283 -0.95 -32.84 -8.46
C VAL E 283 -1.82 -31.58 -8.44
N LEU E 284 -3.12 -31.71 -8.13
CA LEU E 284 -3.97 -30.53 -8.00
C LEU E 284 -3.59 -29.75 -6.75
N THR E 285 -3.28 -30.45 -5.67
CA THR E 285 -2.90 -29.78 -4.43
C THR E 285 -1.53 -29.13 -4.60
N MET E 286 -0.61 -29.79 -5.33
CA MET E 286 0.68 -29.17 -5.61
C MET E 286 0.53 -27.94 -6.50
N THR E 287 -0.45 -27.97 -7.43
CA THR E 287 -0.71 -26.80 -8.26
C THR E 287 -1.23 -25.65 -7.40
N THR E 288 -2.12 -25.94 -6.45
CA THR E 288 -2.63 -24.89 -5.58
C THR E 288 -1.56 -24.32 -4.66
N ILE E 289 -0.64 -25.16 -4.18
CA ILE E 289 0.45 -24.69 -3.34
C ILE E 289 1.39 -23.81 -4.17
N ASN E 290 1.72 -24.24 -5.39
CA ASN E 290 2.60 -23.44 -6.25
C ASN E 290 1.98 -22.10 -6.64
N THR E 291 0.69 -22.08 -6.94
CA THR E 291 0.04 -20.82 -7.29
C THR E 291 -0.14 -19.87 -6.12
N HIS E 292 -0.52 -20.39 -4.95
CA HIS E 292 -0.72 -19.47 -3.84
C HIS E 292 0.58 -19.14 -3.11
N LEU E 293 1.68 -19.82 -3.43
CA LEU E 293 2.99 -19.32 -3.02
C LEU E 293 3.60 -18.47 -4.13
N ARG E 294 3.03 -18.51 -5.33
CA ARG E 294 3.37 -17.49 -6.32
C ARG E 294 2.69 -16.19 -5.93
N GLU E 295 1.51 -16.27 -5.32
CA GLU E 295 0.77 -15.08 -4.93
C GLU E 295 1.15 -14.57 -3.53
N THR E 296 1.49 -15.48 -2.61
CA THR E 296 1.77 -15.07 -1.24
C THR E 296 3.16 -14.44 -1.12
N LEU E 297 4.17 -15.09 -1.72
CA LEU E 297 5.55 -14.62 -1.63
C LEU E 297 5.77 -13.31 -2.37
N PRO E 298 6.84 -12.58 -2.05
CA PRO E 298 7.24 -11.44 -2.88
C PRO E 298 7.55 -11.85 -4.32
N LYS E 299 7.08 -11.04 -5.26
CA LYS E 299 7.03 -11.37 -6.68
C LYS E 299 8.25 -10.83 -7.42
N ILE E 300 9.24 -11.67 -7.63
CA ILE E 300 10.47 -11.26 -8.29
C ILE E 300 10.74 -12.23 -9.44
N PRO E 301 10.47 -11.84 -10.69
CA PRO E 301 10.41 -12.83 -11.78
C PRO E 301 11.76 -13.31 -12.30
N TYR E 302 12.48 -14.07 -11.47
CA TYR E 302 13.51 -14.97 -11.95
C TYR E 302 13.62 -16.18 -11.01
N VAL E 303 14.53 -17.09 -11.35
CA VAL E 303 14.58 -18.40 -10.72
C VAL E 303 15.15 -18.32 -9.31
N LYS E 304 14.35 -18.72 -8.33
CA LYS E 304 14.74 -18.72 -6.93
C LYS E 304 15.10 -20.13 -6.47
N ALA E 305 15.32 -20.30 -5.17
CA ALA E 305 15.59 -21.62 -4.62
C ALA E 305 14.37 -22.27 -3.97
N ILE E 306 13.30 -21.52 -3.76
CA ILE E 306 12.05 -22.14 -3.32
C ILE E 306 11.33 -22.62 -4.57
N ASP E 307 11.56 -21.97 -5.71
CA ASP E 307 10.95 -22.38 -6.97
C ASP E 307 11.51 -23.70 -7.43
N MET E 308 12.82 -23.91 -7.26
CA MET E 308 13.45 -25.17 -7.64
C MET E 308 12.95 -26.32 -6.77
N TYR E 309 12.74 -26.06 -5.49
CA TYR E 309 12.26 -27.10 -4.59
C TYR E 309 10.81 -27.48 -4.89
N LEU E 310 9.95 -26.47 -5.08
CA LEU E 310 8.55 -26.74 -5.38
C LEU E 310 8.38 -27.42 -6.74
N MET E 311 9.19 -27.01 -7.74
CA MET E 311 9.08 -27.63 -9.05
C MET E 311 9.64 -29.05 -9.01
N GLY E 312 10.68 -29.28 -8.21
CA GLY E 312 11.20 -30.63 -8.06
C GLY E 312 10.21 -31.57 -7.38
N CYS E 313 9.51 -31.06 -6.36
CA CYS E 313 8.47 -31.87 -5.72
C CYS E 313 7.32 -32.14 -6.69
N PHE E 314 7.01 -31.16 -7.56
CA PHE E 314 5.97 -31.38 -8.56
C PHE E 314 6.40 -32.44 -9.56
N VAL E 315 7.70 -32.48 -9.87
CA VAL E 315 8.24 -33.52 -10.76
C VAL E 315 8.13 -34.90 -10.11
N PHE E 316 8.45 -35.00 -8.80
CA PHE E 316 8.29 -36.28 -8.11
C PHE E 316 6.85 -36.76 -8.05
N VAL E 317 5.91 -35.85 -7.79
CA VAL E 317 4.50 -36.22 -7.74
C VAL E 317 4.01 -36.61 -9.14
N PHE E 318 4.53 -35.97 -10.19
CA PHE E 318 4.17 -36.34 -11.55
C PHE E 318 4.69 -37.73 -11.92
N LEU E 319 5.93 -38.05 -11.50
CA LEU E 319 6.49 -39.37 -11.74
C LEU E 319 5.73 -40.44 -10.97
N ALA E 320 5.21 -40.10 -9.80
CA ALA E 320 4.45 -41.08 -9.02
C ALA E 320 3.04 -41.35 -9.58
N LEU E 321 2.63 -40.75 -10.71
CA LEU E 321 1.39 -41.13 -11.38
C LEU E 321 1.72 -41.67 -12.77
N LEU E 322 2.86 -41.24 -13.34
CA LEU E 322 3.46 -41.99 -14.44
C LEU E 322 3.72 -43.45 -14.06
N GLU E 323 4.04 -43.70 -12.79
CA GLU E 323 4.16 -45.07 -12.28
C GLU E 323 2.87 -45.87 -12.43
N TYR E 324 1.71 -45.26 -12.15
CA TYR E 324 0.47 -46.02 -12.27
C TYR E 324 0.10 -46.21 -13.73
N ALA E 325 0.44 -45.24 -14.59
CA ALA E 325 0.25 -45.45 -16.03
C ALA E 325 1.09 -46.62 -16.52
N PHE E 326 2.32 -46.71 -16.03
CA PHE E 326 3.25 -47.80 -16.34
C PHE E 326 2.68 -49.15 -15.89
N VAL E 327 2.15 -49.20 -14.66
CA VAL E 327 1.56 -50.42 -14.11
C VAL E 327 0.32 -50.88 -14.87
N ASN E 328 -0.60 -49.95 -15.14
CA ASN E 328 -1.87 -50.30 -15.78
C ASN E 328 -1.63 -50.71 -17.22
N TYR E 329 -0.67 -50.08 -17.92
CA TYR E 329 -0.41 -50.50 -19.30
C TYR E 329 0.33 -51.83 -19.35
N ILE E 330 1.19 -52.11 -18.36
CA ILE E 330 1.87 -53.40 -18.39
C ILE E 330 0.93 -54.55 -18.05
N PHE E 331 0.07 -54.39 -17.04
CA PHE E 331 -0.81 -55.50 -16.72
C PHE E 331 -1.96 -55.58 -17.71
N PHE E 332 -2.81 -54.56 -17.76
CA PHE E 332 -4.07 -54.70 -18.49
C PHE E 332 -3.90 -54.53 -19.99
N GLY E 333 -2.77 -53.98 -20.43
CA GLY E 333 -2.49 -53.89 -21.85
C GLY E 333 -1.56 -54.98 -22.36
N ARG E 334 -0.41 -55.16 -21.70
CA ARG E 334 0.61 -56.11 -22.13
C ARG E 334 0.50 -57.41 -21.33
N GLY E 335 -0.68 -57.75 -20.86
CA GLY E 335 -0.96 -59.07 -20.34
C GLY E 335 -0.98 -60.17 -21.38
N PRO E 336 -1.97 -60.14 -22.30
CA PRO E 336 -2.04 -61.20 -23.32
C PRO E 336 -0.92 -61.16 -24.34
N GLN E 337 -0.22 -60.04 -24.50
CA GLN E 337 0.90 -59.98 -25.43
C GLN E 337 2.15 -60.65 -24.84
N ASP E 444 5.00 -58.26 -14.60
CA ASP E 444 4.74 -58.32 -13.18
C ASP E 444 4.26 -56.95 -12.71
N VAL E 445 3.50 -56.93 -11.62
CA VAL E 445 2.94 -55.72 -11.05
C VAL E 445 3.56 -55.51 -9.67
N ASN E 446 3.70 -56.58 -8.90
CA ASN E 446 4.26 -56.48 -7.55
C ASN E 446 5.75 -56.16 -7.62
N ALA E 447 6.41 -56.50 -8.73
CA ALA E 447 7.79 -56.11 -8.94
C ALA E 447 7.93 -54.60 -9.09
N ILE E 448 7.08 -53.98 -9.92
CA ILE E 448 7.13 -52.54 -10.15
C ILE E 448 6.78 -51.79 -8.88
N ASP E 449 5.74 -52.23 -8.18
CA ASP E 449 5.33 -51.56 -6.95
C ASP E 449 6.35 -51.71 -5.83
N ARG E 450 6.87 -52.93 -5.63
CA ARG E 450 7.83 -53.17 -4.57
C ARG E 450 9.14 -52.48 -4.90
N TRP E 451 9.44 -52.29 -6.19
CA TRP E 451 10.65 -51.55 -6.56
C TRP E 451 10.45 -50.06 -6.31
N SER E 452 9.26 -49.54 -6.63
CA SER E 452 9.02 -48.11 -6.45
C SER E 452 8.94 -47.70 -4.98
N ARG E 453 8.43 -48.58 -4.12
CA ARG E 453 8.39 -48.34 -2.67
C ARG E 453 9.77 -48.15 -2.05
N ILE E 454 10.82 -48.61 -2.70
CA ILE E 454 12.17 -48.52 -2.19
C ILE E 454 12.90 -47.42 -2.95
N VAL E 455 12.60 -47.26 -4.24
CA VAL E 455 13.30 -46.27 -5.05
C VAL E 455 12.87 -44.84 -4.74
N PHE E 456 11.56 -44.56 -4.73
CA PHE E 456 11.13 -43.18 -4.50
C PHE E 456 11.44 -42.56 -3.13
N PRO E 457 11.39 -43.28 -2.00
CA PRO E 457 11.89 -42.66 -0.76
C PRO E 457 13.39 -42.41 -0.78
N PHE E 458 14.17 -43.30 -1.38
CA PHE E 458 15.60 -43.09 -1.49
C PHE E 458 15.91 -41.92 -2.42
N THR E 459 15.14 -41.82 -3.51
CA THR E 459 15.34 -40.73 -4.46
C THR E 459 14.94 -39.39 -3.84
N PHE E 460 13.86 -39.38 -3.06
CA PHE E 460 13.42 -38.12 -2.45
C PHE E 460 14.35 -37.71 -1.31
N SER E 461 14.88 -38.67 -0.57
CA SER E 461 15.85 -38.34 0.47
C SER E 461 17.17 -37.86 -0.12
N LEU E 462 17.55 -38.42 -1.28
CA LEU E 462 18.75 -37.95 -1.96
C LEU E 462 18.52 -36.54 -2.50
N PHE E 463 17.28 -36.25 -2.94
CA PHE E 463 16.95 -34.91 -3.40
C PHE E 463 17.03 -33.90 -2.26
N ASN E 464 16.51 -34.28 -1.08
CA ASN E 464 16.59 -33.41 0.09
C ASN E 464 18.04 -33.21 0.54
N LEU E 465 18.86 -34.26 0.43
CA LEU E 465 20.27 -34.16 0.78
C LEU E 465 20.98 -33.17 -0.13
N VAL E 466 20.81 -33.34 -1.45
CA VAL E 466 21.43 -32.45 -2.43
C VAL E 466 20.95 -31.01 -2.27
N TYR E 467 19.65 -30.81 -2.05
CA TYR E 467 19.10 -29.47 -1.89
C TYR E 467 19.62 -28.78 -0.63
N TRP E 468 19.41 -29.39 0.53
CA TRP E 468 19.74 -28.77 1.80
C TRP E 468 21.21 -28.89 2.17
N LEU E 469 22.05 -29.42 1.27
CA LEU E 469 23.48 -29.19 1.42
C LEU E 469 24.08 -28.35 0.29
N TYR E 470 23.39 -28.24 -0.84
CA TYR E 470 23.90 -27.42 -1.92
C TYR E 470 23.58 -25.96 -1.68
N TYR E 471 22.45 -25.68 -1.04
CA TYR E 471 22.13 -24.29 -0.77
C TYR E 471 22.64 -23.83 0.59
N VAL E 472 22.62 -24.72 1.58
CA VAL E 472 23.12 -24.35 2.91
C VAL E 472 24.59 -24.68 3.01
N GLN F 1 13.37 -22.87 27.04
CA GLN F 1 12.99 -22.35 28.35
C GLN F 1 13.74 -21.05 28.64
N VAL F 2 13.00 -20.03 29.07
CA VAL F 2 13.58 -18.72 29.36
C VAL F 2 14.22 -18.72 30.75
N GLN F 3 15.51 -18.39 30.81
CA GLN F 3 16.26 -18.31 32.05
C GLN F 3 16.75 -16.90 32.33
N LEU F 4 16.26 -16.29 33.41
CA LEU F 4 16.75 -15.00 33.87
C LEU F 4 17.65 -15.14 35.09
N GLN F 5 18.95 -15.18 34.85
CA GLN F 5 19.95 -15.42 35.89
C GLN F 5 20.51 -14.10 36.40
N GLU F 6 20.50 -13.93 37.72
CA GLU F 6 20.98 -12.70 38.34
C GLU F 6 22.44 -12.80 38.78
N SER F 7 22.96 -11.72 39.34
CA SER F 7 24.30 -11.68 39.90
C SER F 7 24.43 -10.55 40.92
N GLY F 8 25.66 -10.19 41.26
CA GLY F 8 25.91 -9.02 42.08
C GLY F 8 25.98 -9.33 43.57
N GLY F 9 26.49 -8.36 44.32
CA GLY F 9 26.68 -8.52 45.74
C GLY F 9 25.39 -8.43 46.53
N GLY F 10 25.52 -8.63 47.84
CA GLY F 10 24.37 -8.61 48.72
C GLY F 10 24.60 -8.02 50.09
N LEU F 11 25.76 -7.41 50.31
CA LEU F 11 26.11 -6.88 51.62
C LEU F 11 27.12 -5.76 51.50
N VAL F 12 26.84 -4.64 52.18
CA VAL F 12 27.72 -3.47 52.17
C VAL F 12 27.44 -2.65 53.42
N GLN F 13 28.44 -1.92 53.89
CA GLN F 13 28.23 -0.81 54.80
C GLN F 13 27.39 0.26 54.10
N GLY F 422 28.06 3.09 50.60
CA GLY F 422 28.82 2.65 49.44
C GLY F 422 27.95 2.40 48.22
N SER F 423 28.54 1.71 47.25
CA SER F 423 27.93 1.45 45.96
C SER F 423 27.74 -0.04 45.71
N LEU F 424 26.98 -0.35 44.66
CA LEU F 424 26.73 -1.72 44.26
C LEU F 424 26.28 -1.74 42.80
N ARG F 425 26.65 -2.79 42.07
CA ARG F 425 26.17 -3.01 40.71
C ARG F 425 25.59 -4.42 40.57
N VAL F 426 24.30 -4.51 40.34
CA VAL F 426 23.59 -5.79 40.26
C VAL F 426 23.13 -6.01 38.83
N SER F 427 23.64 -7.07 38.20
CA SER F 427 23.27 -7.39 36.83
C SER F 427 22.21 -8.48 36.77
N CYS F 428 21.76 -8.78 35.55
CA CYS F 428 20.78 -9.84 35.32
C CYS F 428 20.91 -10.38 33.90
N ALA F 429 21.57 -11.52 33.76
CA ALA F 429 21.76 -12.12 32.45
C ALA F 429 20.46 -12.77 31.99
N ALA F 430 20.34 -12.96 30.67
CA ALA F 430 19.21 -13.68 30.12
C ALA F 430 19.69 -14.73 29.12
N SER F 431 18.91 -15.80 29.00
CA SER F 431 19.03 -16.71 27.87
C SER F 431 17.65 -17.27 27.52
N GLY F 432 17.59 -18.01 26.42
CA GLY F 432 16.35 -18.60 25.96
C GLY F 432 15.51 -17.72 25.08
N ARG F 433 15.77 -16.42 25.06
CA ARG F 433 14.99 -15.46 24.29
C ARG F 433 15.77 -14.18 24.07
N THR F 434 15.69 -13.65 22.85
CA THR F 434 16.16 -12.30 22.57
C THR F 434 15.18 -11.27 23.11
N PHE F 435 15.55 -10.57 24.17
CA PHE F 435 14.65 -9.59 24.78
C PHE F 435 14.86 -8.16 24.30
N THR F 436 15.28 -7.98 23.07
CA THR F 436 15.50 -6.64 22.55
C THR F 436 14.22 -5.83 22.51
N THR F 437 13.11 -6.48 22.16
CA THR F 437 11.81 -5.82 22.08
C THR F 437 11.02 -5.86 23.39
N TYR F 438 11.59 -6.46 24.41
CA TYR F 438 10.90 -6.60 25.69
C TYR F 438 11.39 -5.68 26.80
N ILE F 439 10.43 -5.07 27.50
CA ILE F 439 10.70 -4.17 28.61
C ILE F 439 11.20 -4.91 29.84
N MET F 440 12.50 -4.81 30.12
CA MET F 440 13.11 -5.44 31.27
C MET F 440 13.16 -4.48 32.44
N ALA F 441 13.20 -5.01 33.65
CA ALA F 441 12.94 -4.19 34.82
C ALA F 441 13.71 -4.70 36.02
N TRP F 442 13.70 -3.90 37.08
CA TRP F 442 14.07 -4.32 38.43
C TRP F 442 12.95 -4.05 39.41
N PHE F 443 12.67 -5.03 40.27
CA PHE F 443 11.73 -4.87 41.37
C PHE F 443 12.41 -4.93 42.73
N ARG F 444 11.62 -4.70 43.78
CA ARG F 444 12.08 -4.78 45.16
C ARG F 444 10.97 -5.30 46.06
N GLN F 445 11.30 -6.26 46.91
CA GLN F 445 10.35 -6.79 47.88
C GLN F 445 10.95 -6.86 49.28
N ALA F 446 10.54 -5.94 50.15
CA ALA F 446 10.86 -6.02 51.56
C ALA F 446 10.05 -7.14 52.21
N PRO F 447 10.50 -7.64 53.36
CA PRO F 447 9.60 -8.44 54.21
C PRO F 447 8.37 -7.62 54.61
N GLY F 448 7.21 -8.08 54.16
CA GLY F 448 6.02 -7.27 54.13
C GLY F 448 5.19 -7.52 52.89
N LYS F 449 5.71 -8.40 52.02
CA LYS F 449 5.01 -8.94 50.85
C LYS F 449 4.55 -7.88 49.85
N GLU F 450 5.43 -6.93 49.55
CA GLU F 450 5.13 -5.84 48.62
C GLU F 450 6.17 -5.75 47.51
N ARG F 451 5.76 -6.11 46.29
CA ARG F 451 6.60 -5.94 45.10
C ARG F 451 6.60 -4.49 44.65
N GLU F 452 7.65 -3.75 45.01
CA GLU F 452 7.78 -2.35 44.62
C GLU F 452 8.58 -2.23 43.34
N PHE F 453 8.04 -1.47 42.39
CA PHE F 453 8.77 -1.14 41.18
C PHE F 453 9.98 -0.25 41.48
N LEU F 454 11.10 -0.54 40.82
CA LEU F 454 12.28 0.30 40.93
C LEU F 454 12.62 0.99 39.61
N ALA F 455 12.82 0.23 38.55
CA ALA F 455 13.35 0.78 37.32
C ALA F 455 12.96 -0.11 36.15
N ALA F 456 12.98 0.47 34.95
CA ALA F 456 12.67 -0.24 33.71
C ALA F 456 13.25 0.53 32.54
N MET F 457 13.93 -0.18 31.65
CA MET F 457 14.36 0.38 30.37
C MET F 457 13.62 -0.26 29.21
N ASP F 458 13.10 0.58 28.32
CA ASP F 458 12.21 0.17 27.24
C ASP F 458 13.04 -0.37 26.06
N GLN F 459 12.47 -0.67 24.90
CA GLN F 459 13.24 -1.00 23.73
C GLN F 459 13.78 0.33 23.19
N GLY F 460 13.06 1.45 23.36
CA GLY F 460 13.59 2.71 22.88
C GLY F 460 14.42 3.46 23.89
N ARG F 461 15.20 2.71 24.68
CA ARG F 461 16.21 3.21 25.62
C ARG F 461 15.67 4.12 26.72
N ILE F 462 14.38 4.12 26.97
CA ILE F 462 13.79 5.03 27.94
C ILE F 462 13.86 4.46 29.33
N GLN F 463 14.56 5.17 30.22
CA GLN F 463 14.60 4.80 31.62
C GLN F 463 13.34 5.30 32.33
N TYR F 464 12.58 4.37 32.89
CA TYR F 464 11.52 4.71 33.83
C TYR F 464 12.03 4.34 35.22
N TYR F 465 11.69 5.15 36.20
CA TYR F 465 12.15 4.93 37.58
C TYR F 465 10.98 4.82 38.55
N GLY F 466 11.22 4.14 39.66
CA GLY F 466 10.28 4.18 40.77
C GLY F 466 10.23 5.55 41.40
N ASP F 467 9.10 5.84 42.05
CA ASP F 467 8.89 7.17 42.63
C ASP F 467 9.72 7.39 43.89
N SER F 468 9.87 6.35 44.71
CA SER F 468 10.60 6.48 45.96
C SER F 468 12.11 6.53 45.74
N VAL F 469 12.57 6.08 44.58
CA VAL F 469 13.98 5.82 44.33
C VAL F 469 14.48 6.66 43.17
N ARG F 470 13.70 7.68 42.78
CA ARG F 470 13.99 8.45 41.58
C ARG F 470 15.21 9.34 41.75
N GLY F 471 16.17 9.21 40.83
CA GLY F 471 17.38 9.97 40.87
C GLY F 471 18.50 9.34 41.68
N ARG F 472 18.17 8.41 42.57
CA ARG F 472 19.21 7.70 43.31
C ARG F 472 19.90 6.67 42.41
N PHE F 473 19.13 5.79 41.80
CA PHE F 473 19.66 4.64 41.08
C PHE F 473 19.77 4.90 39.59
N THR F 474 20.39 3.96 38.89
CA THR F 474 20.56 4.04 37.44
C THR F 474 20.43 2.67 36.81
N ILE F 475 19.49 2.53 35.90
CA ILE F 475 19.30 1.30 35.12
C ILE F 475 19.95 1.48 33.76
N SER F 476 20.64 0.44 33.30
CA SER F 476 21.13 0.39 31.93
C SER F 476 21.02 -1.03 31.39
N ARG F 477 21.02 -1.16 30.08
CA ARG F 477 20.98 -2.47 29.44
C ARG F 477 22.10 -2.65 28.42
N ASP F 478 22.54 -3.89 28.27
CA ASP F 478 23.34 -4.32 27.13
C ASP F 478 22.42 -5.11 26.20
N TYR F 479 22.00 -4.46 25.11
CA TYR F 479 21.04 -5.06 24.19
C TYR F 479 21.66 -6.19 23.40
N ALA F 480 22.97 -6.16 23.21
CA ALA F 480 23.65 -7.25 22.52
C ALA F 480 23.75 -8.49 23.40
N LYS F 481 24.26 -8.34 24.62
CA LYS F 481 24.50 -9.46 25.52
C LYS F 481 23.25 -9.79 26.33
N ASN F 482 22.15 -9.10 26.07
CA ASN F 482 20.80 -9.42 26.58
C ASN F 482 20.75 -9.38 28.10
N SER F 483 21.10 -8.22 28.67
CA SER F 483 21.21 -8.09 30.10
C SER F 483 20.71 -6.72 30.55
N VAL F 484 20.27 -6.65 31.82
CA VAL F 484 19.88 -5.39 32.44
C VAL F 484 20.77 -5.14 33.66
N ASP F 485 21.15 -3.89 33.86
CA ASP F 485 22.15 -3.51 34.86
C ASP F 485 21.69 -2.34 35.72
N LEU F 486 21.45 -2.59 37.00
CA LEU F 486 21.06 -1.54 37.94
C LEU F 486 22.24 -1.11 38.79
N GLN F 487 22.66 0.14 38.64
CA GLN F 487 23.74 0.70 39.43
C GLN F 487 23.21 1.33 40.72
N LEU F 488 23.71 0.88 41.85
CA LEU F 488 23.21 1.34 43.14
C LEU F 488 24.09 2.45 43.68
N ASP F 489 23.47 3.40 44.37
CA ASP F 489 24.12 4.67 44.70
C ASP F 489 23.51 5.25 45.96
N GLY F 490 24.33 5.39 47.01
CA GLY F 490 23.91 6.04 48.24
C GLY F 490 22.88 5.25 49.01
N LEU F 491 23.27 4.11 49.54
CA LEU F 491 22.33 3.17 50.11
C LEU F 491 21.92 3.51 51.54
N ARG F 492 20.62 3.74 51.74
CA ARG F 492 20.05 3.77 53.07
C ARG F 492 20.11 2.38 53.70
N PRO F 493 20.04 2.29 55.04
CA PRO F 493 19.73 1.00 55.67
C PRO F 493 18.37 0.44 55.29
N GLU F 494 17.42 1.27 54.85
CA GLU F 494 16.09 0.84 54.44
C GLU F 494 16.06 0.35 52.99
N ASP F 495 17.22 0.18 52.36
CA ASP F 495 17.33 -0.48 51.07
C ASP F 495 17.58 -1.97 51.23
N THR F 496 17.18 -2.54 52.37
CA THR F 496 17.43 -3.95 52.67
C THR F 496 16.22 -4.79 52.26
N ALA F 497 16.34 -5.50 51.13
CA ALA F 497 15.25 -6.28 50.58
C ALA F 497 15.81 -7.27 49.56
N VAL F 498 14.92 -7.95 48.84
CA VAL F 498 15.26 -8.81 47.72
C VAL F 498 15.02 -8.02 46.44
N TYR F 499 15.98 -8.07 45.52
CA TYR F 499 15.86 -7.38 44.23
C TYR F 499 15.53 -8.34 43.10
N TYR F 500 14.34 -8.17 42.52
CA TYR F 500 13.84 -9.06 41.47
C TYR F 500 14.02 -8.52 40.06
N CYS F 501 14.84 -9.22 39.26
CA CYS F 501 14.90 -8.96 37.84
C CYS F 501 13.60 -9.41 37.18
N ALA F 502 13.15 -8.68 36.16
CA ALA F 502 11.93 -9.02 35.47
C ALA F 502 12.06 -8.66 33.99
N ALA F 503 11.23 -9.30 33.17
CA ALA F 503 11.14 -8.97 31.76
C ALA F 503 9.69 -9.09 31.32
N GLY F 504 9.35 -8.40 30.25
CA GLY F 504 7.99 -8.46 29.75
C GLY F 504 7.76 -7.44 28.65
N ALA F 505 6.49 -7.23 28.33
CA ALA F 505 6.08 -6.36 27.22
C ALA F 505 4.92 -5.61 27.84
N GLY F 506 5.23 -4.81 28.86
CA GLY F 506 4.26 -4.50 29.90
C GLY F 506 2.87 -4.04 29.51
N PHE F 507 1.89 -4.85 29.87
CA PHE F 507 0.49 -4.66 29.52
C PHE F 507 -0.26 -4.28 30.79
N TRP F 508 -0.95 -3.13 30.74
CA TRP F 508 -1.27 -2.31 31.91
C TRP F 508 0.01 -2.26 32.76
N GLY F 509 1.08 -1.72 32.18
CA GLY F 509 2.39 -2.12 32.57
C GLY F 509 3.23 -1.02 33.19
N LEU F 510 4.53 -1.32 33.30
CA LEU F 510 5.64 -0.49 33.78
C LEU F 510 5.62 -0.15 35.26
N ARG F 511 4.54 -0.48 35.96
CA ARG F 511 4.46 -0.24 37.39
C ARG F 511 3.84 -1.44 38.08
N THR F 512 3.27 -2.38 37.34
CA THR F 512 2.42 -3.43 37.88
C THR F 512 3.09 -4.78 37.66
N ALA F 513 3.11 -5.61 38.70
CA ALA F 513 3.73 -6.93 38.63
C ALA F 513 2.95 -7.92 37.78
N SER F 514 1.70 -7.62 37.43
CA SER F 514 0.90 -8.49 36.59
C SER F 514 1.04 -8.15 35.11
N SER F 515 2.13 -7.49 34.74
CA SER F 515 2.47 -7.25 33.34
C SER F 515 3.68 -8.07 32.94
N TYR F 516 4.67 -8.18 33.82
CA TYR F 516 5.88 -8.95 33.54
C TYR F 516 5.61 -10.44 33.66
N HIS F 517 5.95 -11.19 32.63
CA HIS F 517 5.70 -12.63 32.58
C HIS F 517 6.97 -13.46 32.58
N TYR F 518 8.13 -12.84 32.85
CA TYR F 518 9.37 -13.57 33.06
C TYR F 518 10.14 -12.96 34.21
N TRP F 519 10.70 -13.82 35.07
CA TRP F 519 11.17 -13.39 36.38
C TRP F 519 12.58 -13.86 36.68
N GLY F 520 13.29 -13.07 37.48
CA GLY F 520 14.57 -13.49 38.02
C GLY F 520 14.41 -14.29 39.30
N GLN F 521 15.55 -14.80 39.78
CA GLN F 521 15.55 -15.65 40.96
C GLN F 521 15.51 -14.82 42.24
N GLY F 522 15.78 -13.53 42.15
CA GLY F 522 15.75 -12.66 43.31
C GLY F 522 17.04 -12.72 44.10
N THR F 523 17.60 -11.55 44.42
CA THR F 523 18.85 -11.46 45.15
C THR F 523 18.69 -10.58 46.38
N GLN F 524 19.00 -11.13 47.54
CA GLN F 524 19.00 -10.36 48.77
C GLN F 524 20.14 -9.36 48.79
N VAL F 525 19.84 -8.10 49.09
CA VAL F 525 20.84 -7.09 49.43
C VAL F 525 20.53 -6.58 50.83
N THR F 526 21.49 -6.76 51.75
CA THR F 526 21.34 -6.33 53.12
C THR F 526 22.27 -5.16 53.42
N VAL F 527 21.69 -4.02 53.80
CA VAL F 527 22.44 -2.80 54.11
C VAL F 527 22.09 -2.33 55.51
N SER F 528 23.12 -2.17 56.35
CA SER F 528 22.97 -1.58 57.67
C SER F 528 24.02 -0.50 57.89
N SER F 529 23.84 0.29 58.96
CA SER F 529 24.74 1.40 59.24
C SER F 529 25.89 0.97 60.15
#